data_4NEO
# 
_entry.id   4NEO 
# 
_audit_conform.dict_name       mmcif_pdbx.dic 
_audit_conform.dict_version    5.367 
_audit_conform.dict_location   http://mmcif.pdb.org/dictionaries/ascii/mmcif_pdbx.dic 
# 
loop_
_database_2.database_id 
_database_2.database_code 
_database_2.pdbx_database_accession 
_database_2.pdbx_DOI 
PDB   4NEO         pdb_00004neo 10.2210/pdb4neo/pdb 
RCSB  RCSB083107   ?            ?                   
WWPDB D_1000083107 ?            ?                   
# 
_pdbx_database_PDB_obs_spr.id               SPRSDE 
_pdbx_database_PDB_obs_spr.date             2014-01-29 
_pdbx_database_PDB_obs_spr.pdb_id           4NEO 
_pdbx_database_PDB_obs_spr.replace_pdb_id   4I4D 
_pdbx_database_PDB_obs_spr.details          ? 
# 
loop_
_pdbx_database_related.db_name 
_pdbx_database_related.db_id 
_pdbx_database_related.details 
_pdbx_database_related.content_type 
TargetTrack MCSG-APC109063   . unspecified 
TargetTrack NatPro-GO.119729 . unspecified 
# 
_pdbx_database_status.entry_id                        4NEO 
_pdbx_database_status.deposit_site                    RCSB 
_pdbx_database_status.process_site                    RCSB 
_pdbx_database_status.recvd_initial_deposition_date   2013-10-29 
_pdbx_database_status.status_code                     REL 
_pdbx_database_status.status_code_sf                  REL 
_pdbx_database_status.status_code_mr                  ? 
_pdbx_database_status.SG_entry                        Y 
_pdbx_database_status.status_code_cs                  ? 
_pdbx_database_status.methods_development_category    ? 
_pdbx_database_status.pdb_format_compatible           Y 
_pdbx_database_status.status_code_nmr_data            ? 
# 
loop_
_audit_author.name 
_audit_author.pdbx_ordinal 
_audit_author.identifier_ORCID 
'Cuff, M.E.'                                                 1  ? 
'Bigelow, L.'                                                2  ? 
'Bearden, J.'                                                3  ? 
'Babnigg, G.'                                                4  ? 
'Bruno, C.J.P.'                                              5  ? 
'Bingman, C.A.'                                              6  ? 
'Yennamalli, R.'                                             7  ? 
'Lohman, J.'                                                 8  ? 
'Ma, M.'                                                     9  ? 
'Shen, B.'                                                   10 ? 
'Phillips Jr., G.N.'                                         11 ? 
'Joachimiak, A.'                                             12 ? 
'Enzyme Discovery for Natural Product Biosynthesis (NatPro)' 13 ? 
'Midwest Center for Structural Genomics (MCSG)'              14 ? 
# 
_citation.id                        primary 
_citation.title                     
'The crystal structure of BlmI as a model for nonribosomal peptide synthetase peptidyl carrier proteins.' 
_citation.journal_abbrev            Proteins 
_citation.journal_volume            82 
_citation.page_first                1210 
_citation.page_last                 1218 
_citation.year                      2014 
_citation.journal_id_ASTM           PSFGEY 
_citation.country                   US 
_citation.journal_id_ISSN           0887-3585 
_citation.journal_id_CSD            0867 
_citation.book_publisher            ? 
_citation.pdbx_database_id_PubMed   25050442 
_citation.pdbx_database_id_DOI      10.1002/prot.24485 
# 
loop_
_citation_author.citation_id 
_citation_author.name 
_citation_author.ordinal 
_citation_author.identifier_ORCID 
primary 'Lohman, J.R.'   1 ? 
primary 'Ma, M.'         2 ? 
primary 'Cuff, M.E.'     3 ? 
primary 'Bigelow, L.'    4 ? 
primary 'Bearden, J.'    5 ? 
primary 'Babnigg, G.'    6 ? 
primary 'Joachimiak, A.' 7 ? 
primary 'Phillips, G.N.' 8 ? 
primary 'Shen, B.'       9 ? 
# 
_cell.length_a           73.441 
_cell.length_b           73.441 
_cell.length_c           43.331 
_cell.angle_alpha        90.000 
_cell.angle_beta         90.000 
_cell.angle_gamma        120.000 
_cell.entry_id           4NEO 
_cell.pdbx_unique_axis   ? 
_cell.Z_PDB              6 
_cell.length_a_esd       ? 
_cell.length_b_esd       ? 
_cell.length_c_esd       ? 
_cell.angle_alpha_esd    ? 
_cell.angle_beta_esd     ? 
_cell.angle_gamma_esd    ? 
# 
_symmetry.space_group_name_H-M             'P 32 2 1' 
_symmetry.entry_id                         4NEO 
_symmetry.Int_Tables_number                154 
_symmetry.pdbx_full_space_group_name_H-M   ? 
_symmetry.cell_setting                     ? 
_symmetry.space_group_name_Hall            ? 
# 
loop_
_entity.id 
_entity.type 
_entity.src_method 
_entity.pdbx_description 
_entity.formula_weight 
_entity.pdbx_number_of_molecules 
_entity.pdbx_ec 
_entity.pdbx_mutation 
_entity.pdbx_fragment 
_entity.details 
1 polymer     man 'Peptide synthetase NRPS type II-PCP' 10367.317 1  ? ? ? ? 
2 non-polymer syn 1,2-ETHANEDIOL                        62.068    1  ? ? ? ? 
3 non-polymer syn '2-(2-METHOXYETHOXY)ETHANOL'          120.147   1  ? ? ? ? 
4 water       nat water                                 18.015    31 ? ? ? ? 
# 
_entity_poly.entity_id                      1 
_entity_poly.type                           'polypeptide(L)' 
_entity_poly.nstd_linkage                   no 
_entity_poly.nstd_monomer                   yes 
_entity_poly.pdbx_seq_one_letter_code       
;SNA(MSE)SAPRGERTRRRALERDIAAIWAETLGRDSVGPHEDFAALGGNSIHAI(MLY)ITNRVEELVDAELSIRVLLE
TRTVAG(MSE)TDHVHATLTGERDR
;
_entity_poly.pdbx_seq_one_letter_code_can   
;SNAMSAPRGERTRRRALERDIAAIWAETLGRDSVGPHEDFAALGGNSIHAIKITNRVEELVDAELSIRVLLETRTVAGMT
DHVHATLTGERDR
;
_entity_poly.pdbx_strand_id                 A 
_entity_poly.pdbx_target_identifier         'MCSG-APC109063, NatPro-GO.119729 ' 
# 
loop_
_entity_poly_seq.entity_id 
_entity_poly_seq.num 
_entity_poly_seq.mon_id 
_entity_poly_seq.hetero 
1 1  SER n 
1 2  ASN n 
1 3  ALA n 
1 4  MSE n 
1 5  SER n 
1 6  ALA n 
1 7  PRO n 
1 8  ARG n 
1 9  GLY n 
1 10 GLU n 
1 11 ARG n 
1 12 THR n 
1 13 ARG n 
1 14 ARG n 
1 15 ARG n 
1 16 ALA n 
1 17 LEU n 
1 18 GLU n 
1 19 ARG n 
1 20 ASP n 
1 21 ILE n 
1 22 ALA n 
1 23 ALA n 
1 24 ILE n 
1 25 TRP n 
1 26 ALA n 
1 27 GLU n 
1 28 THR n 
1 29 LEU n 
1 30 GLY n 
1 31 ARG n 
1 32 ASP n 
1 33 SER n 
1 34 VAL n 
1 35 GLY n 
1 36 PRO n 
1 37 HIS n 
1 38 GLU n 
1 39 ASP n 
1 40 PHE n 
1 41 ALA n 
1 42 ALA n 
1 43 LEU n 
1 44 GLY n 
1 45 GLY n 
1 46 ASN n 
1 47 SER n 
1 48 ILE n 
1 49 HIS n 
1 50 ALA n 
1 51 ILE n 
1 52 MLY n 
1 53 ILE n 
1 54 THR n 
1 55 ASN n 
1 56 ARG n 
1 57 VAL n 
1 58 GLU n 
1 59 GLU n 
1 60 LEU n 
1 61 VAL n 
1 62 ASP n 
1 63 ALA n 
1 64 GLU n 
1 65 LEU n 
1 66 SER n 
1 67 ILE n 
1 68 ARG n 
1 69 VAL n 
1 70 LEU n 
1 71 LEU n 
1 72 GLU n 
1 73 THR n 
1 74 ARG n 
1 75 THR n 
1 76 VAL n 
1 77 ALA n 
1 78 GLY n 
1 79 MSE n 
1 80 THR n 
1 81 ASP n 
1 82 HIS n 
1 83 VAL n 
1 84 HIS n 
1 85 ALA n 
1 86 THR n 
1 87 LEU n 
1 88 THR n 
1 89 GLY n 
1 90 GLU n 
1 91 ARG n 
1 92 ASP n 
1 93 ARG n 
# 
_entity_src_gen.entity_id                          1 
_entity_src_gen.pdbx_src_id                        1 
_entity_src_gen.pdbx_alt_source_flag               sample 
_entity_src_gen.pdbx_seq_type                      ? 
_entity_src_gen.pdbx_beg_seq_num                   ? 
_entity_src_gen.pdbx_end_seq_num                   ? 
_entity_src_gen.gene_src_common_name               ? 
_entity_src_gen.gene_src_genus                     ? 
_entity_src_gen.pdbx_gene_src_gene                 blmI 
_entity_src_gen.gene_src_species                   ? 
_entity_src_gen.gene_src_strain                    ? 
_entity_src_gen.gene_src_tissue                    ? 
_entity_src_gen.gene_src_tissue_fraction           ? 
_entity_src_gen.gene_src_details                   ? 
_entity_src_gen.pdbx_gene_src_fragment             ? 
_entity_src_gen.pdbx_gene_src_scientific_name      'Streptomyces verticillus' 
_entity_src_gen.pdbx_gene_src_ncbi_taxonomy_id     29309 
_entity_src_gen.pdbx_gene_src_variant              ? 
_entity_src_gen.pdbx_gene_src_cell_line            ? 
_entity_src_gen.pdbx_gene_src_atcc                 15003 
_entity_src_gen.pdbx_gene_src_organ                ? 
_entity_src_gen.pdbx_gene_src_organelle            ? 
_entity_src_gen.pdbx_gene_src_cell                 ? 
_entity_src_gen.pdbx_gene_src_cellular_location    ? 
_entity_src_gen.host_org_common_name               ? 
_entity_src_gen.pdbx_host_org_scientific_name      'Escherichia coli' 
_entity_src_gen.pdbx_host_org_ncbi_taxonomy_id     469008 
_entity_src_gen.host_org_genus                     ? 
_entity_src_gen.pdbx_host_org_gene                 ? 
_entity_src_gen.pdbx_host_org_organ                ? 
_entity_src_gen.host_org_species                   ? 
_entity_src_gen.pdbx_host_org_tissue               ? 
_entity_src_gen.pdbx_host_org_tissue_fraction      ? 
_entity_src_gen.pdbx_host_org_strain               'BL21(DE3)-Gold' 
_entity_src_gen.pdbx_host_org_variant              ? 
_entity_src_gen.pdbx_host_org_cell_line            ? 
_entity_src_gen.pdbx_host_org_atcc                 ? 
_entity_src_gen.pdbx_host_org_culture_collection   ? 
_entity_src_gen.pdbx_host_org_cell                 ? 
_entity_src_gen.pdbx_host_org_organelle            ? 
_entity_src_gen.pdbx_host_org_cellular_location    ? 
_entity_src_gen.pdbx_host_org_vector_type          plasmid 
_entity_src_gen.pdbx_host_org_vector               ? 
_entity_src_gen.host_org_details                   ? 
_entity_src_gen.expression_system_id               ? 
_entity_src_gen.plasmid_name                       pMCSG57 
_entity_src_gen.plasmid_details                    ? 
_entity_src_gen.pdbx_description                   ? 
# 
_struct_ref.id                         1 
_struct_ref.db_name                    UNP 
_struct_ref.db_code                    Q9XC48_9ACTO 
_struct_ref.pdbx_db_accession          Q9XC48 
_struct_ref.entity_id                  1 
_struct_ref.pdbx_seq_one_letter_code   
;SAPRGERTRRRALERDIAAIWAETLGRDSVGPHEDFAALGGNSIHAIKITNRVEELVDAELSIRVLLETRTVAGMTDHVH
ATLTGERDR
;
_struct_ref.pdbx_align_begin           2 
_struct_ref.pdbx_db_isoform            ? 
# 
_struct_ref_seq.align_id                      1 
_struct_ref_seq.ref_id                        1 
_struct_ref_seq.pdbx_PDB_id_code              4NEO 
_struct_ref_seq.pdbx_strand_id                A 
_struct_ref_seq.seq_align_beg                 5 
_struct_ref_seq.pdbx_seq_align_beg_ins_code   ? 
_struct_ref_seq.seq_align_end                 93 
_struct_ref_seq.pdbx_seq_align_end_ins_code   ? 
_struct_ref_seq.pdbx_db_accession             Q9XC48 
_struct_ref_seq.db_align_beg                  2 
_struct_ref_seq.pdbx_db_align_beg_ins_code    ? 
_struct_ref_seq.db_align_end                  90 
_struct_ref_seq.pdbx_db_align_end_ins_code    ? 
_struct_ref_seq.pdbx_auth_seq_align_beg       2 
_struct_ref_seq.pdbx_auth_seq_align_end       90 
# 
loop_
_struct_ref_seq_dif.align_id 
_struct_ref_seq_dif.pdbx_pdb_id_code 
_struct_ref_seq_dif.mon_id 
_struct_ref_seq_dif.pdbx_pdb_strand_id 
_struct_ref_seq_dif.seq_num 
_struct_ref_seq_dif.pdbx_pdb_ins_code 
_struct_ref_seq_dif.pdbx_seq_db_name 
_struct_ref_seq_dif.pdbx_seq_db_accession_code 
_struct_ref_seq_dif.db_mon_id 
_struct_ref_seq_dif.pdbx_seq_db_seq_num 
_struct_ref_seq_dif.details 
_struct_ref_seq_dif.pdbx_auth_seq_num 
_struct_ref_seq_dif.pdbx_ordinal 
1 4NEO SER A 1 ? UNP Q9XC48 ? ? 'expression tag' -2 1 
1 4NEO ASN A 2 ? UNP Q9XC48 ? ? 'expression tag' -1 2 
1 4NEO ALA A 3 ? UNP Q9XC48 ? ? 'expression tag' 0  3 
1 4NEO MSE A 4 ? UNP Q9XC48 ? ? 'expression tag' 1  4 
# 
loop_
_chem_comp.id 
_chem_comp.type 
_chem_comp.mon_nstd_flag 
_chem_comp.name 
_chem_comp.pdbx_synonyms 
_chem_comp.formula 
_chem_comp.formula_weight 
ALA 'L-peptide linking' y ALANINE                      ?                 'C3 H7 N O2'     89.093  
ARG 'L-peptide linking' y ARGININE                     ?                 'C6 H15 N4 O2 1' 175.209 
ASN 'L-peptide linking' y ASPARAGINE                   ?                 'C4 H8 N2 O3'    132.118 
ASP 'L-peptide linking' y 'ASPARTIC ACID'              ?                 'C4 H7 N O4'     133.103 
EDO non-polymer         . 1,2-ETHANEDIOL               'ETHYLENE GLYCOL' 'C2 H6 O2'       62.068  
GLU 'L-peptide linking' y 'GLUTAMIC ACID'              ?                 'C5 H9 N O4'     147.129 
GLY 'peptide linking'   y GLYCINE                      ?                 'C2 H5 N O2'     75.067  
HIS 'L-peptide linking' y HISTIDINE                    ?                 'C6 H10 N3 O2 1' 156.162 
HOH non-polymer         . WATER                        ?                 'H2 O'           18.015  
ILE 'L-peptide linking' y ISOLEUCINE                   ?                 'C6 H13 N O2'    131.173 
LEU 'L-peptide linking' y LEUCINE                      ?                 'C6 H13 N O2'    131.173 
MLY 'L-peptide linking' n N-DIMETHYL-LYSINE            ?                 'C8 H18 N2 O2'   174.241 
MSE 'L-peptide linking' n SELENOMETHIONINE             ?                 'C5 H11 N O2 Se' 196.106 
PG0 non-polymer         . '2-(2-METHOXYETHOXY)ETHANOL' 'PEG 6000'        'C5 H12 O3'      120.147 
PHE 'L-peptide linking' y PHENYLALANINE                ?                 'C9 H11 N O2'    165.189 
PRO 'L-peptide linking' y PROLINE                      ?                 'C5 H9 N O2'     115.130 
SER 'L-peptide linking' y SERINE                       ?                 'C3 H7 N O3'     105.093 
THR 'L-peptide linking' y THREONINE                    ?                 'C4 H9 N O3'     119.119 
TRP 'L-peptide linking' y TRYPTOPHAN                   ?                 'C11 H12 N2 O2'  204.225 
VAL 'L-peptide linking' y VALINE                       ?                 'C5 H11 N O2'    117.146 
# 
_exptl.crystals_number   1 
_exptl.entry_id          4NEO 
_exptl.method            'X-RAY DIFFRACTION' 
# 
_exptl_crystal.id                    1 
_exptl_crystal.density_Matthews      3.26 
_exptl_crystal.density_meas          ? 
_exptl_crystal.density_percent_sol   62.28 
_exptl_crystal.description           ? 
_exptl_crystal.F_000                 ? 
_exptl_crystal.preparation           ? 
# 
_exptl_crystal_grow.crystal_id      1 
_exptl_crystal_grow.method          'VAPOR DIFFUSION, SITTING DROP' 
_exptl_crystal_grow.pH              9.5 
_exptl_crystal_grow.temp            289 
_exptl_crystal_grow.temp_details    ? 
_exptl_crystal_grow.pdbx_details    
;protein was reductively methylated, & crystallized in 0.1M CHES:NaOH pH 9.5, 30% PEG 400 , VAPOR DIFFUSION, SITTING DROP, temperature 289K
;
_exptl_crystal_grow.pdbx_pH_range   ? 
# 
_diffrn.id                     1 
_diffrn.ambient_temp           100 
_diffrn.ambient_temp_details   ? 
_diffrn.crystal_id             1 
# 
_diffrn_detector.diffrn_id              1 
_diffrn_detector.detector               CCD 
_diffrn_detector.type                   'ADSC QUANTUM 210r' 
_diffrn_detector.pdbx_collection_date   2012-07-27 
_diffrn_detector.details                ? 
# 
_diffrn_radiation.diffrn_id                        1 
_diffrn_radiation.wavelength_id                    1 
_diffrn_radiation.pdbx_diffrn_protocol             'SINGLE WAVELENGTH' 
_diffrn_radiation.monochromator                    'SAGITALLY FOCUSED Si(111)' 
_diffrn_radiation.pdbx_monochromatic_or_laue_m_l   M 
_diffrn_radiation.pdbx_scattering_type             x-ray 
# 
_diffrn_radiation_wavelength.id           1 
_diffrn_radiation_wavelength.wavelength   0.97931 
_diffrn_radiation_wavelength.wt           1.0 
# 
_diffrn_source.diffrn_id                   1 
_diffrn_source.source                      SYNCHROTRON 
_diffrn_source.type                        'APS BEAMLINE 19-BM' 
_diffrn_source.pdbx_wavelength             ? 
_diffrn_source.pdbx_wavelength_list        0.97931 
_diffrn_source.pdbx_synchrotron_site       APS 
_diffrn_source.pdbx_synchrotron_beamline   19-BM 
# 
_reflns.entry_id                     4NEO 
_reflns.observed_criterion_sigma_F   ? 
_reflns.observed_criterion_sigma_I   -3 
_reflns.d_resolution_high            2.1 
_reflns.d_resolution_low             50 
_reflns.number_all                   8055 
_reflns.number_obs                   8055 
_reflns.percent_possible_obs         99.7 
_reflns.pdbx_Rmerge_I_obs            0.07 
_reflns.pdbx_Rsym_value              ? 
_reflns.pdbx_netI_over_sigmaI        ? 
_reflns.B_iso_Wilson_estimate        44.4 
_reflns.pdbx_redundancy              7.1 
_reflns.R_free_details               ? 
_reflns.limit_h_max                  ? 
_reflns.limit_h_min                  ? 
_reflns.limit_k_max                  ? 
_reflns.limit_k_min                  ? 
_reflns.limit_l_max                  ? 
_reflns.limit_l_min                  ? 
_reflns.observed_criterion_F_max     ? 
_reflns.observed_criterion_F_min     ? 
_reflns.pdbx_chi_squared             ? 
_reflns.pdbx_scaling_rejects         ? 
_reflns.pdbx_ordinal                 1 
_reflns.pdbx_diffrn_id               1 
# 
_reflns_shell.d_res_high             2.1 
_reflns_shell.d_res_low              2.14 
_reflns_shell.percent_possible_obs   ? 
_reflns_shell.percent_possible_all   100.0 
_reflns_shell.Rmerge_I_obs           0.429 
_reflns_shell.meanI_over_sigI_obs    ? 
_reflns_shell.pdbx_Rsym_value        ? 
_reflns_shell.pdbx_redundancy        6.3 
_reflns_shell.number_unique_all      397 
_reflns_shell.number_measured_all    ? 
_reflns_shell.number_measured_obs    ? 
_reflns_shell.number_unique_obs      ? 
_reflns_shell.pdbx_chi_squared       ? 
_reflns_shell.pdbx_ordinal           1 
_reflns_shell.pdbx_diffrn_id         1 
# 
_refine.entry_id                                 4NEO 
_refine.ls_d_res_high                            2.1000 
_refine.ls_d_res_low                             50 
_refine.pdbx_ls_sigma_F                          0.000 
_refine.pdbx_data_cutoff_high_absF               ? 
_refine.pdbx_data_cutoff_low_absF                ? 
_refine.ls_percent_reflns_obs                    99.4900 
_refine.ls_number_reflns_obs                     8041 
_refine.ls_number_reflns_all                     8041 
_refine.pdbx_ls_cross_valid_method               THROUGHOUT 
_refine.pdbx_R_Free_selection_details            RANDOM 
_refine.details                                  'HYDROGENS HAVE BEEN ADDED IN THE RIDING POSITIONS U VALUES      : WITH TLS ADDED' 
_refine.ls_R_factor_all                          0.1808 
_refine.ls_R_factor_obs                          0.1808 
_refine.ls_R_factor_R_work                       0.1799 
_refine.ls_wR_factor_R_work                      0.1893 
_refine.ls_R_factor_R_free                       0.2007 
_refine.ls_wR_factor_R_free                      0.2158 
_refine.ls_percent_reflns_R_free                 4.6000 
_refine.ls_number_reflns_R_free                  371 
_refine.ls_R_factor_R_free_error                 ? 
_refine.B_iso_mean                               63.2554 
_refine.solvent_model_param_bsol                 ? 
_refine.solvent_model_param_ksol                 ? 
_refine.pdbx_isotropic_thermal_model             ? 
_refine.aniso_B[1][1]                            0.5900 
_refine.aniso_B[2][2]                            0.5900 
_refine.aniso_B[3][3]                            -1.9000 
_refine.aniso_B[1][2]                            0.2900 
_refine.aniso_B[1][3]                            -0.0000 
_refine.aniso_B[2][3]                            -0.0000 
_refine.correlation_coeff_Fo_to_Fc               0.9660 
_refine.correlation_coeff_Fo_to_Fc_free          0.9580 
_refine.overall_SU_R_Cruickshank_DPI             0.1503 
_refine.overall_SU_R_free                        0.1322 
_refine.pdbx_overall_ESU_R                       0.1500 
_refine.pdbx_overall_ESU_R_Free                  0.1320 
_refine.overall_SU_ML                            0.1000 
_refine.overall_SU_B                             7.8840 
_refine.solvent_model_details                    MASK 
_refine.pdbx_solvent_vdw_probe_radii             1.2000 
_refine.pdbx_solvent_ion_probe_radii             0.8000 
_refine.pdbx_solvent_shrinkage_radii             0.8000 
_refine.ls_number_parameters                     ? 
_refine.ls_number_restraints                     ? 
_refine.pdbx_starting_model                      ? 
_refine.pdbx_method_to_determine_struct          SAD 
_refine.pdbx_stereochemistry_target_values       'MAXIMUM LIKELIHOOD WITH PHASES' 
_refine.pdbx_stereochem_target_val_spec_case     ? 
_refine.overall_FOM_work_R_set                   0.8949 
_refine.B_iso_max                                140.170 
_refine.B_iso_min                                37.880 
_refine.pdbx_overall_phase_error                 ? 
_refine.occupancy_max                            1.000 
_refine.occupancy_min                            0.300 
_refine.pdbx_ls_sigma_I                          ? 
_refine.ls_redundancy_reflns_obs                 ? 
_refine.ls_R_factor_R_free_error_details         ? 
_refine.pdbx_data_cutoff_high_rms_absF           ? 
_refine.overall_FOM_free_R_set                   ? 
_refine.pdbx_diffrn_id                           1 
_refine.pdbx_refine_id                           'X-RAY DIFFRACTION' 
_refine.pdbx_TLS_residual_ADP_flag               ? 
_refine.pdbx_overall_SU_R_free_Cruickshank_DPI   ? 
_refine.pdbx_overall_SU_R_Blow_DPI               ? 
_refine.pdbx_overall_SU_R_free_Blow_DPI          ? 
# 
_refine_hist.pdbx_refine_id                   'X-RAY DIFFRACTION' 
_refine_hist.cycle_id                         LAST 
_refine_hist.pdbx_number_atoms_protein        637 
_refine_hist.pdbx_number_atoms_nucleic_acid   0 
_refine_hist.pdbx_number_atoms_ligand         12 
_refine_hist.number_atoms_solvent             31 
_refine_hist.number_atoms_total               680 
_refine_hist.d_res_high                       2.1000 
_refine_hist.d_res_low                        50 
# 
loop_
_refine_ls_restr.type 
_refine_ls_restr.number 
_refine_ls_restr.dev_ideal 
_refine_ls_restr.dev_ideal_target 
_refine_ls_restr.weight 
_refine_ls_restr.pdbx_restraint_function 
_refine_ls_restr.pdbx_refine_id 
r_bond_refined_d       707  0.016  0.019  ? ? 'X-RAY DIFFRACTION' 
r_bond_other_d         693  0.001  0.020  ? ? 'X-RAY DIFFRACTION' 
r_angle_refined_deg    960  1.777  1.961  ? ? 'X-RAY DIFFRACTION' 
r_angle_other_deg      1581 0.862  3.000  ? ? 'X-RAY DIFFRACTION' 
r_dihedral_angle_1_deg 92   4.789  5.000  ? ? 'X-RAY DIFFRACTION' 
r_dihedral_angle_2_deg 35   34.591 21.714 ? ? 'X-RAY DIFFRACTION' 
r_dihedral_angle_3_deg 111  16.314 15.000 ? ? 'X-RAY DIFFRACTION' 
r_dihedral_angle_4_deg 11   24.027 15.000 ? ? 'X-RAY DIFFRACTION' 
r_chiral_restr         111  0.094  0.200  ? ? 'X-RAY DIFFRACTION' 
r_gen_planes_refined   813  0.009  0.020  ? ? 'X-RAY DIFFRACTION' 
r_gen_planes_other     168  0.003  0.020  ? ? 'X-RAY DIFFRACTION' 
r_mcbond_it            353  3.269  3.925  ? ? 'X-RAY DIFFRACTION' 
r_mcbond_other         352  3.263  3.914  ? ? 'X-RAY DIFFRACTION' 
r_mcangle_it           447  4.589  5.826  ? ? 'X-RAY DIFFRACTION' 
# 
_refine_ls_shell.d_res_high                       2.1040 
_refine_ls_shell.d_res_low                        2.1590 
_refine_ls_shell.pdbx_total_number_of_bins_used   20 
_refine_ls_shell.percent_reflns_obs               97.1400 
_refine_ls_shell.number_reflns_R_work             553 
_refine_ls_shell.R_factor_all                     ? 
_refine_ls_shell.R_factor_R_work                  0.2060 
_refine_ls_shell.R_factor_R_free                  0.2370 
_refine_ls_shell.percent_reflns_R_free            ? 
_refine_ls_shell.number_reflns_R_free             24 
_refine_ls_shell.R_factor_R_free_error            ? 
_refine_ls_shell.number_reflns_all                577 
_refine_ls_shell.number_reflns_obs                ? 
_refine_ls_shell.redundancy_reflns_obs            ? 
_refine_ls_shell.pdbx_refine_id                   'X-RAY DIFFRACTION' 
# 
_struct.entry_id                  4NEO 
_struct.title                     
'Structure of BlmI, a type-II acyl-carrier-protein from Streptomyces verticillus involved in bleomycin biosynthesis' 
_struct.pdbx_model_details        ? 
_struct.pdbx_CASP_flag            ? 
_struct.pdbx_model_type_details   ? 
# 
_struct_keywords.entry_id        4NEO 
_struct_keywords.pdbx_keywords   LIGASE 
_struct_keywords.text            
;Structural Genomics, PSI-Biology, Enzyme Discovery for Natural Product Biosynthesis, NatPro, peptide synthetase, BIOSYNTHETIC PROTEIN, LIGASE, Midwest Center for Structural Genomics, MCSG
;
# 
loop_
_struct_asym.id 
_struct_asym.pdbx_blank_PDB_chainid_flag 
_struct_asym.pdbx_modified 
_struct_asym.entity_id 
_struct_asym.details 
A N N 1 ? 
B N N 2 ? 
C N N 3 ? 
D N N 4 ? 
# 
_struct_biol.id        1 
_struct_biol.details   'THE AUTHOR STATES THAT THE BIOLOGICAL UNIT OF THIS PROTEIN IS UNKNOWN.' 
# 
loop_
_struct_conf.conf_type_id 
_struct_conf.id 
_struct_conf.pdbx_PDB_helix_id 
_struct_conf.beg_label_comp_id 
_struct_conf.beg_label_asym_id 
_struct_conf.beg_label_seq_id 
_struct_conf.pdbx_beg_PDB_ins_code 
_struct_conf.end_label_comp_id 
_struct_conf.end_label_asym_id 
_struct_conf.end_label_seq_id 
_struct_conf.pdbx_end_PDB_ins_code 
_struct_conf.beg_auth_comp_id 
_struct_conf.beg_auth_asym_id 
_struct_conf.beg_auth_seq_id 
_struct_conf.end_auth_comp_id 
_struct_conf.end_auth_asym_id 
_struct_conf.end_auth_seq_id 
_struct_conf.pdbx_PDB_helix_class 
_struct_conf.details 
_struct_conf.pdbx_PDB_helix_length 
HELX_P HELX_P1 1 ALA A 6  ? LEU A 29 ? ALA A 3  LEU A 26 1 ? 24 
HELX_P HELX_P2 2 ASN A 46 ? ASP A 62 ? ASN A 43 ASP A 59 1 ? 17 
HELX_P HELX_P3 3 ILE A 67 ? ARG A 74 ? ILE A 64 ARG A 71 1 ? 8  
HELX_P HELX_P4 4 THR A 75 ? LEU A 87 ? THR A 72 LEU A 84 1 ? 13 
# 
_struct_conf_type.id          HELX_P 
_struct_conf_type.criteria    ? 
_struct_conf_type.reference   ? 
# 
loop_
_struct_conn.id 
_struct_conn.conn_type_id 
_struct_conn.pdbx_leaving_atom_flag 
_struct_conn.pdbx_PDB_id 
_struct_conn.ptnr1_label_asym_id 
_struct_conn.ptnr1_label_comp_id 
_struct_conn.ptnr1_label_seq_id 
_struct_conn.ptnr1_label_atom_id 
_struct_conn.pdbx_ptnr1_label_alt_id 
_struct_conn.pdbx_ptnr1_PDB_ins_code 
_struct_conn.pdbx_ptnr1_standard_comp_id 
_struct_conn.ptnr1_symmetry 
_struct_conn.ptnr2_label_asym_id 
_struct_conn.ptnr2_label_comp_id 
_struct_conn.ptnr2_label_seq_id 
_struct_conn.ptnr2_label_atom_id 
_struct_conn.pdbx_ptnr2_label_alt_id 
_struct_conn.pdbx_ptnr2_PDB_ins_code 
_struct_conn.ptnr1_auth_asym_id 
_struct_conn.ptnr1_auth_comp_id 
_struct_conn.ptnr1_auth_seq_id 
_struct_conn.ptnr2_auth_asym_id 
_struct_conn.ptnr2_auth_comp_id 
_struct_conn.ptnr2_auth_seq_id 
_struct_conn.ptnr2_symmetry 
_struct_conn.pdbx_ptnr3_label_atom_id 
_struct_conn.pdbx_ptnr3_label_seq_id 
_struct_conn.pdbx_ptnr3_label_comp_id 
_struct_conn.pdbx_ptnr3_label_asym_id 
_struct_conn.pdbx_ptnr3_label_alt_id 
_struct_conn.pdbx_ptnr3_PDB_ins_code 
_struct_conn.details 
_struct_conn.pdbx_dist_value 
_struct_conn.pdbx_value_order 
_struct_conn.pdbx_role 
covale1 covale both ? A ILE 51 C ? ? ? 1_555 A MLY 52 N ? ? A ILE 48 A MLY 49 1_555 ? ? ? ? ? ? ? 1.343 ? ? 
covale2 covale both ? A MLY 52 C ? ? ? 1_555 A ILE 53 N ? ? A MLY 49 A ILE 50 1_555 ? ? ? ? ? ? ? 1.328 ? ? 
covale3 covale both ? A GLY 78 C ? ? ? 1_555 A MSE 79 N ? ? A GLY 75 A MSE 76 1_555 ? ? ? ? ? ? ? 1.332 ? ? 
covale4 covale both ? A MSE 79 C ? ? ? 1_555 A THR 80 N ? ? A MSE 76 A THR 77 1_555 ? ? ? ? ? ? ? 1.328 ? ? 
# 
_struct_conn_type.id          covale 
_struct_conn_type.criteria    ? 
_struct_conn_type.reference   ? 
# 
_struct_site.id                   AC1 
_struct_site.pdbx_evidence_code   Software 
_struct_site.pdbx_auth_asym_id    A 
_struct_site.pdbx_auth_comp_id    PG0 
_struct_site.pdbx_auth_seq_id     102 
_struct_site.pdbx_auth_ins_code   ? 
_struct_site.pdbx_num_residues    1 
_struct_site.details              'BINDING SITE FOR RESIDUE PG0 A 102' 
# 
_struct_site_gen.id                   1 
_struct_site_gen.site_id              AC1 
_struct_site_gen.pdbx_num_res         1 
_struct_site_gen.label_comp_id        ARG 
_struct_site_gen.label_asym_id        A 
_struct_site_gen.label_seq_id         74 
_struct_site_gen.pdbx_auth_ins_code   ? 
_struct_site_gen.auth_comp_id         ARG 
_struct_site_gen.auth_asym_id         A 
_struct_site_gen.auth_seq_id          71 
_struct_site_gen.label_atom_id        . 
_struct_site_gen.label_alt_id         ? 
_struct_site_gen.symmetry             1_555 
_struct_site_gen.details              ? 
# 
_atom_sites.entry_id                    4NEO 
_atom_sites.fract_transf_matrix[1][1]   -0.00619362 
_atom_sites.fract_transf_matrix[1][2]   -0.01074385 
_atom_sites.fract_transf_matrix[1][3]   0.00966435 
_atom_sites.fract_transf_matrix[2][1]   0.00704251 
_atom_sites.fract_transf_matrix[2][2]   -0.01394137 
_atom_sites.fract_transf_matrix[2][3]   0.00180388 
_atom_sites.fract_transf_matrix[3][1]   0.01243496 
_atom_sites.fract_transf_matrix[3][2]   0.00854130 
_atom_sites.fract_transf_matrix[3][3]   0.01746459 
_atom_sites.fract_transf_vector[1]      0.672993 
_atom_sites.fract_transf_vector[2]      0.462083 
_atom_sites.fract_transf_vector[3]      -0.040550 
# 
loop_
_atom_type.symbol 
C  
N  
O  
SE 
# 
loop_
_atom_site.group_PDB 
_atom_site.id 
_atom_site.type_symbol 
_atom_site.label_atom_id 
_atom_site.label_alt_id 
_atom_site.label_comp_id 
_atom_site.label_asym_id 
_atom_site.label_entity_id 
_atom_site.label_seq_id 
_atom_site.pdbx_PDB_ins_code 
_atom_site.Cartn_x 
_atom_site.Cartn_y 
_atom_site.Cartn_z 
_atom_site.occupancy 
_atom_site.B_iso_or_equiv 
_atom_site.pdbx_formal_charge 
_atom_site.auth_seq_id 
_atom_site.auth_comp_id 
_atom_site.auth_asym_id 
_atom_site.auth_atom_id 
_atom_site.pdbx_PDB_model_num 
ATOM   1   N  N   . ALA A 1 6  ? -11.675 21.857  -1.062  1.00 137.57 ? 3   ALA A N   1 
ATOM   2   C  CA  . ALA A 1 6  ? -10.357 21.526  -1.717  1.00 133.65 ? 3   ALA A CA  1 
ATOM   3   C  C   . ALA A 1 6  ? -9.696  20.202  -1.205  1.00 122.87 ? 3   ALA A C   1 
ATOM   4   O  O   . ALA A 1 6  ? -9.484  19.290  -2.017  1.00 120.17 ? 3   ALA A O   1 
ATOM   5   C  CB  . ALA A 1 6  ? -9.393  22.729  -1.645  1.00 136.09 ? 3   ALA A CB  1 
ATOM   6   N  N   . PRO A 1 7  ? -9.381  20.078  0.129   1.00 115.31 ? 4   PRO A N   1 
ATOM   7   C  CA  . PRO A 1 7  ? -8.798  18.810  0.632   1.00 99.47  ? 4   PRO A CA  1 
ATOM   8   C  C   . PRO A 1 7  ? -9.802  17.672  0.932   1.00 86.84  ? 4   PRO A C   1 
ATOM   9   O  O   . PRO A 1 7  ? -9.320  16.566  1.209   1.00 71.58  ? 4   PRO A O   1 
ATOM   10  C  CB  . PRO A 1 7  ? -8.083  19.217  1.934   1.00 100.83 ? 4   PRO A CB  1 
ATOM   11  C  CG  . PRO A 1 7  ? -8.934  20.330  2.446   1.00 112.58 ? 4   PRO A CG  1 
ATOM   12  C  CD  . PRO A 1 7  ? -9.544  21.046  1.241   1.00 120.15 ? 4   PRO A CD  1 
ATOM   13  N  N   . ARG A 1 8  ? -11.139 17.897  0.897   1.00 77.80  ? 5   ARG A N   1 
ATOM   14  C  CA  . ARG A 1 8  ? -12.118 16.744  0.779   1.00 74.83  ? 5   ARG A CA  1 
ATOM   15  C  C   . ARG A 1 8  ? -11.738 15.800  -0.435  1.00 67.81  ? 5   ARG A C   1 
ATOM   16  O  O   . ARG A 1 8  ? -11.567 14.581  -0.284  1.00 58.33  ? 5   ARG A O   1 
ATOM   17  C  CB  . ARG A 1 8  ? -13.582 17.224  0.642   1.00 77.32  ? 5   ARG A CB  1 
ATOM   18  N  N   . GLY A 1 9  ? -11.566 16.411  -1.609  1.00 69.90  ? 6   GLY A N   1 
ATOM   19  C  CA  . GLY A 1 9  ? -11.103 15.727  -2.816  1.00 67.31  ? 6   GLY A CA  1 
ATOM   20  C  C   . GLY A 1 9  ? -9.813  14.972  -2.629  1.00 61.72  ? 6   GLY A C   1 
ATOM   21  O  O   . GLY A 1 9  ? -9.693  13.804  -3.032  1.00 57.75  ? 6   GLY A O   1 
ATOM   22  N  N   A GLU A 1 10 ? -8.816  15.586  -2.012  0.50 63.52  ? 7   GLU A N   1 
ATOM   23  N  N   B GLU A 1 10 ? -8.840  15.630  -2.004  0.50 62.78  ? 7   GLU A N   1 
ATOM   24  C  CA  A GLU A 1 10 ? -7.541  14.888  -1.884  0.50 62.19  ? 7   GLU A CA  1 
ATOM   25  C  CA  B GLU A 1 10 ? -7.541  15.018  -1.744  0.50 61.05  ? 7   GLU A CA  1 
ATOM   26  C  C   A GLU A 1 10 ? -7.642  13.734  -0.867  0.50 58.40  ? 7   GLU A C   1 
ATOM   27  C  C   B GLU A 1 10 ? -7.688  13.761  -0.896  0.50 57.60  ? 7   GLU A C   1 
ATOM   28  O  O   A GLU A 1 10 ? -6.985  12.695  -1.026  0.50 51.98  ? 7   GLU A O   1 
ATOM   29  O  O   B GLU A 1 10 ? -7.099  12.708  -1.175  0.50 51.74  ? 7   GLU A O   1 
ATOM   30  C  CB  A GLU A 1 10 ? -6.392  15.857  -1.552  0.50 69.44  ? 7   GLU A CB  1 
ATOM   31  C  CB  B GLU A 1 10 ? -6.597  15.992  -1.003  0.50 65.72  ? 7   GLU A CB  1 
ATOM   32  C  CG  A GLU A 1 10 ? -5.028  15.306  -1.993  0.50 68.67  ? 7   GLU A CG  1 
ATOM   33  C  CG  B GLU A 1 10 ? -5.474  15.216  -0.301  0.50 64.49  ? 7   GLU A CG  1 
ATOM   34  C  CD  A GLU A 1 10 ? -4.747  15.510  -3.481  0.50 72.71  ? 7   GLU A CD  1 
ATOM   35  C  CD  B GLU A 1 10 ? -4.165  15.975  -0.197  0.50 69.88  ? 7   GLU A CD  1 
ATOM   36  O  OE1 A GLU A 1 10 ? -5.535  16.179  -4.195  0.50 79.44  ? 7   GLU A OE1 1 
ATOM   37  O  OE1 B GLU A 1 10 ? -4.189  17.232  -0.238  0.50 71.84  ? 7   GLU A OE1 1 
ATOM   38  O  OE2 A GLU A 1 10 ? -3.718  14.996  -3.944  0.50 74.94  ? 7   GLU A OE2 1 
ATOM   39  O  OE2 B GLU A 1 10 ? -3.119  15.290  -0.072  0.50 67.69  ? 7   GLU A OE2 1 
ATOM   40  N  N   . ARG A 1 11 ? -8.467  13.892  0.170   1.00 58.15  ? 8   ARG A N   1 
ATOM   41  C  CA  . ARG A 1 11 ? -8.710  12.779  1.081   1.00 59.63  ? 8   ARG A CA  1 
ATOM   42  C  C   . ARG A 1 11 ? -9.407  11.610  0.315   1.00 52.78  ? 8   ARG A C   1 
ATOM   43  O  O   . ARG A 1 11 ? -9.081  10.476  0.495   1.00 50.00  ? 8   ARG A O   1 
ATOM   44  C  CB  . ARG A 1 11 ? -9.606  13.254  2.226   1.00 69.57  ? 8   ARG A CB  1 
ATOM   45  C  CG  . ARG A 1 11 ? -9.971  12.177  3.256   1.00 82.80  ? 8   ARG A CG  1 
ATOM   46  C  CD  . ARG A 1 11 ? -10.784 12.721  4.450   1.00 96.78  ? 8   ARG A CD  1 
ATOM   47  N  NE  . ARG A 1 11 ? -12.180 13.093  4.130   1.00 107.38 ? 8   ARG A NE  1 
ATOM   48  C  CZ  . ARG A 1 11 ? -12.701 14.334  4.186   1.00 123.89 ? 8   ARG A CZ  1 
ATOM   49  N  NH1 . ARG A 1 11 ? -13.984 14.530  3.868   1.00 132.98 ? 8   ARG A NH1 1 
ATOM   50  N  NH2 . ARG A 1 11 ? -11.967 15.392  4.553   1.00 124.04 ? 8   ARG A NH2 1 
ATOM   51  N  N   . THR A 1 12 ? -10.377 11.926  -0.514  1.00 53.74  ? 9   THR A N   1 
ATOM   52  C  CA  . THR A 1 12 ? -11.067 10.897  -1.342  1.00 55.92  ? 9   THR A CA  1 
ATOM   53  C  C   . THR A 1 12 ? -10.071 10.217  -2.258  1.00 54.52  ? 9   THR A C   1 
ATOM   54  O  O   . THR A 1 12 ? -9.966  8.975   -2.305  1.00 52.14  ? 9   THR A O   1 
ATOM   55  C  CB  . THR A 1 12 ? -12.198 11.543  -2.119  1.00 58.53  ? 9   THR A CB  1 
ATOM   56  O  OG1 . THR A 1 12 ? -13.087 12.110  -1.166  1.00 61.64  ? 9   THR A OG1 1 
ATOM   57  C  CG2 . THR A 1 12 ? -12.950 10.570  -3.055  1.00 60.12  ? 9   THR A CG2 1 
ATOM   58  N  N   . ARG A 1 13 ? -9.278  11.011  -2.949  1.00 55.93  ? 10  ARG A N   1 
ATOM   59  C  CA  . ARG A 1 13 ? -8.209  10.427  -3.792  1.00 51.74  ? 10  ARG A CA  1 
ATOM   60  C  C   . ARG A 1 13 ? -7.304  9.446   -3.062  1.00 49.41  ? 10  ARG A C   1 
ATOM   61  O  O   . ARG A 1 13 ? -7.018  8.303   -3.548  1.00 46.68  ? 10  ARG A O   1 
ATOM   62  C  CB  . ARG A 1 13 ? -7.411  11.581  -4.391  1.00 58.86  ? 10  ARG A CB  1 
ATOM   63  C  CG  . ARG A 1 13 ? -6.120  11.149  -5.028  1.00 60.40  ? 10  ARG A CG  1 
ATOM   64  C  CD  . ARG A 1 13 ? -5.416  12.359  -5.635  1.00 66.00  ? 10  ARG A CD  1 
ATOM   65  N  NE  . ARG A 1 13 ? -4.290  11.853  -6.416  1.00 72.90  ? 10  ARG A NE  1 
ATOM   66  C  CZ  . ARG A 1 13 ? -3.588  12.558  -7.307  1.00 75.23  ? 10  ARG A CZ  1 
ATOM   67  N  NH1 . ARG A 1 13 ? -2.617  11.943  -7.984  1.00 79.35  ? 10  ARG A NH1 1 
ATOM   68  N  NH2 . ARG A 1 13 ? -3.826  13.854  -7.479  1.00 74.78  ? 10  ARG A NH2 1 
ATOM   69  N  N   A ARG A 1 14 ? -6.813  9.856   -1.896  0.60 47.15  ? 11  ARG A N   1 
ATOM   70  N  N   B ARG A 1 14 ? -6.842  9.869   -1.896  0.40 47.59  ? 11  ARG A N   1 
ATOM   71  C  CA  A ARG A 1 14 ? -5.898  9.020   -1.135  0.60 49.68  ? 11  ARG A CA  1 
ATOM   72  C  CA  B ARG A 1 14 ? -5.934  9.092   -1.087  0.40 48.27  ? 11  ARG A CA  1 
ATOM   73  C  C   A ARG A 1 14 ? -6.577  7.758   -0.563  0.60 48.52  ? 11  ARG A C   1 
ATOM   74  C  C   B ARG A 1 14 ? -6.559  7.795   -0.515  0.40 47.73  ? 11  ARG A C   1 
ATOM   75  O  O   A ARG A 1 14 ? -5.976  6.692   -0.594  0.60 44.74  ? 11  ARG A O   1 
ATOM   76  O  O   B ARG A 1 14 ? -5.916  6.748   -0.504  0.40 44.92  ? 11  ARG A O   1 
ATOM   77  C  CB  A ARG A 1 14 ? -5.238  9.792   0.049   0.60 53.81  ? 11  ARG A CB  1 
ATOM   78  C  CB  B ARG A 1 14 ? -5.430  9.977   0.072   0.40 49.90  ? 11  ARG A CB  1 
ATOM   79  C  CG  A ARG A 1 14 ? -3.926  9.156   0.536   0.60 53.22  ? 11  ARG A CG  1 
ATOM   80  C  CG  B ARG A 1 14 ? -4.862  9.202   1.246   0.40 48.31  ? 11  ARG A CG  1 
ATOM   81  C  CD  A ARG A 1 14 ? -3.578  9.430   2.014   0.60 60.12  ? 11  ARG A CD  1 
ATOM   82  C  CD  B ARG A 1 14 ? -4.377  10.104  2.403   0.40 49.28  ? 11  ARG A CD  1 
ATOM   83  N  NE  A ARG A 1 14 ? -4.536  8.748   2.882   0.60 66.66  ? 11  ARG A NE  1 
ATOM   84  N  NE  B ARG A 1 14 ? -5.454  10.631  3.227   0.40 51.23  ? 11  ARG A NE  1 
ATOM   85  C  CZ  A ARG A 1 14 ? -4.386  7.574   3.502   0.60 59.72  ? 11  ARG A CZ  1 
ATOM   86  C  CZ  B ARG A 1 14 ? -6.417  9.893   3.765   0.40 52.83  ? 11  ARG A CZ  1 
ATOM   87  N  NH1 A ARG A 1 14 ? -3.248  6.890   3.561   0.60 50.42  ? 11  ARG A NH1 1 
ATOM   88  N  NH1 B ARG A 1 14 ? -6.455  8.592   3.530   0.40 52.54  ? 11  ARG A NH1 1 
ATOM   89  N  NH2 A ARG A 1 14 ? -5.422  7.140   4.176   0.60 69.46  ? 11  ARG A NH2 1 
ATOM   90  N  NH2 B ARG A 1 14 ? -7.348  10.458  4.523   0.40 56.12  ? 11  ARG A NH2 1 
ATOM   91  N  N   . ARG A 1 15 ? -7.786  7.890   0.000   1.00 48.08  ? 12  ARG A N   1 
ATOM   92  C  CA  . ARG A 1 15 ? -8.512  6.703   0.510   1.00 51.62  ? 12  ARG A CA  1 
ATOM   93  C  C   . ARG A 1 15 ? -8.784  5.679   -0.583  1.00 49.08  ? 12  ARG A C   1 
ATOM   94  O  O   . ARG A 1 15 ? -8.702  4.494   -0.311  1.00 46.97  ? 12  ARG A O   1 
ATOM   95  C  CB  . ARG A 1 15 ? -9.844  7.061   1.176   1.00 57.33  ? 12  ARG A CB  1 
ATOM   96  C  CG  . ARG A 1 15 ? -9.597  7.606   2.557   1.00 75.33  ? 12  ARG A CG  1 
ATOM   97  C  CD  . ARG A 1 15 ? -10.870 8.182   3.148   1.00 92.21  ? 12  ARG A CD  1 
ATOM   98  N  NE  . ARG A 1 15 ? -10.673 8.614   4.523   1.00 107.04 ? 12  ARG A NE  1 
ATOM   99  C  CZ  . ARG A 1 15 ? -11.584 9.276   5.239   1.00 127.20 ? 12  ARG A CZ  1 
ATOM   100 N  NH1 . ARG A 1 15 ? -11.310 9.632   6.498   1.00 140.17 ? 12  ARG A NH1 1 
ATOM   101 N  NH2 . ARG A 1 15 ? -12.763 9.597   4.704   1.00 128.45 ? 12  ARG A NH2 1 
ATOM   102 N  N   . ALA A 1 16 ? -9.020  6.124   -1.810  1.00 47.25  ? 13  ALA A N   1 
ATOM   103 C  CA  . ALA A 1 16 ? -9.215  5.186   -2.902  1.00 47.03  ? 13  ALA A CA  1 
ATOM   104 C  C   . ALA A 1 16 ? -7.957  4.401   -3.156  1.00 50.77  ? 13  ALA A C   1 
ATOM   105 O  O   . ALA A 1 16 ? -8.023  3.175   -3.337  1.00 47.65  ? 13  ALA A O   1 
ATOM   106 C  CB  . ALA A 1 16 ? -9.656  5.888   -4.175  1.00 50.79  ? 13  ALA A CB  1 
ATOM   107 N  N   . LEU A 1 17 ? -6.803  5.056   -3.130  1.00 46.70  ? 14  LEU A N   1 
ATOM   108 C  CA  . LEU A 1 17 ? -5.560  4.312   -3.302  1.00 43.47  ? 14  LEU A CA  1 
ATOM   109 C  C   . LEU A 1 17 ? -5.324  3.340   -2.146  1.00 43.37  ? 14  LEU A C   1 
ATOM   110 O  O   . LEU A 1 17 ? -4.896  2.202   -2.341  1.00 41.68  ? 14  LEU A O   1 
ATOM   111 C  CB  . LEU A 1 17 ? -4.370  5.272   -3.445  1.00 45.35  ? 14  LEU A CB  1 
ATOM   112 C  CG  . LEU A 1 17 ? -2.991  4.590   -3.578  1.00 44.69  ? 14  LEU A CG  1 
ATOM   113 C  CD1 . LEU A 1 17 ? -2.898  3.711   -4.806  1.00 46.24  ? 14  LEU A CD1 1 
ATOM   114 C  CD2 . LEU A 1 17 ? -1.940  5.691   -3.673  1.00 47.59  ? 14  LEU A CD2 1 
ATOM   115 N  N   . GLU A 1 18 ? -5.568  3.810   -0.939  1.00 42.02  ? 15  GLU A N   1 
ATOM   116 C  CA  . GLU A 1 18 ? -5.378  3.003   0.240   1.00 45.42  ? 15  GLU A CA  1 
ATOM   117 C  C   . GLU A 1 18 ? -6.208  1.705   0.213   1.00 49.49  ? 15  GLU A C   1 
ATOM   118 O  O   . GLU A 1 18 ? -5.700  0.665   0.597   1.00 45.60  ? 15  GLU A O   1 
ATOM   119 C  CB  . GLU A 1 18 ? -5.734  3.789   1.504   1.00 44.10  ? 15  GLU A CB  1 
ATOM   120 C  CG  . GLU A 1 18 ? -5.418  3.083   2.803   1.00 47.69  ? 15  GLU A CG  1 
ATOM   121 C  CD  . GLU A 1 18 ? -5.888  3.898   4.011   1.00 52.90  ? 15  GLU A CD  1 
ATOM   122 O  OE1 . GLU A 1 18 ? -5.120  4.685   4.534   1.00 54.66  ? 15  GLU A OE1 1 
ATOM   123 O  OE2 . GLU A 1 18 ? -7.035  3.805   4.406   1.00 65.95  ? 15  GLU A OE2 1 
ATOM   124 N  N   A ARG A 1 19 ? -7.463  1.808   -0.213  0.50 50.03  ? 16  ARG A N   1 
ATOM   125 N  N   B ARG A 1 19 ? -7.448  1.786   -0.257  0.50 49.14  ? 16  ARG A N   1 
ATOM   126 C  CA  A ARG A 1 19 ? -8.354  0.663   -0.390  0.50 54.09  ? 16  ARG A CA  1 
ATOM   127 C  CA  B ARG A 1 19 ? -8.331  0.623   -0.364  0.50 52.98  ? 16  ARG A CA  1 
ATOM   128 C  C   A ARG A 1 19 ? -7.692  -0.371  -1.298  0.50 50.77  ? 16  ARG A C   1 
ATOM   129 C  C   B ARG A 1 19 ? -7.716  -0.393  -1.320  0.50 50.30  ? 16  ARG A C   1 
ATOM   130 O  O   A ARG A 1 19 ? -7.612  -1.555  -0.968  0.50 52.34  ? 16  ARG A O   1 
ATOM   131 O  O   B ARG A 1 19 ? -7.655  -1.586  -1.025  0.50 52.05  ? 16  ARG A O   1 
ATOM   132 C  CB  A ARG A 1 19 ? -9.633  1.130   -1.085  0.50 57.80  ? 16  ARG A CB  1 
ATOM   133 C  CB  B ARG A 1 19 ? -9.727  1.078   -0.829  0.50 56.19  ? 16  ARG A CB  1 
ATOM   134 C  CG  A ARG A 1 19 ? -10.949 1.193   -0.320  0.50 67.46  ? 16  ARG A CG  1 
ATOM   135 C  CG  B ARG A 1 19 ? -10.572 0.080   -1.630  0.50 63.96  ? 16  ARG A CG  1 
ATOM   136 C  CD  A ARG A 1 19 ? -12.035 0.943   -1.407  0.50 71.78  ? 16  ARG A CD  1 
ATOM   137 C  CD  B ARG A 1 19 ? -11.947 0.709   -1.969  0.50 70.49  ? 16  ARG A CD  1 
ATOM   138 N  NE  A ARG A 1 19 ? -11.392 1.115   -2.721  0.50 67.49  ? 16  ARG A NE  1 
ATOM   139 N  NE  B ARG A 1 19 ? -12.260 1.705   -0.921  0.50 71.60  ? 16  ARG A NE  1 
ATOM   140 C  CZ  A ARG A 1 19 ? -11.587 2.140   -3.533  0.50 56.88  ? 16  ARG A CZ  1 
ATOM   141 C  CZ  B ARG A 1 19 ? -12.617 2.966   -1.129  0.50 65.54  ? 16  ARG A CZ  1 
ATOM   142 N  NH1 A ARG A 1 19 ? -10.842 2.265   -4.599  0.50 50.11  ? 16  ARG A NH1 1 
ATOM   143 N  NH1 B ARG A 1 19 ? -12.797 3.772   -0.092  0.50 67.49  ? 16  ARG A NH1 1 
ATOM   144 N  NH2 A ARG A 1 19 ? -12.470 3.054   -3.227  0.50 55.94  ? 16  ARG A NH2 1 
ATOM   145 N  NH2 B ARG A 1 19 ? -12.785 3.413   -2.347  0.50 60.40  ? 16  ARG A NH2 1 
ATOM   146 N  N   . ASP A 1 20 ? -7.229  0.081   -2.455  1.00 46.75  ? 17  ASP A N   1 
ATOM   147 C  CA  . ASP A 1 20 ? -6.615  -0.824  -3.426  1.00 48.60  ? 17  ASP A CA  1 
ATOM   148 C  C   . ASP A 1 20 ? -5.320  -1.438  -2.918  1.00 47.20  ? 17  ASP A C   1 
ATOM   149 O  O   . ASP A 1 20 ? -5.048  -2.600  -3.167  1.00 44.79  ? 17  ASP A O   1 
ATOM   150 C  CB  . ASP A 1 20 ? -6.363  -0.136  -4.777  1.00 52.00  ? 17  ASP A CB  1 
ATOM   151 C  CG  . ASP A 1 20 ? -7.672  0.113   -5.608  1.00 55.61  ? 17  ASP A CG  1 
ATOM   152 O  OD1 . ASP A 1 20 ? -8.772  -0.358  -5.255  1.00 61.39  ? 17  ASP A OD1 1 
ATOM   153 O  OD2 . ASP A 1 20 ? -7.558  0.795   -6.642  1.00 57.04  ? 17  ASP A OD2 1 
ATOM   154 N  N   . ILE A 1 21 ? -4.462  -0.647  -2.264  1.00 42.34  ? 18  ILE A N   1 
ATOM   155 C  CA  . ILE A 1 21 ? -3.233  -1.214  -1.727  1.00 40.96  ? 18  ILE A CA  1 
ATOM   156 C  C   . ILE A 1 21 ? -3.575  -2.258  -0.632  1.00 44.00  ? 18  ILE A C   1 
ATOM   157 O  O   . ILE A 1 21 ? -2.995  -3.348  -0.621  1.00 44.44  ? 18  ILE A O   1 
ATOM   158 C  CB  . ILE A 1 21 ? -2.275  -0.110  -1.201  1.00 40.97  ? 18  ILE A CB  1 
ATOM   159 C  CG1 . ILE A 1 21 ? -1.770  0.695   -2.391  1.00 42.38  ? 18  ILE A CG1 1 
ATOM   160 C  CG2 . ILE A 1 21 ? -1.126  -0.697  -0.413  1.00 39.73  ? 18  ILE A CG2 1 
ATOM   161 C  CD1 . ILE A 1 21 ? -0.872  1.879   -2.007  1.00 42.96  ? 18  ILE A CD1 1 
ATOM   162 N  N   . ALA A 1 22 ? -4.548  -1.969  0.232   1.00 43.40  ? 19  ALA A N   1 
ATOM   163 C  CA  . ALA A 1 22 ? -4.912  -2.926  1.260   1.00 47.19  ? 19  ALA A CA  1 
ATOM   164 C  C   . ALA A 1 22 ? -5.346  -4.257  0.618   1.00 51.46  ? 19  ALA A C   1 
ATOM   165 O  O   . ALA A 1 22 ? -4.987  -5.315  1.110   1.00 51.49  ? 19  ALA A O   1 
ATOM   166 C  CB  . ALA A 1 22 ? -6.003  -2.379  2.157   1.00 49.51  ? 19  ALA A CB  1 
ATOM   167 N  N   . ALA A 1 23 ? -6.107  -4.202  -0.480  1.00 51.16  ? 20  ALA A N   1 
ATOM   168 C  CA  . ALA A 1 23 ? -6.559  -5.420  -1.127  1.00 52.66  ? 20  ALA A CA  1 
ATOM   169 C  C   . ALA A 1 23 ? -5.381  -6.209  -1.677  1.00 53.91  ? 20  ALA A C   1 
ATOM   170 O  O   . ALA A 1 23 ? -5.380  -7.433  -1.594  1.00 55.26  ? 20  ALA A O   1 
ATOM   171 C  CB  . ALA A 1 23 ? -7.533  -5.094  -2.243  1.00 56.86  ? 20  ALA A CB  1 
ATOM   172 N  N   . ILE A 1 24 ? -4.372  -5.521  -2.222  1.00 49.99  ? 21  ILE A N   1 
ATOM   173 C  CA  . ILE A 1 24 ? -3.131  -6.186  -2.689  1.00 49.60  ? 21  ILE A CA  1 
ATOM   174 C  C   . ILE A 1 24 ? -2.399  -6.897  -1.562  1.00 51.54  ? 21  ILE A C   1 
ATOM   175 O  O   . ILE A 1 24 ? -2.002  -8.054  -1.720  1.00 53.35  ? 21  ILE A O   1 
ATOM   176 C  CB  . ILE A 1 24 ? -2.199  -5.171  -3.393  1.00 49.23  ? 21  ILE A CB  1 
ATOM   177 C  CG1 . ILE A 1 24 ? -2.774  -4.787  -4.744  1.00 47.29  ? 21  ILE A CG1 1 
ATOM   178 C  CG2 . ILE A 1 24 ? -0.781  -5.698  -3.556  1.00 51.60  ? 21  ILE A CG2 1 
ATOM   179 C  CD1 . ILE A 1 24 ? -2.083  -3.571  -5.350  1.00 49.92  ? 21  ILE A CD1 1 
ATOM   180 N  N   . TRP A 1 25 ? -2.212  -6.210  -0.424  1.00 49.36  ? 22  TRP A N   1 
ATOM   181 C  CA  . TRP A 1 25 ? -1.636  -6.847  0.761   1.00 50.81  ? 22  TRP A CA  1 
ATOM   182 C  C   . TRP A 1 25 ? -2.434  -8.083  1.201   1.00 53.84  ? 22  TRP A C   1 
ATOM   183 O  O   . TRP A 1 25 ? -1.878  -9.114  1.555   1.00 55.47  ? 22  TRP A O   1 
ATOM   184 C  CB  . TRP A 1 25 ? -1.592  -5.864  1.960   1.00 49.64  ? 22  TRP A CB  1 
ATOM   185 C  CG  . TRP A 1 25 ? -0.547  -4.791  1.919   1.00 48.44  ? 22  TRP A CG  1 
ATOM   186 C  CD1 . TRP A 1 25 ? -0.213  -4.005  0.874   1.00 47.53  ? 22  TRP A CD1 1 
ATOM   187 C  CD2 . TRP A 1 25 ? 0.291   -4.385  3.002   1.00 47.51  ? 22  TRP A CD2 1 
ATOM   188 N  NE1 . TRP A 1 25 ? 0.806   -3.144  1.219   1.00 45.61  ? 22  TRP A NE1 1 
ATOM   189 C  CE2 . TRP A 1 25 ? 1.125   -3.347  2.525   1.00 43.93  ? 22  TRP A CE2 1 
ATOM   190 C  CE3 . TRP A 1 25 ? 0.422   -4.802  4.321   1.00 47.17  ? 22  TRP A CE3 1 
ATOM   191 C  CZ2 . TRP A 1 25 ? 2.067   -2.702  3.332   1.00 45.09  ? 22  TRP A CZ2 1 
ATOM   192 C  CZ3 . TRP A 1 25 ? 1.376   -4.178  5.128   1.00 50.69  ? 22  TRP A CZ3 1 
ATOM   193 C  CH2 . TRP A 1 25 ? 2.188   -3.148  4.624   1.00 48.20  ? 22  TRP A CH2 1 
ATOM   194 N  N   . ALA A 1 26 ? -3.744  -7.949  1.268   1.00 55.78  ? 23  ALA A N   1 
ATOM   195 C  CA  . ALA A 1 26 ? -4.569  -9.016  1.777   1.00 58.85  ? 23  ALA A CA  1 
ATOM   196 C  C   . ALA A 1 26 ? -4.454  -10.222 0.888   1.00 64.57  ? 23  ALA A C   1 
ATOM   197 O  O   . ALA A 1 26 ? -4.306  -11.328 1.384   1.00 64.55  ? 23  ALA A O   1 
ATOM   198 C  CB  . ALA A 1 26 ? -6.027  -8.595  1.867   1.00 62.10  ? 23  ALA A CB  1 
ATOM   199 N  N   . GLU A 1 27 ? -4.554  -10.000 -0.421  1.00 66.46  ? 24  GLU A N   1 
ATOM   200 C  CA  . GLU A 1 27 ? -4.466  -11.085 -1.403  1.00 70.20  ? 24  GLU A CA  1 
ATOM   201 C  C   . GLU A 1 27 ? -3.127  -11.728 -1.318  1.00 67.17  ? 24  GLU A C   1 
ATOM   202 O  O   . GLU A 1 27 ? -3.040  -12.928 -1.303  1.00 67.97  ? 24  GLU A O   1 
ATOM   203 C  CB  . GLU A 1 27 ? -4.623  -10.591 -2.834  1.00 77.08  ? 24  GLU A CB  1 
ATOM   204 C  CG  . GLU A 1 27 ? -6.020  -10.124 -3.180  1.00 90.65  ? 24  GLU A CG  1 
ATOM   205 C  CD  . GLU A 1 27 ? -6.116  -9.572  -4.592  1.00 101.51 ? 24  GLU A CD  1 
ATOM   206 O  OE1 . GLU A 1 27 ? -5.589  -10.254 -5.522  1.00 113.51 ? 24  GLU A OE1 1 
ATOM   207 O  OE2 . GLU A 1 27 ? -6.727  -8.475  -4.756  1.00 95.00  ? 24  GLU A OE2 1 
ATOM   208 N  N   . THR A 1 28 ? -2.073  -10.931 -1.244  1.00 59.85  ? 25  THR A N   1 
ATOM   209 C  CA  . THR A 1 28 ? -0.739  -11.486 -1.222  1.00 62.56  ? 25  THR A CA  1 
ATOM   210 C  C   . THR A 1 28 ? -0.474  -12.277 0.041   1.00 65.28  ? 25  THR A C   1 
ATOM   211 O  O   . THR A 1 28 ? 0.194   -13.302 -0.013  1.00 66.47  ? 25  THR A O   1 
ATOM   212 C  CB  . THR A 1 28 ? 0.332   -10.395 -1.351  1.00 59.31  ? 25  THR A CB  1 
ATOM   213 O  OG1 . THR A 1 28 ? 0.080   -9.626  -2.544  1.00 56.01  ? 25  THR A OG1 1 
ATOM   214 C  CG2 . THR A 1 28 ? 1.747   -11.050 -1.376  1.00 60.96  ? 25  THR A CG2 1 
ATOM   215 N  N   . LEU A 1 29 ? -0.981  -11.790 1.174   1.00 65.03  ? 26  LEU A N   1 
ATOM   216 C  CA  . LEU A 1 29 ? -0.721  -12.436 2.462   1.00 68.57  ? 26  LEU A CA  1 
ATOM   217 C  C   . LEU A 1 29 ? -1.775  -13.480 2.781   1.00 75.83  ? 26  LEU A C   1 
ATOM   218 O  O   . LEU A 1 29 ? -1.751  -14.078 3.853   1.00 77.83  ? 26  LEU A O   1 
ATOM   219 C  CB  . LEU A 1 29 ? -0.643  -11.407 3.578   1.00 66.31  ? 26  LEU A CB  1 
ATOM   220 C  CG  . LEU A 1 29 ? 0.465   -10.390 3.371   1.00 61.35  ? 26  LEU A CG  1 
ATOM   221 C  CD1 . LEU A 1 29 ? 0.215   -9.215  4.277   1.00 60.47  ? 26  LEU A CD1 1 
ATOM   222 C  CD2 . LEU A 1 29 ? 1.835   -10.983 3.629   1.00 65.22  ? 26  LEU A CD2 1 
ATOM   223 N  N   . GLY A 1 30 ? -2.675  -13.717 1.827   1.00 77.11  ? 27  GLY A N   1 
ATOM   224 C  CA  . GLY A 1 30 ? -3.787  -14.633 1.983   1.00 81.59  ? 27  GLY A CA  1 
ATOM   225 C  C   . GLY A 1 30 ? -4.741  -14.349 3.139   1.00 81.45  ? 27  GLY A C   1 
ATOM   226 O  O   . GLY A 1 30 ? -5.109  -15.278 3.850   1.00 86.16  ? 27  GLY A O   1 
ATOM   227 N  N   . ARG A 1 31 ? -5.175  -13.103 3.326   1.00 73.40  ? 28  ARG A N   1 
ATOM   228 C  CA  . ARG A 1 31 ? -6.137  -12.784 4.385   1.00 76.58  ? 28  ARG A CA  1 
ATOM   229 C  C   . ARG A 1 31 ? -7.363  -12.185 3.756   1.00 74.76  ? 28  ARG A C   1 
ATOM   230 O  O   . ARG A 1 31 ? -7.268  -11.706 2.625   1.00 73.18  ? 28  ARG A O   1 
ATOM   231 C  CB  . ARG A 1 31 ? -5.512  -11.815 5.357   1.00 79.38  ? 28  ARG A CB  1 
ATOM   232 C  CG  . ARG A 1 31 ? -4.136  -12.274 5.762   1.00 84.11  ? 28  ARG A CG  1 
ATOM   233 C  CD  . ARG A 1 31 ? -3.447  -11.128 6.423   1.00 88.58  ? 28  ARG A CD  1 
ATOM   234 N  NE  . ARG A 1 31 ? -4.173  -10.834 7.640   1.00 94.13  ? 28  ARG A NE  1 
ATOM   235 C  CZ  . ARG A 1 31 ? -3.923  -11.417 8.802   1.00 94.58  ? 28  ARG A CZ  1 
ATOM   236 N  NH1 . ARG A 1 31 ? -4.647  -11.088 9.858   1.00 95.54  ? 28  ARG A NH1 1 
ATOM   237 N  NH2 . ARG A 1 31 ? -2.935  -12.303 8.917   1.00 97.70  ? 28  ARG A NH2 1 
ATOM   238 N  N   . ASP A 1 32 ? -8.514  -12.245 4.446   1.00 79.21  ? 29  ASP A N   1 
ATOM   239 C  CA  A ASP A 1 32 ? -9.733  -11.678 3.897   0.70 80.09  ? 29  ASP A CA  1 
ATOM   240 C  CA  B ASP A 1 32 ? -9.747  -11.667 3.903   0.30 80.48  ? 29  ASP A CA  1 
ATOM   241 C  C   . ASP A 1 32 ? -9.563  -10.179 3.749   1.00 75.63  ? 29  ASP A C   1 
ATOM   242 O  O   . ASP A 1 32 ? -10.068 -9.577  2.818   1.00 77.58  ? 29  ASP A O   1 
ATOM   243 C  CB  A ASP A 1 32 ? -10.927 -12.009 4.786   0.70 86.30  ? 29  ASP A CB  1 
ATOM   244 C  CB  B ASP A 1 32 ? -10.960 -11.904 4.803   0.30 85.96  ? 29  ASP A CB  1 
ATOM   245 C  CG  A ASP A 1 32 ? -11.256 -13.503 4.790   0.70 92.34  ? 29  ASP A CG  1 
ATOM   246 C  CG  B ASP A 1 32 ? -12.230 -11.267 4.238   0.30 86.42  ? 29  ASP A CG  1 
ATOM   247 O  OD1 A ASP A 1 32 ? -10.586 -14.274 4.064   0.70 91.04  ? 29  ASP A OD1 1 
ATOM   248 O  OD1 B ASP A 1 32 ? -12.640 -11.657 3.126   0.30 86.89  ? 29  ASP A OD1 1 
ATOM   249 O  OD2 A ASP A 1 32 ? -12.185 -13.903 5.519   0.70 98.10  ? 29  ASP A OD2 1 
ATOM   250 O  OD2 B ASP A 1 32 ? -12.804 -10.365 4.893   0.30 86.75  ? 29  ASP A OD2 1 
ATOM   251 N  N   . SER A 1 33 ? -8.844  -9.591  4.689   1.00 72.30  ? 30  SER A N   1 
ATOM   252 C  CA  . SER A 1 33 ? -8.499  -8.191  4.600   1.00 69.66  ? 30  SER A CA  1 
ATOM   253 C  C   . SER A 1 33 ? -7.384  -7.859  5.577   1.00 65.40  ? 30  SER A C   1 
ATOM   254 O  O   . SER A 1 33 ? -7.033  -8.648  6.475   1.00 65.47  ? 30  SER A O   1 
ATOM   255 C  CB  . SER A 1 33 ? -9.684  -7.303  4.918   1.00 70.86  ? 30  SER A CB  1 
ATOM   256 O  OG  . SER A 1 33 ? -10.080 -7.546  6.261   1.00 75.09  ? 30  SER A OG  1 
ATOM   257 N  N   . VAL A 1 34 ? -6.852  -6.668  5.364   1.00 61.05  ? 31  VAL A N   1 
ATOM   258 C  CA  . VAL A 1 34 ? -5.750  -6.148  6.132   1.00 63.18  ? 31  VAL A CA  1 
ATOM   259 C  C   . VAL A 1 34 ? -6.135  -4.710  6.539   1.00 62.08  ? 31  VAL A C   1 
ATOM   260 O  O   . VAL A 1 34 ? -6.608  -3.917  5.697   1.00 64.14  ? 31  VAL A O   1 
ATOM   261 C  CB  . VAL A 1 34 ? -4.502  -6.150  5.250   1.00 61.64  ? 31  VAL A CB  1 
ATOM   262 C  CG1 . VAL A 1 34 ? -3.512  -5.112  5.712   1.00 59.73  ? 31  VAL A CG1 1 
ATOM   263 C  CG2 . VAL A 1 34 ? -3.894  -7.551  5.249   1.00 65.95  ? 31  VAL A CG2 1 
ATOM   264 N  N   . GLY A 1 35 ? -5.943  -4.394  7.817   1.00 57.77  ? 32  GLY A N   1 
ATOM   265 C  CA  . GLY A 1 35 ? -6.178  -3.017  8.324   1.00 63.48  ? 32  GLY A CA  1 
ATOM   266 C  C   . GLY A 1 35 ? -5.088  -1.991  7.873   1.00 54.32  ? 32  GLY A C   1 
ATOM   267 O  O   . GLY A 1 35 ? -3.948  -2.366  7.622   1.00 54.20  ? 32  GLY A O   1 
ATOM   268 N  N   . PRO A 1 36 ? -5.454  -0.709  7.776   1.00 55.90  ? 33  PRO A N   1 
ATOM   269 C  CA  . PRO A 1 36 ? -4.529  0.318   7.304   1.00 51.88  ? 33  PRO A CA  1 
ATOM   270 C  C   . PRO A 1 36 ? -3.239  0.502   8.147   1.00 51.27  ? 33  PRO A C   1 
ATOM   271 O  O   . PRO A 1 36 ? -2.236  0.944   7.594   1.00 48.36  ? 33  PRO A O   1 
ATOM   272 C  CB  . PRO A 1 36 ? -5.384  1.590   7.289   1.00 55.87  ? 33  PRO A CB  1 
ATOM   273 C  CG  . PRO A 1 36 ? -6.504  1.350   8.244   1.00 62.01  ? 33  PRO A CG  1 
ATOM   274 C  CD  . PRO A 1 36 ? -6.649  -0.136  8.437   1.00 63.32  ? 33  PRO A CD  1 
ATOM   275 N  N   . HIS A 1 37 ? -3.260  0.138   9.436   1.00 49.45  ? 34  HIS A N   1 
ATOM   276 C  CA  . HIS A 1 37 ? -2.140  0.388   10.342  1.00 54.92  ? 34  HIS A CA  1 
ATOM   277 C  C   . HIS A 1 37 ? -1.485  -0.851  10.878  1.00 58.85  ? 34  HIS A C   1 
ATOM   278 O  O   . HIS A 1 37 ? -0.675  -0.754  11.816  1.00 57.28  ? 34  HIS A O   1 
ATOM   279 C  CB  . HIS A 1 37 ? -2.575  1.309   11.486  1.00 55.62  ? 34  HIS A CB  1 
ATOM   280 C  CG  . HIS A 1 37 ? -3.148  2.567   10.980  1.00 52.41  ? 34  HIS A CG  1 
ATOM   281 N  ND1 . HIS A 1 37 ? -2.388  3.484   10.290  1.00 51.55  ? 34  HIS A ND1 1 
ATOM   282 C  CD2 . HIS A 1 37 ? -4.416  3.016   10.944  1.00 55.68  ? 34  HIS A CD2 1 
ATOM   283 C  CE1 . HIS A 1 37 ? -3.173  4.458   9.857   1.00 50.43  ? 34  HIS A CE1 1 
ATOM   284 N  NE2 . HIS A 1 37 ? -4.408  4.194   10.229  1.00 55.79  ? 34  HIS A NE2 1 
ATOM   285 N  N   . GLU A 1 38 ? -1.769  -2.005  10.255  1.00 55.31  ? 35  GLU A N   1 
ATOM   286 C  CA  . GLU A 1 38 ? -1.155  -3.258  10.712  1.00 57.22  ? 35  GLU A CA  1 
ATOM   287 C  C   . GLU A 1 38 ? 0.239   -3.410  10.177  1.00 53.50  ? 35  GLU A C   1 
ATOM   288 O  O   . GLU A 1 38 ? 0.465   -3.218  8.993   1.00 52.03  ? 35  GLU A O   1 
ATOM   289 C  CB  . GLU A 1 38 ? -2.032  -4.463  10.282  1.00 64.16  ? 35  GLU A CB  1 
ATOM   290 C  CG  . GLU A 1 38 ? -3.393  -4.535  10.979  1.00 66.25  ? 35  GLU A CG  1 
ATOM   291 C  CD  . GLU A 1 38 ? -4.111  -5.855  10.705  1.00 75.24  ? 35  GLU A CD  1 
ATOM   292 O  OE1 . GLU A 1 38 ? -4.054  -6.735  11.600  1.00 73.71  ? 35  GLU A OE1 1 
ATOM   293 O  OE2 . GLU A 1 38 ? -4.683  -6.002  9.584   1.00 69.37  ? 35  GLU A OE2 1 
ATOM   294 N  N   . ASP A 1 39 ? 1.192   -3.786  11.026  1.00 53.30  ? 36  ASP A N   1 
ATOM   295 C  CA  . ASP A 1 39 ? 2.603   -3.905  10.583  1.00 54.44  ? 36  ASP A CA  1 
ATOM   296 C  C   . ASP A 1 39 ? 2.840   -5.124  9.666   1.00 55.56  ? 36  ASP A C   1 
ATOM   297 O  O   . ASP A 1 39 ? 2.417   -6.240  9.988   1.00 55.75  ? 36  ASP A O   1 
ATOM   298 C  CB  . ASP A 1 39 ? 3.564   -3.941  11.808  1.00 63.57  ? 36  ASP A CB  1 
ATOM   299 C  CG  . ASP A 1 39 ? 5.026   -4.036  11.395  1.00 70.11  ? 36  ASP A CG  1 
ATOM   300 O  OD1 . ASP A 1 39 ? 5.658   -2.984  11.166  1.00 78.34  ? 36  ASP A OD1 1 
ATOM   301 O  OD2 . ASP A 1 39 ? 5.542   -5.160  11.214  1.00 76.26  ? 36  ASP A OD2 1 
ATOM   302 N  N   . PHE A 1 40 ? 3.571   -4.915  8.571   1.00 51.49  ? 37  PHE A N   1 
ATOM   303 C  CA  . PHE A 1 40 ? 3.849   -5.911  7.527   1.00 53.91  ? 37  PHE A CA  1 
ATOM   304 C  C   . PHE A 1 40 ? 4.364   -7.211  8.109   1.00 59.93  ? 37  PHE A C   1 
ATOM   305 O  O   . PHE A 1 40 ? 3.935   -8.273  7.697   1.00 60.46  ? 37  PHE A O   1 
ATOM   306 C  CB  . PHE A 1 40 ? 4.914   -5.371  6.565   1.00 53.08  ? 37  PHE A CB  1 
ATOM   307 C  CG  . PHE A 1 40 ? 5.325   -6.322  5.481   1.00 53.33  ? 37  PHE A CG  1 
ATOM   308 C  CD1 . PHE A 1 40 ? 4.423   -6.727  4.520   1.00 53.57  ? 37  PHE A CD1 1 
ATOM   309 C  CD2 . PHE A 1 40 ? 6.626   -6.815  5.426   1.00 55.73  ? 37  PHE A CD2 1 
ATOM   310 C  CE1 . PHE A 1 40 ? 4.802   -7.601  3.521   1.00 52.43  ? 37  PHE A CE1 1 
ATOM   311 C  CE2 . PHE A 1 40 ? 7.006   -7.679  4.427   1.00 57.11  ? 37  PHE A CE2 1 
ATOM   312 C  CZ  . PHE A 1 40 ? 6.095   -8.066  3.474   1.00 54.90  ? 37  PHE A CZ  1 
ATOM   313 N  N   . ALA A 1 41 ? 5.323   -7.108  9.017   1.00 63.04  ? 38  ALA A N   1 
ATOM   314 C  CA  . ALA A 1 41 ? 5.968   -8.292  9.584   1.00 70.27  ? 38  ALA A CA  1 
ATOM   315 C  C   . ALA A 1 41 ? 5.048   -8.970  10.570  1.00 73.81  ? 38  ALA A C   1 
ATOM   316 O  O   . ALA A 1 41 ? 5.062   -10.195 10.666  1.00 78.84  ? 38  ALA A O   1 
ATOM   317 C  CB  . ALA A 1 41 ? 7.273   -7.939  10.276  1.00 73.46  ? 38  ALA A CB  1 
ATOM   318 N  N   . ALA A 1 42 ? 4.271   -8.180  11.312  1.00 71.41  ? 39  ALA A N   1 
ATOM   319 C  CA  . ALA A 1 42 ? 3.255   -8.732  12.211  1.00 75.12  ? 39  ALA A CA  1 
ATOM   320 C  C   . ALA A 1 42 ? 2.241   -9.552  11.433  1.00 74.45  ? 39  ALA A C   1 
ATOM   321 O  O   . ALA A 1 42 ? 1.732   -10.533 11.955  1.00 76.17  ? 39  ALA A O   1 
ATOM   322 C  CB  . ALA A 1 42 ? 2.553   -7.654  13.026  1.00 76.02  ? 39  ALA A CB  1 
ATOM   323 N  N   . LEU A 1 43 ? 1.982   -9.193  10.181  1.00 68.59  ? 40  LEU A N   1 
ATOM   324 C  CA  . LEU A 1 43 ? 1.115   -9.991  9.307   1.00 69.80  ? 40  LEU A CA  1 
ATOM   325 C  C   . LEU A 1 43 ? 1.792   -11.244 8.714   1.00 71.75  ? 40  LEU A C   1 
ATOM   326 O  O   . LEU A 1 43 ? 1.177   -11.931 7.904   1.00 76.12  ? 40  LEU A O   1 
ATOM   327 C  CB  . LEU A 1 43 ? 0.572   -9.126  8.162   1.00 64.68  ? 40  LEU A CB  1 
ATOM   328 C  CG  . LEU A 1 43 ? -0.343  -7.981  8.604   1.00 64.31  ? 40  LEU A CG  1 
ATOM   329 C  CD1 . LEU A 1 43 ? -0.467  -6.952  7.502   1.00 62.57  ? 40  LEU A CD1 1 
ATOM   330 C  CD2 . LEU A 1 43 ? -1.700  -8.488  9.027   1.00 67.09  ? 40  LEU A CD2 1 
ATOM   331 N  N   . GLY A 1 44 ? 3.028   -11.547 9.119   1.00 71.89  ? 41  GLY A N   1 
ATOM   332 C  CA  . GLY A 1 44 ? 3.809   -12.638 8.514   1.00 73.14  ? 41  GLY A CA  1 
ATOM   333 C  C   . GLY A 1 44 ? 4.459   -12.282 7.170   1.00 73.12  ? 41  GLY A C   1 
ATOM   334 O  O   . GLY A 1 44 ? 4.862   -13.171 6.405   1.00 73.89  ? 41  GLY A O   1 
ATOM   335 N  N   . GLY A 1 45 ? 4.577   -10.995 6.867   1.00 63.27  ? 42  GLY A N   1 
ATOM   336 C  CA  . GLY A 1 45 ? 5.158   -10.611 5.587   1.00 62.27  ? 42  GLY A CA  1 
ATOM   337 C  C   . GLY A 1 45 ? 6.636   -10.985 5.524   1.00 63.62  ? 42  GLY A C   1 
ATOM   338 O  O   . GLY A 1 45 ? 7.373   -10.694 6.460   1.00 63.40  ? 42  GLY A O   1 
ATOM   339 N  N   . ASN A 1 46 ? 7.062   -11.604 4.416   1.00 62.25  ? 43  ASN A N   1 
ATOM   340 C  CA  . ASN A 1 46 ? 8.466   -11.922 4.144   1.00 64.12  ? 43  ASN A CA  1 
ATOM   341 C  C   . ASN A 1 46 ? 8.919   -11.249 2.840   1.00 61.09  ? 43  ASN A C   1 
ATOM   342 O  O   . ASN A 1 46 ? 8.136   -10.563 2.177   1.00 54.41  ? 43  ASN A O   1 
ATOM   343 C  CB  . ASN A 1 46 ? 8.684   -13.448 4.080   1.00 71.46  ? 43  ASN A CB  1 
ATOM   344 C  CG  . ASN A 1 46 ? 7.901   -14.122 2.960   1.00 74.41  ? 43  ASN A CG  1 
ATOM   345 O  OD1 . ASN A 1 46 ? 7.565   -13.521 1.955   1.00 73.81  ? 43  ASN A OD1 1 
ATOM   346 N  ND2 . ASN A 1 46 ? 7.598   -15.393 3.150   1.00 83.78  ? 43  ASN A ND2 1 
ATOM   347 N  N   . SER A 1 47 ? 10.175  -11.462 2.477   1.00 61.84  ? 44  SER A N   1 
ATOM   348 C  CA  . SER A 1 47 ? 10.781  -10.844 1.302   1.00 62.42  ? 44  SER A CA  1 
ATOM   349 C  C   . SER A 1 47 ? 10.021  -11.183 0.015   1.00 60.88  ? 44  SER A C   1 
ATOM   350 O  O   . SER A 1 47 ? 9.780   -10.292 -0.800  1.00 55.98  ? 44  SER A O   1 
ATOM   351 C  CB  . SER A 1 47 ? 12.269  -11.203 1.224   1.00 64.51  ? 44  SER A CB  1 
ATOM   352 O  OG  . SER A 1 47 ? 12.412  -12.607 1.069   1.00 82.15  ? 44  SER A OG  1 
ATOM   353 N  N   . ILE A 1 48 ? 9.568   -12.438 -0.139  1.00 61.09  ? 45  ILE A N   1 
ATOM   354 C  CA  . ILE A 1 48 ? 8.763   -12.823 -1.297  1.00 59.87  ? 45  ILE A CA  1 
ATOM   355 C  C   . ILE A 1 48 ? 7.465   -11.987 -1.375  1.00 60.21  ? 45  ILE A C   1 
ATOM   356 O  O   . ILE A 1 48 ? 7.102   -11.472 -2.459  1.00 58.74  ? 45  ILE A O   1 
ATOM   357 C  CB  . ILE A 1 48 ? 8.420   -14.326 -1.287  1.00 69.50  ? 45  ILE A CB  1 
ATOM   358 C  CG1 . ILE A 1 48 ? 9.670   -15.167 -1.429  1.00 71.67  ? 45  ILE A CG1 1 
ATOM   359 C  CG2 . ILE A 1 48 ? 7.490   -14.629 -2.448  1.00 71.13  ? 45  ILE A CG2 1 
ATOM   360 C  CD1 . ILE A 1 48 ? 9.564   -16.562 -0.800  1.00 83.35  ? 45  ILE A CD1 1 
ATOM   361 N  N   . HIS A 1 49 ? 6.781   -11.819 -0.232  1.00 57.03  ? 46  HIS A N   1 
ATOM   362 C  CA  . HIS A 1 49 ? 5.537   -11.022 -0.195  1.00 57.54  ? 46  HIS A CA  1 
ATOM   363 C  C   . HIS A 1 49 ? 5.799   -9.544  -0.522  1.00 52.23  ? 46  HIS A C   1 
ATOM   364 O  O   . HIS A 1 49 ? 5.001   -8.891  -1.237  1.00 50.73  ? 46  HIS A O   1 
ATOM   365 C  CB  . HIS A 1 49 ? 4.826   -11.089 1.156   1.00 57.42  ? 46  HIS A CB  1 
ATOM   366 C  CG  . HIS A 1 49 ? 4.395   -12.469 1.541   1.00 62.68  ? 46  HIS A CG  1 
ATOM   367 N  ND1 . HIS A 1 49 ? 4.669   -13.014 2.776   1.00 66.89  ? 46  HIS A ND1 1 
ATOM   368 C  CD2 . HIS A 1 49 ? 3.769   -13.441 0.832   1.00 66.89  ? 46  HIS A CD2 1 
ATOM   369 C  CE1 . HIS A 1 49 ? 4.178   -14.241 2.839   1.00 69.49  ? 46  HIS A CE1 1 
ATOM   370 N  NE2 . HIS A 1 49 ? 3.647   -14.530 1.662   1.00 72.74  ? 46  HIS A NE2 1 
ATOM   371 N  N   . ALA A 1 50 ? 6.885   -9.028  0.034   1.00 49.50  ? 47  ALA A N   1 
ATOM   372 C  CA  . ALA A 1 50 ? 7.287   -7.620  -0.187  1.00 48.02  ? 47  ALA A CA  1 
ATOM   373 C  C   . ALA A 1 50 ? 7.440   -7.353  -1.688  1.00 48.37  ? 47  ALA A C   1 
ATOM   374 O  O   . ALA A 1 50 ? 6.971   -6.331  -2.194  1.00 44.66  ? 47  ALA A O   1 
ATOM   375 C  CB  . ALA A 1 50 ? 8.594   -7.307  0.556   1.00 48.62  ? 47  ALA A CB  1 
ATOM   376 N  N   . ILE A 1 51 ? 8.102   -8.283  -2.400  1.00 48.52  ? 48  ILE A N   1 
ATOM   377 C  CA  . ILE A 1 51 ? 8.336   -8.115  -3.828  1.00 47.95  ? 48  ILE A CA  1 
ATOM   378 C  C   . ILE A 1 51 ? 7.019   -8.134  -4.565  1.00 51.66  ? 48  ILE A C   1 
ATOM   379 O  O   . ILE A 1 51 ? 6.783   -7.284  -5.448  1.00 49.33  ? 48  ILE A O   1 
ATOM   380 C  CB  . ILE A 1 51 ? 9.345   -9.143  -4.411  1.00 51.45  ? 48  ILE A CB  1 
ATOM   381 C  CG1 . ILE A 1 51 ? 10.752  -8.893  -3.853  1.00 51.30  ? 48  ILE A CG1 1 
ATOM   382 C  CG2 . ILE A 1 51 ? 9.374   -9.085  -5.952  1.00 54.34  ? 48  ILE A CG2 1 
ATOM   383 C  CD1 . ILE A 1 51 ? 11.800  -9.969  -4.185  1.00 56.43  ? 48  ILE A CD1 1 
HETATM 384 N  N   . MLY A 1 52 ? 6.148   -9.094  -4.211  1.00 55.10  ? 49  MLY A N   1 
HETATM 385 C  CA  . MLY A 1 52 ? 4.876   -9.283  -4.934  1.00 54.62  ? 49  MLY A CA  1 
HETATM 386 C  CB  . MLY A 1 52 ? 4.133   -10.549 -4.502  1.00 62.42  ? 49  MLY A CB  1 
HETATM 387 C  CG  . MLY A 1 52 ? 4.787   -11.842 -5.010  1.00 71.93  ? 49  MLY A CG  1 
HETATM 388 C  CD  . MLY A 1 52 ? 4.026   -13.037 -4.398  1.00 85.64  ? 49  MLY A CD  1 
HETATM 389 C  CE  . MLY A 1 52 ? 4.563   -14.435 -4.778  1.00 97.47  ? 49  MLY A CE  1 
HETATM 390 N  NZ  . MLY A 1 52 ? 3.697   -15.555 -4.300  1.00 105.10 ? 49  MLY A NZ  1 
HETATM 391 C  CH1 . MLY A 1 52 ? 3.212   -15.402 -2.888  1.00 106.64 ? 49  MLY A CH1 1 
HETATM 392 C  CH2 . MLY A 1 52 ? 2.576   -15.727 -5.253  1.00 106.93 ? 49  MLY A CH2 1 
HETATM 393 C  C   . MLY A 1 52 ? 3.961   -8.105  -4.711  1.00 51.81  ? 49  MLY A C   1 
HETATM 394 O  O   . MLY A 1 52 ? 3.335   -7.611  -5.648  1.00 52.98  ? 49  MLY A O   1 
ATOM   395 N  N   . ILE A 1 53 ? 3.814   -7.689  -3.459  1.00 49.04  ? 50  ILE A N   1 
ATOM   396 C  CA  . ILE A 1 53 ? 3.020   -6.479  -3.155  1.00 48.08  ? 50  ILE A CA  1 
ATOM   397 C  C   . ILE A 1 53 ? 3.543   -5.264  -3.927  1.00 49.23  ? 50  ILE A C   1 
ATOM   398 O  O   . ILE A 1 53 ? 2.771   -4.539  -4.575  1.00 47.35  ? 50  ILE A O   1 
ATOM   399 C  CB  . ILE A 1 53 ? 3.015   -6.178  -1.639  1.00 47.95  ? 50  ILE A CB  1 
ATOM   400 C  CG1 . ILE A 1 53 ? 2.158   -7.214  -0.896  1.00 48.96  ? 50  ILE A CG1 1 
ATOM   401 C  CG2 . ILE A 1 53 ? 2.535   -4.759  -1.346  1.00 48.26  ? 50  ILE A CG2 1 
ATOM   402 C  CD1 . ILE A 1 53 ? 2.377   -7.257  0.609   1.00 49.65  ? 50  ILE A CD1 1 
ATOM   403 N  N   . THR A 1 54 ? 4.855   -5.056  -3.887  1.00 47.61  ? 51  THR A N   1 
ATOM   404 C  CA  . THR A 1 54 ? 5.414   -3.893  -4.551  1.00 44.83  ? 51  THR A CA  1 
ATOM   405 C  C   . THR A 1 54 ? 5.222   -3.968  -6.075  1.00 46.13  ? 51  THR A C   1 
ATOM   406 O  O   . THR A 1 54 ? 4.814   -2.986  -6.721  1.00 44.52  ? 51  THR A O   1 
ATOM   407 C  CB  . THR A 1 54 ? 6.876   -3.678  -4.114  1.00 45.10  ? 51  THR A CB  1 
ATOM   408 O  OG1 . THR A 1 54 ? 6.895   -3.570  -2.660  1.00 45.50  ? 51  THR A OG1 1 
ATOM   409 C  CG2 . THR A 1 54 ? 7.453   -2.402  -4.827  1.00 48.32  ? 51  THR A CG2 1 
ATOM   410 N  N   . ASN A 1 55 ? 5.534   -5.105  -6.670  1.00 46.87  ? 52  ASN A N   1 
ATOM   411 C  CA  . ASN A 1 55 ? 5.287   -5.283  -8.086  1.00 48.66  ? 52  ASN A CA  1 
ATOM   412 C  C   . ASN A 1 55 ? 3.860   -4.890  -8.473  1.00 49.27  ? 52  ASN A C   1 
ATOM   413 O  O   . ASN A 1 55 ? 3.641   -4.244  -9.492  1.00 49.81  ? 52  ASN A O   1 
ATOM   414 C  CB  . ASN A 1 55 ? 5.472   -6.734  -8.481  1.00 54.06  ? 52  ASN A CB  1 
ATOM   415 C  CG  . ASN A 1 55 ? 6.920   -7.156  -8.581  1.00 62.96  ? 52  ASN A CG  1 
ATOM   416 O  OD1 . ASN A 1 55 ? 7.847   -6.356  -8.659  1.00 57.94  ? 52  ASN A OD1 1 
ATOM   417 N  ND2 . ASN A 1 55 ? 7.118   -8.466  -8.592  1.00 72.69  ? 52  ASN A ND2 1 
ATOM   418 N  N   . ARG A 1 56 ? 2.890   -5.307  -7.676  1.00 49.77  ? 53  ARG A N   1 
ATOM   419 C  CA  . ARG A 1 56 ? 1.481   -5.054  -7.969  1.00 51.29  ? 53  ARG A CA  1 
ATOM   420 C  C   . ARG A 1 56 ? 1.077   -3.631  -7.731  1.00 51.86  ? 53  ARG A C   1 
ATOM   421 O  O   . ARG A 1 56 ? 0.253   -3.085  -8.445  1.00 53.93  ? 53  ARG A O   1 
ATOM   422 C  CB  . ARG A 1 56 ? 0.613   -5.990  -7.120  1.00 57.60  ? 53  ARG A CB  1 
ATOM   423 C  CG  . ARG A 1 56 ? 0.747   -7.423  -7.634  1.00 65.56  ? 53  ARG A CG  1 
ATOM   424 C  CD  . ARG A 1 56 ? -0.397  -8.336  -7.297  1.00 74.29  ? 53  ARG A CD  1 
ATOM   425 N  NE  . ARG A 1 56 ? -1.706  -7.756  -7.593  1.00 78.46  ? 53  ARG A NE  1 
ATOM   426 C  CZ  . ARG A 1 56 ? -2.824  -8.097  -6.951  1.00 81.20  ? 53  ARG A CZ  1 
ATOM   427 N  NH1 . ARG A 1 56 ? -2.827  -9.011  -5.971  1.00 84.89  ? 53  ARG A NH1 1 
ATOM   428 N  NH2 . ARG A 1 56 ? -3.951  -7.505  -7.276  1.00 84.35  ? 53  ARG A NH2 1 
ATOM   429 N  N   . VAL A 1 57 ? 1.644   -3.013  -6.707  1.00 44.19  ? 54  VAL A N   1 
ATOM   430 C  CA  . VAL A 1 57 ? 1.331   -1.591  -6.475  1.00 45.00  ? 54  VAL A CA  1 
ATOM   431 C  C   . VAL A 1 57 ? 1.948   -0.757  -7.626  1.00 44.68  ? 54  VAL A C   1 
ATOM   432 O  O   . VAL A 1 57 ? 1.336   0.185   -8.093  1.00 46.46  ? 54  VAL A O   1 
ATOM   433 C  CB  . VAL A 1 57 ? 1.801   -1.099  -5.083  1.00 40.59  ? 54  VAL A CB  1 
ATOM   434 C  CG1 . VAL A 1 57 ? 1.609   0.399   -4.957  1.00 43.13  ? 54  VAL A CG1 1 
ATOM   435 C  CG2 . VAL A 1 57 ? 1.076   -1.801  -3.963  1.00 42.21  ? 54  VAL A CG2 1 
ATOM   436 N  N   . GLU A 1 58 ? 3.145   -1.116  -8.105  1.00 44.39  ? 55  GLU A N   1 
ATOM   437 C  CA  . GLU A 1 58 ? 3.735   -0.414  -9.206  1.00 46.69  ? 55  GLU A CA  1 
ATOM   438 C  C   . GLU A 1 58 ? 2.853   -0.541  -10.475 1.00 54.74  ? 55  GLU A C   1 
ATOM   439 O  O   . GLU A 1 58 ? 2.680   0.437   -11.229 1.00 55.65  ? 55  GLU A O   1 
ATOM   440 C  CB  . GLU A 1 58 ? 5.131   -0.982  -9.559  1.00 51.34  ? 55  GLU A CB  1 
ATOM   441 C  CG  . GLU A 1 58 ? 6.311   -0.659  -8.634  1.00 49.01  ? 55  GLU A CG  1 
ATOM   442 C  CD  . GLU A 1 58 ? 7.601   -1.415  -9.067  1.00 54.82  ? 55  GLU A CD  1 
ATOM   443 O  OE1 . GLU A 1 58 ? 7.553   -2.662  -9.163  1.00 55.77  ? 55  GLU A OE1 1 
ATOM   444 O  OE2 . GLU A 1 58 ? 8.668   -0.810  -9.299  1.00 56.53  ? 55  GLU A OE2 1 
ATOM   445 N  N   . GLU A 1 59 ? 2.350   -1.741  -10.752 1.00 57.77  ? 56  GLU A N   1 
ATOM   446 C  CA  . GLU A 1 59 ? 1.428   -1.919  -11.901 1.00 62.46  ? 56  GLU A CA  1 
ATOM   447 C  C   . GLU A 1 59 ? 0.196   -1.057  -11.632 1.00 58.30  ? 56  GLU A C   1 
ATOM   448 O  O   . GLU A 1 59 ? -0.243  -0.348  -12.498 1.00 61.08  ? 56  GLU A O   1 
ATOM   449 C  CB  . GLU A 1 59 ? 1.037   -3.384  -12.118 1.00 65.85  ? 56  GLU A CB  1 
ATOM   450 C  CG  . GLU A 1 59 ? 2.102   -4.206  -12.837 1.00 81.80  ? 56  GLU A CG  1 
ATOM   451 C  CD  . GLU A 1 59 ? 2.190   -5.665  -12.381 1.00 90.12  ? 56  GLU A CD  1 
ATOM   452 O  OE1 . GLU A 1 59 ? 1.162   -6.181  -11.877 1.00 91.10  ? 56  GLU A OE1 1 
ATOM   453 O  OE2 . GLU A 1 59 ? 3.291   -6.291  -12.521 1.00 91.11  ? 56  GLU A OE2 1 
ATOM   454 N  N   . LEU A 1 60 ? -0.319  -1.065  -10.413 1.00 56.86  ? 57  LEU A N   1 
ATOM   455 C  CA  . LEU A 1 60 ? -1.513  -0.256  -10.076 1.00 55.43  ? 57  LEU A CA  1 
ATOM   456 C  C   . LEU A 1 60 ? -1.416  1.248   -10.387 1.00 61.88  ? 57  LEU A C   1 
ATOM   457 O  O   . LEU A 1 60 ? -2.351  1.816   -10.938 1.00 65.36  ? 57  LEU A O   1 
ATOM   458 C  CB  . LEU A 1 60 ? -1.851  -0.461  -8.634  1.00 54.20  ? 57  LEU A CB  1 
ATOM   459 C  CG  . LEU A 1 60 ? -3.020  0.319   -8.027  1.00 53.85  ? 57  LEU A CG  1 
ATOM   460 C  CD1 . LEU A 1 60 ? -4.301  -0.156  -8.656  1.00 62.46  ? 57  LEU A CD1 1 
ATOM   461 C  CD2 . LEU A 1 60 ? -3.092  0.150   -6.547  1.00 51.72  ? 57  LEU A CD2 1 
ATOM   462 N  N   . VAL A 1 61 ? -0.283  1.881   -10.049 1.00 57.61  ? 58  VAL A N   1 
ATOM   463 C  CA  . VAL A 1 61 ? -0.093  3.352   -10.181 1.00 53.92  ? 58  VAL A CA  1 
ATOM   464 C  C   . VAL A 1 61 ? 0.745   3.681   -11.403 1.00 55.13  ? 58  VAL A C   1 
ATOM   465 O  O   . VAL A 1 61 ? 1.011   4.834   -11.718 1.00 60.57  ? 58  VAL A O   1 
ATOM   466 C  CB  . VAL A 1 61 ? 0.511   3.939   -8.875  1.00 54.01  ? 58  VAL A CB  1 
ATOM   467 C  CG1 . VAL A 1 61 ? -0.356  3.541   -7.672  1.00 51.20  ? 58  VAL A CG1 1 
ATOM   468 C  CG2 . VAL A 1 61 ? 1.931   3.408   -8.581  1.00 50.46  ? 58  VAL A CG2 1 
ATOM   469 N  N   . ASP A 1 62 ? 1.146   2.631   -12.107 1.00 58.18  ? 59  ASP A N   1 
ATOM   470 C  CA  . ASP A 1 62 ? 1.962   2.717   -13.312 1.00 59.59  ? 59  ASP A CA  1 
ATOM   471 C  C   . ASP A 1 62 ? 3.235   3.536   -13.103 1.00 60.90  ? 59  ASP A C   1 
ATOM   472 O  O   . ASP A 1 62 ? 3.557   4.433   -13.865 1.00 66.98  ? 59  ASP A O   1 
ATOM   473 C  CB  . ASP A 1 62 ? 1.173   3.257   -14.504 1.00 70.29  ? 59  ASP A CB  1 
ATOM   474 C  CG  . ASP A 1 62 ? 1.959   3.100   -15.825 1.00 81.73  ? 59  ASP A CG  1 
ATOM   475 O  OD1 . ASP A 1 62 ? 2.617   2.032   -15.996 1.00 82.49  ? 59  ASP A OD1 1 
ATOM   476 O  OD2 . ASP A 1 62 ? 1.955   4.035   -16.665 1.00 86.11  ? 59  ASP A OD2 1 
ATOM   477 N  N   . ALA A 1 63 ? 3.987   3.185   -12.079 1.00 58.14  ? 60  ALA A N   1 
ATOM   478 C  CA  . ALA A 1 63 ? 5.222   3.871   -11.739 1.00 58.23  ? 60  ALA A CA  1 
ATOM   479 C  C   . ALA A 1 63 ? 6.098   2.915   -10.964 1.00 55.08  ? 60  ALA A C   1 
ATOM   480 O  O   . ALA A 1 63 ? 5.592   2.154   -10.163 1.00 51.08  ? 60  ALA A O   1 
ATOM   481 C  CB  . ALA A 1 63 ? 4.924   5.075   -10.873 1.00 59.88  ? 60  ALA A CB  1 
ATOM   482 N  N   . GLU A 1 64 ? 7.411   3.007   -11.153 1.00 54.20  ? 61  GLU A N   1 
ATOM   483 C  CA  . GLU A 1 64 ? 8.368   2.159   -10.447 1.00 61.02  ? 61  GLU A CA  1 
ATOM   484 C  C   . GLU A 1 64 ? 8.568   2.675   -9.003  1.00 54.58  ? 61  GLU A C   1 
ATOM   485 O  O   . GLU A 1 64 ? 8.545   3.843   -8.758  1.00 57.04  ? 61  GLU A O   1 
ATOM   486 C  CB  . GLU A 1 64 ? 9.682   2.030   -11.290 1.00 64.36  ? 61  GLU A CB  1 
ATOM   487 C  CG  . GLU A 1 64 ? 9.587   0.933   -12.407 1.00 73.52  ? 61  GLU A CG  1 
ATOM   488 C  CD  . GLU A 1 64 ? 10.901  0.680   -13.197 1.00 80.84  ? 61  GLU A CD  1 
ATOM   489 O  OE1 . GLU A 1 64 ? 11.795  1.530   -13.119 1.00 82.25  ? 61  GLU A OE1 1 
ATOM   490 O  OE2 . GLU A 1 64 ? 11.065  -0.360  -13.899 1.00 88.12  ? 61  GLU A OE2 1 
ATOM   491 N  N   . LEU A 1 65 ? 8.703   1.777   -8.058  1.00 48.73  ? 62  LEU A N   1 
ATOM   492 C  CA  . LEU A 1 65 ? 8.835   2.077   -6.654  1.00 47.25  ? 62  LEU A CA  1 
ATOM   493 C  C   . LEU A 1 65 ? 9.902   1.167   -6.036  1.00 50.62  ? 62  LEU A C   1 
ATOM   494 O  O   . LEU A 1 65 ? 9.910   -0.036  -6.288  1.00 50.57  ? 62  LEU A O   1 
ATOM   495 C  CB  . LEU A 1 65 ? 7.552   1.734   -5.944  1.00 45.69  ? 62  LEU A CB  1 
ATOM   496 C  CG  . LEU A 1 65 ? 6.301   2.475   -6.400  1.00 49.37  ? 62  LEU A CG  1 
ATOM   497 C  CD1 . LEU A 1 65 ? 5.109   1.797   -5.778  1.00 46.72  ? 62  LEU A CD1 1 
ATOM   498 C  CD2 . LEU A 1 65 ? 6.403   3.945   -6.027  1.00 53.93  ? 62  LEU A CD2 1 
ATOM   499 N  N   . SER A 1 66 ? 10.735  1.741   -5.179  1.00 48.61  ? 63  SER A N   1 
ATOM   500 C  CA  . SER A 1 66 ? 11.683  0.994   -4.397  1.00 44.85  ? 63  SER A CA  1 
ATOM   501 C  C   . SER A 1 66 ? 10.908  0.118   -3.484  1.00 45.88  ? 63  SER A C   1 
ATOM   502 O  O   . SER A 1 66 ? 9.794   0.447   -2.994  1.00 42.25  ? 63  SER A O   1 
ATOM   503 C  CB  . SER A 1 66 ? 12.628  1.939   -3.630  1.00 46.51  ? 63  SER A CB  1 
ATOM   504 O  OG  . SER A 1 66 ? 13.478  1.225   -2.752  1.00 49.04  ? 63  SER A OG  1 
ATOM   505 N  N   . ILE A 1 67 ? 11.478  -1.049  -3.237  1.00 50.33  ? 64  ILE A N   1 
ATOM   506 C  CA  . ILE A 1 67 ? 10.985  -1.953  -2.205  1.00 49.86  ? 64  ILE A CA  1 
ATOM   507 C  C   . ILE A 1 67 ? 11.048  -1.280  -0.793  1.00 51.47  ? 64  ILE A C   1 
ATOM   508 O  O   . ILE A 1 67 ? 10.280  -1.624  0.115   1.00 45.87  ? 64  ILE A O   1 
ATOM   509 C  CB  . ILE A 1 67 ? 11.826  -3.272  -2.214  1.00 55.25  ? 64  ILE A CB  1 
ATOM   510 C  CG1 . ILE A 1 67 ? 11.084  -4.400  -1.509  1.00 62.34  ? 64  ILE A CG1 1 
ATOM   511 C  CG2 . ILE A 1 67 ? 13.193  -3.076  -1.590  1.00 59.35  ? 64  ILE A CG2 1 
ATOM   512 C  CD1 . ILE A 1 67 ? 10.152  -5.112  -2.459  1.00 62.64  ? 64  ILE A CD1 1 
ATOM   513 N  N   . ARG A 1 68 ? 11.950  -0.317  -0.643  1.00 49.01  ? 65  ARG A N   1 
ATOM   514 C  CA  . ARG A 1 68 ? 12.033  0.501   0.584   1.00 53.22  ? 65  ARG A CA  1 
ATOM   515 C  C   . ARG A 1 68 ? 10.723  1.223   0.918   1.00 48.85  ? 65  ARG A C   1 
ATOM   516 O  O   . ARG A 1 68 ? 10.482  1.548   2.058   1.00 56.39  ? 65  ARG A O   1 
ATOM   517 C  CB  . ARG A 1 68 ? 13.092  1.578   0.428   1.00 49.51  ? 65  ARG A CB  1 
ATOM   518 C  CG  . ARG A 1 68 ? 14.494  1.134   0.389   1.00 56.48  ? 65  ARG A CG  1 
ATOM   519 C  CD  . ARG A 1 68 ? 15.315  2.358   0.015   1.00 58.41  ? 65  ARG A CD  1 
ATOM   520 N  NE  . ARG A 1 68 ? 16.674  1.991   -0.193  1.00 63.43  ? 65  ARG A NE  1 
ATOM   521 C  CZ  . ARG A 1 68 ? 17.588  1.866   0.766   1.00 73.20  ? 65  ARG A CZ  1 
ATOM   522 N  NH1 . ARG A 1 68 ? 17.238  2.066   2.025   1.00 78.44  ? 65  ARG A NH1 1 
ATOM   523 N  NH2 . ARG A 1 68 ? 18.857  1.534   0.480   1.00 70.73  ? 65  ARG A NH2 1 
ATOM   524 N  N   . VAL A 1 69 ? 9.874   1.446   -0.061  1.00 48.29  ? 66  VAL A N   1 
ATOM   525 C  CA  . VAL A 1 69 ? 8.653   2.156   0.180   1.00 51.02  ? 66  VAL A CA  1 
ATOM   526 C  C   . VAL A 1 69 ? 7.770   1.281   1.123   1.00 57.94  ? 66  VAL A C   1 
ATOM   527 O  O   . VAL A 1 69 ? 7.333   1.745   2.172   1.00 63.52  ? 66  VAL A O   1 
ATOM   528 C  CB  . VAL A 1 69 ? 7.967   2.524   -1.101  1.00 47.50  ? 66  VAL A CB  1 
ATOM   529 C  CG1 . VAL A 1 69 ? 6.587   3.115   -0.839  1.00 55.00  ? 66  VAL A CG1 1 
ATOM   530 C  CG2 . VAL A 1 69 ? 8.827   3.485   -1.948  1.00 54.33  ? 66  VAL A CG2 1 
ATOM   531 N  N   . LEU A 1 70 ? 7.613   0.006   0.827   1.00 51.19  ? 67  LEU A N   1 
ATOM   532 C  CA  . LEU A 1 70 ? 6.923   -0.896  1.754   1.00 46.61  ? 67  LEU A CA  1 
ATOM   533 C  C   . LEU A 1 70 ? 7.726   -1.112  3.030   1.00 49.94  ? 67  LEU A C   1 
ATOM   534 O  O   . LEU A 1 70 ? 7.179   -1.105  4.128   1.00 47.90  ? 67  LEU A O   1 
ATOM   535 C  CB  . LEU A 1 70 ? 6.648   -2.248  1.094   1.00 50.11  ? 67  LEU A CB  1 
ATOM   536 C  CG  . LEU A 1 70 ? 5.877   -3.376  1.835   1.00 51.08  ? 67  LEU A CG  1 
ATOM   537 C  CD1 . LEU A 1 70 ? 5.489   -4.432  0.811   1.00 57.59  ? 67  LEU A CD1 1 
ATOM   538 C  CD2 . LEU A 1 70 ? 6.737   -4.089  2.833   1.00 60.46  ? 67  LEU A CD2 1 
ATOM   539 N  N   . LEU A 1 71 ? 9.021   -1.390  2.888   1.00 48.35  ? 68  LEU A N   1 
ATOM   540 C  CA  . LEU A 1 71 ? 9.782   -1.906  4.017   1.00 51.87  ? 68  LEU A CA  1 
ATOM   541 C  C   . LEU A 1 71 ? 10.157  -0.823  5.001   1.00 53.92  ? 68  LEU A C   1 
ATOM   542 O  O   . LEU A 1 71 ? 10.489  -1.139  6.126   1.00 52.22  ? 68  LEU A O   1 
ATOM   543 C  CB  . LEU A 1 71 ? 11.034  -2.669  3.579   1.00 52.32  ? 68  LEU A CB  1 
ATOM   544 C  CG  . LEU A 1 71 ? 10.750  -3.982  2.819   1.00 52.89  ? 68  LEU A CG  1 
ATOM   545 C  CD1 . LEU A 1 71 ? 12.073  -4.598  2.336   1.00 54.89  ? 68  LEU A CD1 1 
ATOM   546 C  CD2 . LEU A 1 71 ? 9.990   -4.944  3.724   1.00 57.80  ? 68  LEU A CD2 1 
ATOM   547 N  N   . GLU A 1 72 ? 10.068  0.441   4.603   1.00 47.72  ? 69  GLU A N   1 
ATOM   548 C  CA  . GLU A 1 72 ? 10.368  1.550   5.528   1.00 52.73  ? 69  GLU A CA  1 
ATOM   549 C  C   . GLU A 1 72 ? 9.097   2.207   6.093   1.00 51.87  ? 69  GLU A C   1 
ATOM   550 O  O   . GLU A 1 72 ? 9.146   2.902   7.104   1.00 53.75  ? 69  GLU A O   1 
ATOM   551 C  CB  . GLU A 1 72 ? 11.274  2.593   4.847   1.00 53.27  ? 69  GLU A CB  1 
ATOM   552 C  CG  . GLU A 1 72 ? 12.674  2.023   4.666   1.00 57.40  ? 69  GLU A CG  1 
ATOM   553 C  CD  . GLU A 1 72 ? 13.626  2.981   3.955   1.00 62.73  ? 69  GLU A CD  1 
ATOM   554 O  OE1 . GLU A 1 72 ? 13.202  4.111   3.627   1.00 68.82  ? 69  GLU A OE1 1 
ATOM   555 O  OE2 . GLU A 1 72 ? 14.785  2.563   3.723   1.00 68.83  ? 69  GLU A OE2 1 
ATOM   556 N  N   . THR A 1 73 ? 7.953   1.976   5.455   1.00 46.81  ? 70  THR A N   1 
ATOM   557 C  CA  . THR A 1 73 ? 6.706   2.509   5.990   1.00 48.30  ? 70  THR A CA  1 
ATOM   558 C  C   . THR A 1 73 ? 5.964   1.435   6.797   1.00 51.63  ? 70  THR A C   1 
ATOM   559 O  O   . THR A 1 73 ? 5.434   1.731   7.834   1.00 55.97  ? 70  THR A O   1 
ATOM   560 C  CB  . THR A 1 73 ? 5.800   3.035   4.912   1.00 44.26  ? 70  THR A CB  1 
ATOM   561 O  OG1 . THR A 1 73 ? 5.449   1.960   4.014   1.00 41.86  ? 70  THR A OG1 1 
ATOM   562 C  CG2 . THR A 1 73 ? 6.434   4.191   4.211   1.00 48.19  ? 70  THR A CG2 1 
ATOM   563 N  N   . ARG A 1 74 ? 5.946   0.203   6.273   1.00 50.69  ? 71  ARG A N   1 
ATOM   564 C  CA  . ARG A 1 74 ? 5.486   -1.005  6.945   1.00 52.13  ? 71  ARG A CA  1 
ATOM   565 C  C   . ARG A 1 74 ? 3.984   -1.119  7.205   1.00 50.44  ? 71  ARG A C   1 
ATOM   566 O  O   . ARG A 1 74 ? 3.570   -2.121  7.761   1.00 50.89  ? 71  ARG A O   1 
ATOM   567 C  CB  . ARG A 1 74 ? 6.221   -1.214  8.275   1.00 61.47  ? 71  ARG A CB  1 
ATOM   568 C  CG  . ARG A 1 74 ? 7.707   -0.946  8.222   1.00 69.24  ? 71  ARG A CG  1 
ATOM   569 C  CD  . ARG A 1 74 ? 8.490   -1.902  9.054   1.00 73.58  ? 71  ARG A CD  1 
ATOM   570 N  NE  . ARG A 1 74 ? 9.060   -2.992  8.245   1.00 84.66  ? 71  ARG A NE  1 
ATOM   571 C  CZ  . ARG A 1 74 ? 8.899   -4.296  8.486   1.00 101.97 ? 71  ARG A CZ  1 
ATOM   572 N  NH1 . ARG A 1 74 ? 8.124   -4.704  9.498   1.00 104.04 ? 71  ARG A NH1 1 
ATOM   573 N  NH2 . ARG A 1 74 ? 9.510   -5.209  7.713   1.00 107.28 ? 71  ARG A NH2 1 
ATOM   574 N  N   . THR A 1 75 ? 3.174   -0.110  6.892   1.00 45.24  ? 72  THR A N   1 
ATOM   575 C  CA  . THR A 1 75 ? 1.719   -0.241  6.962   1.00 44.20  ? 72  THR A CA  1 
ATOM   576 C  C   . THR A 1 75 ? 1.135   0.107   5.608   1.00 44.24  ? 72  THR A C   1 
ATOM   577 O  O   . THR A 1 75 ? 1.794   0.764   4.760   1.00 40.88  ? 72  THR A O   1 
ATOM   578 C  CB  . THR A 1 75 ? 1.076   0.613   8.036   1.00 46.41  ? 72  THR A CB  1 
ATOM   579 O  OG1 . THR A 1 75 ? 1.230   2.012   7.719   1.00 46.06  ? 72  THR A OG1 1 
ATOM   580 C  CG2 . THR A 1 75 ? 1.694   0.295   9.407   1.00 51.53  ? 72  THR A CG2 1 
ATOM   581 N  N   . VAL A 1 76 ? -0.092  -0.340  5.379   1.00 41.31  ? 73  VAL A N   1 
ATOM   582 C  CA  . VAL A 1 76 ? -0.782  0.014   4.163   1.00 42.73  ? 73  VAL A CA  1 
ATOM   583 C  C   . VAL A 1 76 ? -0.967  1.541   4.102   1.00 44.75  ? 73  VAL A C   1 
ATOM   584 O  O   . VAL A 1 76 ? -0.750  2.137   3.040   1.00 41.72  ? 73  VAL A O   1 
ATOM   585 C  CB  . VAL A 1 76 ? -2.166  -0.644  4.109   1.00 41.90  ? 73  VAL A CB  1 
ATOM   586 C  CG1 . VAL A 1 76 ? -3.089  0.059   3.119   1.00 43.45  ? 73  VAL A CG1 1 
ATOM   587 C  CG2 . VAL A 1 76 ? -2.071  -2.151  3.841   1.00 45.58  ? 73  VAL A CG2 1 
ATOM   588 N  N   . ALA A 1 77 ? -1.426  2.162   5.204   1.00 43.50  ? 74  ALA A N   1 
ATOM   589 C  CA  . ALA A 1 77 ? -1.623  3.652   5.206   1.00 45.02  ? 74  ALA A CA  1 
ATOM   590 C  C   . ALA A 1 77 ? -0.310  4.441   4.955   1.00 45.35  ? 74  ALA A C   1 
ATOM   591 O  O   . ALA A 1 77 ? -0.314  5.454   4.258   1.00 43.24  ? 74  ALA A O   1 
ATOM   592 C  CB  . ALA A 1 77 ? -2.252  4.126   6.493   1.00 45.92  ? 74  ALA A CB  1 
ATOM   593 N  N   . GLY A 1 78 ? 0.774   3.975   5.566   1.00 41.91  ? 75  GLY A N   1 
ATOM   594 C  CA  . GLY A 1 78 ? 2.099   4.560   5.421   1.00 42.80  ? 75  GLY A CA  1 
ATOM   595 C  C   . GLY A 1 78 ? 2.551   4.463   3.982   1.00 43.03  ? 75  GLY A C   1 
ATOM   596 O  O   . GLY A 1 78 ? 2.980   5.446   3.413   1.00 41.75  ? 75  GLY A O   1 
HETATM 597 N  N   . MSE A 1 79 ? 2.401   3.280   3.390   1.00 42.04  ? 76  MSE A N   1 
HETATM 598 C  CA  . MSE A 1 79 ? 2.799   3.050   2.014   1.00 42.48  ? 76  MSE A CA  1 
HETATM 599 C  C   . MSE A 1 79 ? 2.000   3.897   1.089   1.00 44.20  ? 76  MSE A C   1 
HETATM 600 O  O   . MSE A 1 79 ? 2.543   4.476   0.130   1.00 41.09  ? 76  MSE A O   1 
HETATM 601 C  CB  . MSE A 1 79 ? 2.725   1.576   1.667   1.00 43.33  ? 76  MSE A CB  1 
HETATM 602 C  CG  . MSE A 1 79 ? 3.151   1.293   0.216   1.00 44.84  ? 76  MSE A CG  1 
HETATM 603 SE SE  . MSE A 1 79 ? 3.173   -0.683  -0.051  1.00 46.55  ? 76  MSE A SE  1 
HETATM 604 C  CE  . MSE A 1 79 ? 4.168   -0.579  -1.704  1.00 42.16  ? 76  MSE A CE  1 
ATOM   605 N  N   . THR A 1 80 ? 0.699   3.970   1.348   1.00 37.88  ? 77  THR A N   1 
ATOM   606 C  CA  . THR A 1 80 ? -0.220  4.780   0.559   1.00 40.49  ? 77  THR A CA  1 
ATOM   607 C  C   . THR A 1 80 ? 0.247   6.231   0.522   1.00 41.45  ? 77  THR A C   1 
ATOM   608 O  O   . THR A 1 80 ? 0.322   6.872   -0.539  1.00 40.71  ? 77  THR A O   1 
ATOM   609 C  CB  . THR A 1 80 ? -1.659  4.680   1.127   1.00 44.41  ? 77  THR A CB  1 
ATOM   610 O  OG1 . THR A 1 80 ? -2.100  3.328   0.970   1.00 41.60  ? 77  THR A OG1 1 
ATOM   611 C  CG2 . THR A 1 80 ? -2.607  5.589   0.352   1.00 47.15  ? 77  THR A CG2 1 
ATOM   612 N  N   . ASP A 1 81 ? 0.545   6.756   1.692   1.00 43.18  ? 78  ASP A N   1 
ATOM   613 C  CA  . ASP A 1 81 ? 0.973   8.136   1.814   1.00 50.07  ? 78  ASP A CA  1 
ATOM   614 C  C   . ASP A 1 81 ? 2.266   8.357   1.082   1.00 50.29  ? 78  ASP A C   1 
ATOM   615 O  O   . ASP A 1 81 ? 2.397   9.382   0.438   1.00 48.66  ? 78  ASP A O   1 
ATOM   616 C  CB  . ASP A 1 81 ? 1.115   8.569   3.283   1.00 53.93  ? 78  ASP A CB  1 
ATOM   617 C  CG  . ASP A 1 81 ? -0.258  8.924   3.933   1.00 60.94  ? 78  ASP A CG  1 
ATOM   618 O  OD1 . ASP A 1 81 ? -1.342  8.711   3.326   1.00 68.74  ? 78  ASP A OD1 1 
ATOM   619 O  OD2 . ASP A 1 81 ? -0.263  9.424   5.072   1.00 59.90  ? 78  ASP A OD2 1 
ATOM   620 N  N   A HIS A 1 82 ? 3.212   7.416   1.161   0.50 49.40  ? 79  HIS A N   1 
ATOM   621 N  N   B HIS A 1 82 ? 3.210   7.435   1.202   0.50 45.30  ? 79  HIS A N   1 
ATOM   622 C  CA  A HIS A 1 82 ? 4.558   7.527   0.538   0.50 54.28  ? 79  HIS A CA  1 
ATOM   623 C  CA  B HIS A 1 82 ? 4.441   7.641   0.496   0.50 46.64  ? 79  HIS A CA  1 
ATOM   624 C  C   A HIS A 1 82 ? 4.468   7.373   -0.986  0.50 55.45  ? 79  HIS A C   1 
ATOM   625 C  C   B HIS A 1 82 ? 4.082   7.695   -0.942  0.50 48.61  ? 79  HIS A C   1 
ATOM   626 O  O   A HIS A 1 82 ? 5.341   7.839   -1.737  0.50 52.74  ? 79  HIS A O   1 
ATOM   627 O  O   B HIS A 1 82 ? 4.298   8.725   -1.577  0.50 44.33  ? 79  HIS A O   1 
ATOM   628 C  CB  A HIS A 1 82 ? 5.452   6.387   1.064   0.50 57.56  ? 79  HIS A CB  1 
ATOM   629 C  CB  B HIS A 1 82 ? 5.490   6.552   0.678   0.50 45.52  ? 79  HIS A CB  1 
ATOM   630 C  CG  A HIS A 1 82 ? 6.783   6.795   1.659   0.50 60.13  ? 79  HIS A CG  1 
ATOM   631 C  CG  B HIS A 1 82 ? 6.786   6.904   0.027   0.50 45.64  ? 79  HIS A CG  1 
ATOM   632 N  ND1 A HIS A 1 82 ? 6.953   7.890   2.479   0.50 67.75  ? 79  HIS A ND1 1 
ATOM   633 N  ND1 B HIS A 1 82 ? 7.791   7.564   0.696   0.50 50.60  ? 79  HIS A ND1 1 
ATOM   634 C  CD2 A HIS A 1 82 ? 7.982   6.153   1.651   0.50 64.30  ? 79  HIS A CD2 1 
ATOM   635 C  CD2 B HIS A 1 82 ? 7.204   6.777   -1.254  0.50 48.82  ? 79  HIS A CD2 1 
ATOM   636 C  CE1 A HIS A 1 82 ? 8.208   7.941   2.897   0.50 65.80  ? 79  HIS A CE1 1 
ATOM   637 C  CE1 B HIS A 1 82 ? 8.789   7.808   -0.141  0.50 53.52  ? 79  HIS A CE1 1 
ATOM   638 N  NE2 A HIS A 1 82 ? 8.853   6.897   2.408   0.50 67.63  ? 79  HIS A NE2 1 
ATOM   639 N  NE2 B HIS A 1 82 ? 8.445   7.369   -1.336  0.50 52.10  ? 79  HIS A NE2 1 
ATOM   640 N  N   . VAL A 1 83 ? 3.480   6.609   -1.451  1.00 49.28  ? 80  VAL A N   1 
ATOM   641 C  CA  . VAL A 1 83 ? 3.184   6.537   -2.876  1.00 49.19  ? 80  VAL A CA  1 
ATOM   642 C  C   . VAL A 1 83 ? 2.390   7.786   -3.300  1.00 53.59  ? 80  VAL A C   1 
ATOM   643 O  O   . VAL A 1 83 ? 2.728   8.383   -4.261  1.00 61.89  ? 80  VAL A O   1 
ATOM   644 C  CB  . VAL A 1 83 ? 2.440   5.238   -3.247  1.00 46.98  ? 80  VAL A CB  1 
ATOM   645 C  CG1 . VAL A 1 83 ? 1.960   5.272   -4.673  1.00 48.32  ? 80  VAL A CG1 1 
ATOM   646 C  CG2 . VAL A 1 83 ? 3.264   3.996   -2.943  1.00 46.08  ? 80  VAL A CG2 1 
ATOM   647 N  N   . HIS A 1 84 ? 1.333   8.165   -2.581  1.00 60.30  ? 81  HIS A N   1 
ATOM   648 C  CA  . HIS A 1 84 ? 0.397   9.299   -2.950  1.00 64.93  ? 81  HIS A CA  1 
ATOM   649 C  C   . HIS A 1 84 ? 1.081   10.624  -3.077  1.00 74.08  ? 81  HIS A C   1 
ATOM   650 O  O   . HIS A 1 84 ? 0.536   11.535  -3.788  1.00 70.07  ? 81  HIS A O   1 
ATOM   651 C  CB  . HIS A 1 84 ? -0.849  9.391   -1.958  1.00 74.77  ? 81  HIS A CB  1 
ATOM   652 C  CG  . HIS A 1 84 ? -1.746  10.612  -2.126  1.00 86.37  ? 81  HIS A CG  1 
ATOM   653 N  ND1 . HIS A 1 84 ? -2.790  10.677  -3.039  1.00 86.48  ? 81  HIS A ND1 1 
ATOM   654 C  CD2 . HIS A 1 84 ? -1.788  11.786  -1.436  1.00 89.18  ? 81  HIS A CD2 1 
ATOM   655 C  CE1 . HIS A 1 84 ? -3.405  11.848  -2.920  1.00 86.79  ? 81  HIS A CE1 1 
ATOM   656 N  NE2 . HIS A 1 84 ? -2.821  12.536  -1.956  1.00 88.66  ? 81  HIS A NE2 1 
ATOM   657 N  N   . ALA A 1 85 ? 2.240   10.701  -2.381  1.00 78.78  ? 82  ALA A N   1 
ATOM   658 C  CA  . ALA A 1 85 ? 3.201   11.819  -2.389  1.00 89.71  ? 82  ALA A CA  1 
ATOM   659 C  C   . ALA A 1 85 ? 3.930   11.880  -3.699  1.00 98.66  ? 82  ALA A C   1 
ATOM   660 O  O   . ALA A 1 85 ? 3.966   12.933  -4.358  1.00 121.54 ? 82  ALA A O   1 
ATOM   661 C  CB  . ALA A 1 85 ? 4.233   11.696  -1.257  1.00 81.70  ? 82  ALA A CB  1 
ATOM   662 N  N   . THR A 1 86 ? 4.557   10.770  -4.048  1.00 94.28  ? 83  THR A N   1 
ATOM   663 C  CA  . THR A 1 86 ? 5.255   10.619  -5.329  1.00 96.36  ? 83  THR A CA  1 
ATOM   664 C  C   . THR A 1 86 ? 4.402   11.092  -6.543  1.00 99.85  ? 83  THR A C   1 
ATOM   665 O  O   . THR A 1 86 ? 4.797   11.945  -7.357  1.00 86.86  ? 83  THR A O   1 
ATOM   666 C  CB  . THR A 1 86 ? 5.621   9.148   -5.457  1.00 88.43  ? 83  THR A CB  1 
ATOM   667 O  OG1 . THR A 1 86 ? 6.589   8.851   -4.440  1.00 78.09  ? 83  THR A OG1 1 
ATOM   668 C  CG2 . THR A 1 86 ? 6.112   8.810   -6.858  1.00 94.70  ? 83  THR A CG2 1 
ATOM   669 N  N   . LEU A 1 87 ? 3.192   10.560  -6.609  1.00 102.45 ? 84  LEU A N   1 
ATOM   670 C  CA  . LEU A 1 87 ? 2.176   11.047  -7.544  1.00 109.22 ? 84  LEU A CA  1 
ATOM   671 C  C   . LEU A 1 87 ? 1.694   12.549  -7.333  1.00 108.95 ? 84  LEU A C   1 
ATOM   672 O  O   . LEU A 1 87 ? 0.821   12.976  -8.079  1.00 114.02 ? 84  LEU A O   1 
ATOM   673 C  CB  . LEU A 1 87 ? 0.938   10.077  -7.562  1.00 107.47 ? 84  LEU A CB  1 
ATOM   674 C  CG  . LEU A 1 87 ? 0.969   8.531   -7.324  1.00 100.00 ? 84  LEU A CG  1 
ATOM   675 C  CD1 . LEU A 1 87 ? -0.473  7.959   -7.312  1.00 91.26  ? 84  LEU A CD1 1 
ATOM   676 C  CD2 . LEU A 1 87 ? 1.934   7.757   -8.255  1.00 91.65  ? 84  LEU A CD2 1 
ATOM   677 N  N   . THR A 1 88 ? 2.239   13.326  -6.370  1.00 106.30 ? 85  THR A N   1 
ATOM   678 C  CA  . THR A 1 88 ? 1.787   14.722  -6.063  1.00 114.36 ? 85  THR A CA  1 
ATOM   679 C  C   . THR A 1 88 ? 2.993   15.675  -5.783  1.00 117.86 ? 85  THR A C   1 
ATOM   680 O  O   . THR A 1 88 ? 4.118   15.480  -6.272  1.00 114.01 ? 85  THR A O   1 
ATOM   681 C  CB  . THR A 1 88 ? 0.766   14.826  -4.847  1.00 110.44 ? 85  THR A CB  1 
ATOM   682 O  OG1 . THR A 1 88 ? -0.283  13.822  -4.886  1.00 95.43  ? 85  THR A OG1 1 
ATOM   683 C  CG2 . THR A 1 88 ? 0.122   16.237  -4.791  1.00 114.94 ? 85  THR A CG2 1 
HETATM 684 C  C1  . EDO B 2 .  ? 5.569   0.567   -14.187 1.00 72.03  ? 101 EDO A C1  1 
HETATM 685 O  O1  . EDO B 2 .  ? 6.724   0.448   -15.019 1.00 82.76  ? 101 EDO A O1  1 
HETATM 686 C  C2  . EDO B 2 .  ? 5.420   -0.762  -13.487 1.00 62.18  ? 101 EDO A C2  1 
HETATM 687 O  O2  . EDO B 2 .  ? 5.004   -1.772  -14.399 1.00 76.92  ? 101 EDO A O2  1 
HETATM 688 C  C5  . PG0 C 3 .  ? 17.279  -7.155  3.992   1.00 99.22  ? 102 PG0 A C5  1 
HETATM 689 O  O2  . PG0 C 3 .  ? 16.254  -8.106  3.635   1.00 108.82 ? 102 PG0 A O2  1 
HETATM 690 C  C4  . PG0 C 3 .  ? 14.955  -7.587  3.951   1.00 101.26 ? 102 PG0 A C4  1 
HETATM 691 C  C3  . PG0 C 3 .  ? 13.797  -8.596  3.851   1.00 97.19  ? 102 PG0 A C3  1 
HETATM 692 O  O1  . PG0 C 3 .  ? 12.738  -8.088  4.701   1.00 95.02  ? 102 PG0 A O1  1 
HETATM 693 C  C2  . PG0 C 3 .  ? 11.413  -8.657  4.599   1.00 89.77  ? 102 PG0 A C2  1 
HETATM 694 C  C1  . PG0 C 3 .  ? 10.782  -9.044  5.956   1.00 97.17  ? 102 PG0 A C1  1 
HETATM 695 O  OTT . PG0 C 3 .  ? 10.072  -7.982  6.653   1.00 96.49  ? 102 PG0 A OTT 1 
HETATM 696 O  O   . HOH D 4 .  ? 8.762   -4.197  -7.390  1.00 58.08  ? 201 HOH A O   1 
HETATM 697 O  O   . HOH D 4 .  ? 10.482  -2.710  -6.116  1.00 45.95  ? 202 HOH A O   1 
HETATM 698 O  O   . HOH D 4 .  ? 0.393   3.647   9.778   1.00 43.73  ? 203 HOH A O   1 
HETATM 699 O  O   . HOH D 4 .  ? 10.627  4.557   -4.791  1.00 48.61  ? 204 HOH A O   1 
HETATM 700 O  O   . HOH D 4 .  ? -1.272  -2.325  7.072   1.00 44.87  ? 205 HOH A O   1 
HETATM 701 O  O   . HOH D 4 .  ? 1.614   10.173  6.395   1.00 50.11  ? 206 HOH A O   1 
HETATM 702 O  O   . HOH D 4 .  ? -0.407  -10.702 -4.860  1.00 75.49  ? 207 HOH A O   1 
HETATM 703 O  O   . HOH D 4 .  ? -9.434  -2.981  0.409   1.00 56.02  ? 208 HOH A O   1 
HETATM 704 O  O   . HOH D 4 .  ? -10.158 1.972   -6.577  1.00 58.25  ? 209 HOH A O   1 
HETATM 705 O  O   . HOH D 4 .  ? 13.208  -2.406  -15.038 1.00 70.36  ? 210 HOH A O   1 
HETATM 706 O  O   . HOH D 4 .  ? -8.095  -5.380  2.471   1.00 69.47  ? 211 HOH A O   1 
HETATM 707 O  O   . HOH D 4 .  ? -3.138  4.077   -11.767 1.00 52.99  ? 212 HOH A O   1 
HETATM 708 O  O   . HOH D 4 .  ? 7.645   -0.886  -1.842  1.00 48.80  ? 213 HOH A O   1 
HETATM 709 O  O   . HOH D 4 .  ? 10.162  -7.783  -9.880  1.00 67.12  ? 214 HOH A O   1 
HETATM 710 O  O   . HOH D 4 .  ? 15.135  -0.456  3.706   1.00 70.79  ? 215 HOH A O   1 
HETATM 711 O  O   . HOH D 4 .  ? -1.964  -4.388  -9.598  1.00 62.60  ? 216 HOH A O   1 
HETATM 712 O  O   . HOH D 4 .  ? 6.068   -17.079 1.008   1.00 79.04  ? 217 HOH A O   1 
HETATM 713 O  O   . HOH D 4 .  ? -9.686  3.408   2.313   1.00 76.83  ? 218 HOH A O   1 
HETATM 714 O  O   . HOH D 4 .  ? 0.131   -0.324  -14.926 1.00 80.43  ? 219 HOH A O   1 
HETATM 715 O  O   . HOH D 4 .  ? -9.320  -7.218  0.865   1.00 83.05  ? 220 HOH A O   1 
HETATM 716 O  O   . HOH D 4 .  ? -12.906 11.395  1.817   1.00 80.99  ? 221 HOH A O   1 
HETATM 717 O  O   . HOH D 4 .  ? -8.000  8.156   5.694   1.00 80.08  ? 222 HOH A O   1 
HETATM 718 O  O   . HOH D 4 .  ? -3.400  8.851   -5.696  1.00 65.04  ? 223 HOH A O   1 
HETATM 719 O  O   . HOH D 4 .  ? -7.818  0.609   3.903   1.00 72.87  ? 224 HOH A O   1 
HETATM 720 O  O   . HOH D 4 .  ? -7.686  -1.630  5.128   1.00 80.82  ? 225 HOH A O   1 
HETATM 721 O  O   . HOH D 4 .  ? -8.138  10.458  6.984   1.00 80.83  ? 226 HOH A O   1 
HETATM 722 O  O   . HOH D 4 .  ? -5.928  12.933  3.245   1.00 81.19  ? 227 HOH A O   1 
HETATM 723 O  O   . HOH D 4 .  ? -8.343  -12.613 7.451   1.00 83.19  ? 228 HOH A O   1 
HETATM 724 O  O   . HOH D 4 .  ? -7.867  -11.758 0.141   1.00 90.10  ? 229 HOH A O   1 
HETATM 725 O  O   . HOH D 4 .  ? -8.721  12.774  7.633   1.00 72.27  ? 230 HOH A O   1 
HETATM 726 O  O   . HOH D 4 .  ? -11.252 -6.364  -1.775  1.00 79.14  ? 231 HOH A O   1 
# 
loop_
_atom_site_anisotrop.id 
_atom_site_anisotrop.type_symbol 
_atom_site_anisotrop.pdbx_label_atom_id 
_atom_site_anisotrop.pdbx_label_alt_id 
_atom_site_anisotrop.pdbx_label_comp_id 
_atom_site_anisotrop.pdbx_label_asym_id 
_atom_site_anisotrop.pdbx_label_seq_id 
_atom_site_anisotrop.pdbx_PDB_ins_code 
_atom_site_anisotrop.U[1][1] 
_atom_site_anisotrop.U[2][2] 
_atom_site_anisotrop.U[3][3] 
_atom_site_anisotrop.U[1][2] 
_atom_site_anisotrop.U[1][3] 
_atom_site_anisotrop.U[2][3] 
_atom_site_anisotrop.pdbx_auth_seq_id 
_atom_site_anisotrop.pdbx_auth_comp_id 
_atom_site_anisotrop.pdbx_auth_asym_id 
_atom_site_anisotrop.pdbx_auth_atom_id 
1   N  N   . ALA A 6  ? 1.9627 1.4606 1.8035 0.5359  -0.1953 -0.1283 3  ALA A N   
2   C  CA  . ALA A 6  ? 1.9313 1.3796 1.7671 0.4851  -0.1746 -0.0736 3  ALA A CA  
3   C  C   . ALA A 6  ? 1.7626 1.2897 1.6162 0.4187  -0.1632 -0.0873 3  ALA A C   
4   O  O   . ALA A 6  ? 1.7173 1.2938 1.5544 0.4035  -0.1529 -0.0583 3  ALA A O   
5   C  CB  . ALA A 6  ? 2.0051 1.3083 1.8571 0.4721  -0.1674 -0.0481 3  ALA A CB  
6   N  N   . PRO A 7  ? 1.6521 1.1926 1.5366 0.3837  -0.1656 -0.1322 4  PRO A N   
7   C  CA  . PRO A 7  ? 1.4234 1.0365 1.3194 0.3283  -0.1552 -0.1408 4  PRO A CA  
8   C  C   . PRO A 7  ? 1.2230 0.9608 1.1155 0.3325  -0.1562 -0.1707 4  PRO A C   
9   O  O   . PRO A 7  ? 1.0108 0.7990 0.9097 0.2892  -0.1452 -0.1691 4  PRO A O   
10  C  CB  . PRO A 7  ? 1.4426 1.0211 1.3673 0.2972  -0.1594 -0.1755 4  PRO A CB  
11  C  CG  . PRO A 7  ? 1.6013 1.1468 1.5294 0.3449  -0.1761 -0.2136 4  PRO A CG  
12  C  CD  . PRO A 7  ? 1.7214 1.2157 1.6277 0.3968  -0.1790 -0.1785 4  PRO A CD  
13  N  N   . ARG A 8  ? 1.0935 0.8815 0.9807 0.3814  -0.1677 -0.1973 5  ARG A N   
14  C  CA  . ARG A 8  ? 1.0139 0.9248 0.9042 0.3831  -0.1650 -0.2159 5  ARG A CA  
15  C  C   . ARG A 8  ? 0.9221 0.8551 0.7991 0.3638  -0.1560 -0.1770 5  ARG A C   
16  O  O   . ARG A 8  ? 0.7781 0.7715 0.6663 0.3240  -0.1445 -0.1807 5  ARG A O   
17  C  CB  . ARG A 8  ? 1.0274 0.9920 0.9185 0.4441  -0.1802 -0.2463 5  ARG A CB  
18  N  N   . GLY A 9  ? 0.9755 0.8537 0.8267 0.3946  -0.1604 -0.1389 6  GLY A N   
19  C  CA  . GLY A 9  ? 0.9457 0.8352 0.7766 0.3845  -0.1523 -0.1011 6  GLY A CA  
20  C  C   . GLY A 9  ? 0.8781 0.7484 0.7183 0.3240  -0.1344 -0.0816 6  GLY A C   
21  O  O   . GLY A 9  ? 0.8080 0.7364 0.6494 0.3004  -0.1270 -0.0800 6  GLY A O   
22  N  N   A GLU A 10 ? 0.9235 0.7152 0.7747 0.2982  -0.1282 -0.0703 7  GLU A N   
23  N  N   B GLU A 10 ? 0.9146 0.7048 0.7657 0.2998  -0.1286 -0.0707 7  GLU A N   
24  C  CA  A GLU A 10 ? 0.9067 0.6870 0.7692 0.2450  -0.1127 -0.0517 7  GLU A CA  
25  C  CA  B GLU A 10 ? 0.8936 0.6674 0.7585 0.2453  -0.1138 -0.0546 7  GLU A CA  
26  C  C   A GLU A 10 ? 0.8278 0.6803 0.7107 0.2104  -0.1098 -0.0854 7  GLU A C   
27  C  C   B GLU A 10 ? 0.8178 0.6705 0.6999 0.2126  -0.1103 -0.0856 7  GLU A C   
28  O  O   A GLU A 10 ? 0.7368 0.6146 0.6236 0.1770  -0.0986 -0.0733 7  GLU A O   
29  O  O   B GLU A 10 ? 0.7336 0.6142 0.6178 0.1820  -0.0992 -0.0722 7  GLU A O   
30  C  CB  A GLU A 10 ? 1.0256 0.7102 0.9026 0.2243  -0.1076 -0.0326 7  GLU A CB  
31  C  CB  B GLU A 10 ? 0.9745 0.6628 0.8597 0.2249  -0.1130 -0.0524 7  GLU A CB  
32  C  CG  A GLU A 10 ? 1.0180 0.6887 0.9022 0.1819  -0.0899 0.0021  7  GLU A CG  
33  C  CG  B GLU A 10 ? 0.9463 0.6498 0.8540 0.1708  -0.1039 -0.0559 7  GLU A CG  
34  C  CD  A GLU A 10 ? 1.0876 0.7309 0.9439 0.1999  -0.0772 0.0537  7  GLU A CD  
35  C  CD  B GLU A 10 ? 1.0331 0.6580 0.9640 0.1427  -0.0980 -0.0366 7  GLU A CD  
36  O  OE1 A GLU A 10 ? 1.1888 0.8125 1.0169 0.2471  -0.0832 0.0681  7  GLU A OE1 
37  O  OE1 B GLU A 10 ? 1.0812 0.6292 1.0190 0.1598  -0.1026 -0.0332 7  GLU A OE1 
38  O  OE2 A GLU A 10 ? 1.1139 0.7592 0.9742 0.1703  -0.0608 0.0812  7  GLU A OE2 
39  O  OE2 B GLU A 10 ? 0.9947 0.6359 0.9411 0.1034  -0.0885 -0.0263 7  GLU A OE2 
40  N  N   . ARG A 11 ? 0.8097 0.6958 0.7039 0.2208  -0.1181 -0.1258 8  ARG A N   
41  C  CA  . ARG A 11 ? 0.7998 0.7580 0.7078 0.1926  -0.1109 -0.1511 8  ARG A CA  
42  C  C   . ARG A 11 ? 0.6877 0.7204 0.5972 0.1912  -0.1050 -0.1514 8  ARG A C   
43  O  O   . ARG A 11 ? 0.6390 0.7031 0.5576 0.1575  -0.0932 -0.1486 8  ARG A O   
44  C  CB  . ARG A 11 ? 0.9126 0.9020 0.8287 0.2115  -0.1181 -0.1931 8  ARG A CB  
45  C  CG  . ARG A 11 ? 1.0506 1.1177 0.9776 0.1858  -0.1059 -0.2152 8  ARG A CG  
46  C  CD  . ARG A 11 ? 1.2146 1.3174 1.1451 0.2067  -0.1098 -0.2565 8  ARG A CD  
47  N  NE  . ARG A 11 ? 1.3292 1.4828 1.2678 0.2482  -0.1164 -0.2813 8  ARG A NE  
48  C  CZ  . ARG A 11 ? 1.5483 1.6752 1.4837 0.2939  -0.1325 -0.3028 8  ARG A CZ  
49  N  NH1 . ARG A 11 ? 1.6400 1.8273 1.5852 0.3335  -0.1386 -0.3256 8  ARG A NH1 
50  N  NH2 . ARG A 11 ? 1.5814 1.6227 1.5086 0.3019  -0.1436 -0.3050 8  ARG A NH2 
51  N  N   . THR A 12 ? 0.6930 0.7530 0.5958 0.2305  -0.1151 -0.1578 9  THR A N   
52  C  CA  . THR A 12 ? 0.6933 0.8287 0.6028 0.2316  -0.1142 -0.1661 9  THR A CA  
53  C  C   . THR A 12 ? 0.6872 0.7997 0.5842 0.2098  -0.1060 -0.1344 9  THR A C   
54  O  O   . THR A 12 ? 0.6385 0.7915 0.5510 0.1787  -0.0962 -0.1412 9  THR A O   
55  C  CB  . THR A 12 ? 0.7181 0.8867 0.6191 0.2863  -0.1317 -0.1792 9  THR A CB  
56  O  OG1 . THR A 12 ? 0.7427 0.9390 0.6603 0.3058  -0.1375 -0.2127 9  THR A OG1 
57  C  CG2 . THR A 12 ? 0.7056 0.9610 0.6175 0.2917  -0.1361 -0.1962 9  THR A CG2 
58  N  N   . ARG A 13 ? 0.7369 0.7805 0.6076 0.2242  -0.1071 -0.0987 10 ARG A N   
59  C  CA  . ARG A 13 ? 0.6946 0.7186 0.5526 0.2042  -0.0959 -0.0667 10 ARG A CA  
60  C  C   . ARG A 13 ? 0.6581 0.6819 0.5372 0.1541  -0.0820 -0.0667 10 ARG A C   
61  O  O   . ARG A 13 ? 0.6118 0.6668 0.4948 0.1357  -0.0744 -0.0662 10 ARG A O   
62  C  CB  . ARG A 13 ? 0.8200 0.7635 0.6530 0.2212  -0.0932 -0.0242 10 ARG A CB  
63  C  CG  . ARG A 13 ? 0.8502 0.7692 0.6755 0.1959  -0.0768 0.0108  10 ARG A CG  
64  C  CD  . ARG A 13 ? 0.9537 0.7949 0.7591 0.2111  -0.0691 0.0566  10 ARG A CD  
65  N  NE  . ARG A 13 ? 1.0446 0.8830 0.8419 0.1914  -0.0507 0.0894  10 ARG A NE  
66  C  CZ  . ARG A 13 ? 1.0971 0.8882 0.8728 0.2019  -0.0356 0.1378  10 ARG A CZ  
67  N  NH1 . ARG A 13 ? 1.1458 0.9529 0.9162 0.1843  -0.0174 0.1617  10 ARG A NH1 
68  N  NH2 . ARG A 13 ? 1.1178 0.8441 0.8792 0.2292  -0.0364 0.1627  10 ARG A NH2 
69  N  N   A ARG A 14 ? 0.6370 0.6258 0.5287 0.1343  -0.0798 -0.0694 11 ARG A N   
70  N  N   B ARG A 14 ? 0.6423 0.6318 0.5339 0.1351  -0.0801 -0.0699 11 ARG A N   
71  C  CA  A ARG A 14 ? 0.6644 0.6522 0.5709 0.0937  -0.0692 -0.0666 11 ARG A CA  
72  C  CA  B ARG A 14 ? 0.6467 0.6336 0.5535 0.0948  -0.0699 -0.0676 11 ARG A CA  
73  C  C   A ARG A 14 ? 0.6236 0.6738 0.5462 0.0760  -0.0631 -0.0910 11 ARG A C   
74  C  C   B ARG A 14 ? 0.6141 0.6628 0.5366 0.0759  -0.0632 -0.0910 11 ARG A C   
75  O  O   A ARG A 14 ? 0.5709 0.6286 0.5004 0.0508  -0.0529 -0.0826 11 ARG A O   
76  O  O   B ARG A 14 ? 0.5743 0.6288 0.5037 0.0499  -0.0530 -0.0820 11 ARG A O   
77  C  CB  A ARG A 14 ? 0.7277 0.6735 0.6431 0.0807  -0.0723 -0.0697 11 ARG A CB  
78  C  CB  B ARG A 14 ? 0.6787 0.6238 0.5932 0.0866  -0.0743 -0.0732 11 ARG A CB  
79  C  CG  A ARG A 14 ? 0.7201 0.6552 0.6466 0.0456  -0.0642 -0.0564 11 ARG A CG  
80  C  CG  B ARG A 14 ? 0.6487 0.6116 0.5749 0.0549  -0.0688 -0.0817 11 ARG A CG  
81  C  CD  A ARG A 14 ? 0.8058 0.7368 0.7415 0.0321  -0.0700 -0.0753 11 ARG A CD  
82  C  CD  B ARG A 14 ? 0.6691 0.6016 0.6015 0.0508  -0.0778 -0.0958 11 ARG A CD  
83  N  NE  A ARG A 14 ? 0.8723 0.8562 0.8040 0.0332  -0.0674 -0.0985 11 ARG A NE  
84  N  NE  B ARG A 14 ? 0.6875 0.6422 0.6165 0.0717  -0.0856 -0.1288 11 ARG A NE  
85  C  CZ  A ARG A 14 ? 0.7731 0.7906 0.7052 0.0136  -0.0572 -0.0963 11 ARG A CZ  
86  C  CZ  B ARG A 14 ? 0.6880 0.7045 0.6148 0.0734  -0.0790 -0.1468 11 ARG A CZ  
87  N  NH1 A ARG A 14 ? 0.6577 0.6648 0.5931 -0.0067 -0.0525 -0.0768 11 ARG A NH1 
88  N  NH1 B ARG A 14 ? 0.6713 0.7236 0.6011 0.0538  -0.0654 -0.1345 11 ARG A NH1 
89  N  NH2 A ARG A 14 ? 0.8818 0.9450 0.8120 0.0166  -0.0507 -0.1141 11 ARG A NH2 
90  N  NH2 B ARG A 14 ? 0.7216 0.7637 0.6467 0.0946  -0.0844 -0.1778 11 ARG A NH2 
91  N  N   . ARG A 15 ? 0.6011 0.6934 0.5323 0.0887  -0.0671 -0.1199 12 ARG A N   
92  C  CA  . ARG A 15 ? 0.6186 0.7714 0.5712 0.0682  -0.0560 -0.1400 12 ARG A CA  
93  C  C   . ARG A 15 ? 0.5717 0.7573 0.5357 0.0624  -0.0530 -0.1435 12 ARG A C   
94  O  O   . ARG A 15 ? 0.5331 0.7356 0.5155 0.0330  -0.0396 -0.1458 12 ARG A O   
95  C  CB  . ARG A 15 ? 0.6690 0.8744 0.6347 0.0844  -0.0581 -0.1717 12 ARG A CB  
96  C  CG  . ARG A 15 ? 0.9049 1.0945 0.8628 0.0809  -0.0559 -0.1761 12 ARG A CG  
97  C  CD  . ARG A 15 ? 1.0984 1.3394 1.0655 0.1057  -0.0589 -0.2090 12 ARG A CD  
98  N  NE  . ARG A 15 ? 1.2913 1.5278 1.2478 0.1043  -0.0560 -0.2189 12 ARG A NE  
99  C  CZ  . ARG A 15 ? 1.5330 1.8081 1.4919 0.1291  -0.0585 -0.2496 12 ARG A CZ  
100 N  NH1 . ARG A 15 ? 1.7026 1.9763 1.6469 0.1295  -0.0567 -0.2611 12 ARG A NH1 
101 N  NH2 . ARG A 15 ? 1.5277 1.8492 1.5033 0.1577  -0.0645 -0.2719 12 ARG A NH2 
102 N  N   . ALA A 16 ? 0.5515 0.7412 0.5026 0.0917  -0.0654 -0.1429 13 ALA A N   
103 C  CA  . ALA A 16 ? 0.5343 0.7595 0.4930 0.0900  -0.0661 -0.1525 13 ALA A CA  
104 C  C   . ALA A 16 ? 0.5957 0.7841 0.5490 0.0653  -0.0550 -0.1297 13 ALA A C   
105 O  O   . ALA A 16 ? 0.5411 0.7531 0.5161 0.0437  -0.0476 -0.1438 13 ALA A O   
106 C  CB  . ALA A 16 ? 0.5845 0.8257 0.5196 0.1341  -0.0832 -0.1537 13 ALA A CB  
107 N  N   . LEU A 17 ? 0.5706 0.7019 0.5015 0.0663  -0.0529 -0.0970 14 LEU A N   
108 C  CA  . LEU A 17 ? 0.5388 0.6435 0.4691 0.0446  -0.0420 -0.0769 14 LEU A CA  
109 C  C   . LEU A 17 ? 0.5305 0.6340 0.4831 0.0114  -0.0306 -0.0810 14 LEU A C   
110 O  O   . LEU A 17 ? 0.5051 0.6097 0.4688 -0.0052 -0.0220 -0.0808 14 LEU A O   
111 C  CB  . LEU A 17 ? 0.5864 0.6384 0.4980 0.0491  -0.0404 -0.0424 14 LEU A CB  
112 C  CG  . LEU A 17 ? 0.5829 0.6161 0.4990 0.0288  -0.0289 -0.0222 14 LEU A CG  
113 C  CD1 . LEU A 17 ? 0.5960 0.6554 0.5053 0.0371  -0.0250 -0.0261 14 LEU A CD1 
114 C  CD2 . LEU A 17 ? 0.6365 0.6263 0.5453 0.0300  -0.0260 0.0085  14 LEU A CD2 
115 N  N   . GLU A 18 ? 0.5139 0.6129 0.4694 0.0055  -0.0304 -0.0834 15 GLU A N   
116 C  CA  . GLU A 18 ? 0.5531 0.6528 0.5197 -0.0199 -0.0186 -0.0814 15 GLU A CA  
117 C  C   . GLU A 18 ? 0.5847 0.7190 0.5767 -0.0372 -0.0065 -0.0984 15 GLU A C   
118 O  O   . GLU A 18 ? 0.5379 0.6568 0.5377 -0.0578 0.0061  -0.0870 15 GLU A O   
119 C  CB  . GLU A 18 ? 0.5371 0.6407 0.4976 -0.0167 -0.0210 -0.0878 15 GLU A CB  
120 C  CG  . GLU A 18 ? 0.5822 0.6878 0.5419 -0.0365 -0.0088 -0.0794 15 GLU A CG  
121 C  CD  . GLU A 18 ? 0.6464 0.7684 0.5952 -0.0275 -0.0119 -0.0921 15 GLU A CD  
122 O  OE1 . GLU A 18 ? 0.6813 0.7789 0.6164 -0.0212 -0.0229 -0.0890 15 GLU A OE1 
123 O  OE2 . GLU A 18 ? 0.7947 0.9587 0.7521 -0.0257 -0.0039 -0.1096 15 GLU A OE2 
124 N  N   A ARG A 19 ? 0.5710 0.7507 0.5789 -0.0283 -0.0105 -0.1259 16 ARG A N   
125 N  N   B ARG A 19 ? 0.5598 0.7392 0.5679 -0.0283 -0.0106 -0.1258 16 ARG A N   
126 C  CA  A ARG A 19 ? 0.5972 0.8163 0.6416 -0.0476 -0.0001 -0.1496 16 ARG A CA  
127 C  CA  B ARG A 19 ? 0.5833 0.8013 0.6282 -0.0488 0.0006  -0.1489 16 ARG A CA  
128 C  C   A ARG A 19 ? 0.5593 0.7579 0.6115 -0.0575 0.0020  -0.1485 16 ARG A C   
129 C  C   B ARG A 19 ? 0.5528 0.7526 0.6058 -0.0576 0.0020  -0.1494 16 ARG A C   
130 O  O   A ARG A 19 ? 0.5753 0.7623 0.6511 -0.0841 0.0177  -0.1480 16 ARG A O   
131 O  O   B ARG A 19 ? 0.5703 0.7594 0.6479 -0.0842 0.0175  -0.1499 16 ARG A O   
132 C  CB  A ARG A 19 ? 0.6187 0.8978 0.6795 -0.0275 -0.0130 -0.1840 16 ARG A CB  
133 C  CB  B ARG A 19 ? 0.5964 0.8779 0.6607 -0.0320 -0.0097 -0.1839 16 ARG A CB  
134 C  CG  A ARG A 19 ? 0.7113 1.0490 0.8028 -0.0340 -0.0054 -0.2083 16 ARG A CG  
135 C  CG  B ARG A 19 ? 0.6641 0.9948 0.7712 -0.0446 -0.0091 -0.2193 16 ARG A CG  
136 C  CD  A ARG A 19 ? 0.7325 1.1371 0.8578 -0.0240 -0.0179 -0.2497 16 ARG A CD  
137 C  CD  B ARG A 19 ? 0.7149 1.1211 0.8423 -0.0219 -0.0231 -0.2557 16 ARG A CD  
138 N  NE  A ARG A 19 ? 0.6947 1.0778 0.7918 0.0004  -0.0364 -0.2460 16 ARG A NE  
139 N  NE  B ARG A 19 ? 0.7324 1.1424 0.8454 -0.0094 -0.0205 -0.2462 16 ARG A NE  
140 C  CZ  A ARG A 19 ? 0.5653 0.9618 0.6338 0.0431  -0.0580 -0.2488 16 ARG A CZ  
141 C  CZ  B ARG A 19 ? 0.6593 1.0813 0.7496 0.0309  -0.0390 -0.2511 16 ARG A CZ  
142 N  NH1 A ARG A 19 ? 0.4992 0.8700 0.5347 0.0630  -0.0681 -0.2349 16 ARG A NH1 
143 N  NH1 B ARG A 19 ? 0.6891 1.1070 0.7680 0.0402  -0.0355 -0.2459 16 ARG A NH1 
144 N  NH2 A ARG A 19 ? 0.5412 0.9732 0.6108 0.0681  -0.0672 -0.2614 16 ARG A NH2 
145 N  NH2 B ARG A 19 ? 0.5943 1.0304 0.6702 0.0647  -0.0606 -0.2610 16 ARG A NH2 
146 N  N   . ASP A 20 ? 0.5174 0.7106 0.5483 -0.0333 -0.0125 -0.1476 17 ASP A N   
147 C  CA  . ASP A 20 ? 0.5430 0.7261 0.5774 -0.0355 -0.0119 -0.1524 17 ASP A CA  
148 C  C   . ASP A 20 ? 0.5446 0.6758 0.5729 -0.0510 0.0003  -0.1232 17 ASP A C   
149 O  O   . ASP A 20 ? 0.5119 0.6308 0.5588 -0.0642 0.0080  -0.1313 17 ASP A O   
150 C  CB  . ASP A 20 ? 0.5921 0.7874 0.5961 -0.0013 -0.0273 -0.1528 17 ASP A CB  
151 C  CG  . ASP A 20 ? 0.6140 0.8731 0.6256 0.0210  -0.0435 -0.1902 17 ASP A CG  
152 O  OD1 . ASP A 20 ? 0.6604 0.9607 0.7112 0.0058  -0.0431 -0.2226 17 ASP A OD1 
153 O  OD2 . ASP A 20 ? 0.6395 0.9105 0.6173 0.0555  -0.0560 -0.1854 17 ASP A OD2 
154 N  N   . ILE A 21 ? 0.5011 0.6021 0.5053 -0.0466 0.0002  -0.0920 18 ILE A N   
155 C  CA  . ILE A 21 ? 0.4973 0.5604 0.4983 -0.0576 0.0089  -0.0670 18 ILE A CA  
156 C  C   . ILE A 21 ? 0.5328 0.5860 0.5530 -0.0812 0.0238  -0.0649 18 ILE A C   
157 O  O   . ILE A 21 ? 0.5437 0.5708 0.5739 -0.0899 0.0328  -0.0576 18 ILE A O   
158 C  CB  . ILE A 21 ? 0.5114 0.5540 0.4910 -0.0500 0.0032  -0.0407 18 ILE A CB  
159 C  CG1 . ILE A 21 ? 0.5342 0.5768 0.4991 -0.0309 -0.0038 -0.0340 18 ILE A CG1 
160 C  CG2 . ILE A 21 ? 0.5037 0.5214 0.4843 -0.0597 0.0092  -0.0192 18 ILE A CG2 
161 C  CD1 . ILE A 21 ? 0.5523 0.5724 0.5074 -0.0284 -0.0077 -0.0111 18 ILE A CD1 
162 N  N   . ALA A 22 ? 0.5164 0.5905 0.5419 -0.0897 0.0285  -0.0708 19 ALA A N   
163 C  CA  . ALA A 22 ? 0.5619 0.6287 0.6024 -0.1122 0.0481  -0.0621 19 ALA A CA  
164 C  C   . ALA A 22 ? 0.6055 0.6663 0.6833 -0.1305 0.0593  -0.0802 19 ALA A C   
165 O  O   . ALA A 22 ? 0.6150 0.6393 0.7020 -0.1452 0.0754  -0.0627 19 ALA A O   
166 C  CB  . ALA A 22 ? 0.5783 0.6818 0.6209 -0.1170 0.0544  -0.0693 19 ALA A CB  
167 N  N   . ALA A 23 ? 0.5827 0.6785 0.6826 -0.1273 0.0496  -0.1167 20 ALA A N   
168 C  CA  . ALA A 23 ? 0.5877 0.6829 0.7303 -0.1458 0.0567  -0.1447 20 ALA A CA  
169 C  C   . ALA A 23 ? 0.6217 0.6688 0.7577 -0.1393 0.0558  -0.1365 20 ALA A C   
170 O  O   . ALA A 23 ? 0.6399 0.6534 0.8063 -0.1587 0.0699  -0.1412 20 ALA A O   
171 C  CB  . ALA A 23 ? 0.6142 0.7687 0.7773 -0.1364 0.0400  -0.1910 20 ALA A CB  
172 N  N   . ILE A 24 ? 0.5858 0.6280 0.6853 -0.1121 0.0417  -0.1237 21 ILE A N   
173 C  CA  . ILE A 24 ? 0.5958 0.6010 0.6877 -0.1015 0.0420  -0.1138 21 ILE A CA  
174 C  C   . ILE A 24 ? 0.6379 0.5922 0.7281 -0.1112 0.0567  -0.0788 21 ILE A C   
175 O  O   . ILE A 24 ? 0.6675 0.5836 0.7758 -0.1146 0.0648  -0.0815 21 ILE A O   
176 C  CB  . ILE A 24 ? 0.5983 0.6175 0.6544 -0.0732 0.0286  -0.1015 21 ILE A CB  
177 C  CG1 . ILE A 24 ? 0.5605 0.6238 0.6124 -0.0560 0.0156  -0.1340 21 ILE A CG1 
178 C  CG2 . ILE A 24 ? 0.6410 0.6301 0.6894 -0.0620 0.0319  -0.0835 21 ILE A CG2 
179 C  CD1 . ILE A 24 ? 0.6017 0.6791 0.6156 -0.0301 0.0075  -0.1134 21 ILE A CD1 
180 N  N   . TRP A 25 ? 0.6183 0.5719 0.6852 -0.1115 0.0589  -0.0475 22 TRP A N   
181 C  CA  . TRP A 25 ? 0.6525 0.5670 0.7108 -0.1161 0.0719  -0.0123 22 TRP A CA  
182 C  C   . TRP A 25 ? 0.6907 0.5755 0.7791 -0.1410 0.0944  -0.0121 22 TRP A C   
183 O  O   . TRP A 25 ? 0.7270 0.5614 0.8191 -0.1411 0.1060  0.0088  22 TRP A O   
184 C  CB  . TRP A 25 ? 0.6418 0.5742 0.6700 -0.1126 0.0694  0.0117  22 TRP A CB  
185 C  CG  . TRP A 25 ? 0.6305 0.5758 0.6340 -0.0927 0.0510  0.0208  22 TRP A CG  
186 C  CD1 . TRP A 25 ? 0.6134 0.5760 0.6164 -0.0817 0.0377  0.0067  22 TRP A CD1 
187 C  CD2 . TRP A 25 ? 0.6270 0.5715 0.6064 -0.0832 0.0454  0.0458  22 TRP A CD2 
188 N  NE1 . TRP A 25 ? 0.5928 0.5602 0.5800 -0.0710 0.0266  0.0223  22 TRP A NE1 
189 C  CE2 . TRP A 25 ? 0.5780 0.5381 0.5528 -0.0716 0.0285  0.0418  22 TRP A CE2 
190 C  CE3 . TRP A 25 ? 0.6321 0.5672 0.5926 -0.0820 0.0532  0.0711  22 TRP A CE3 
191 C  CZ2 . TRP A 25 ? 0.5940 0.5635 0.5554 -0.0630 0.0167  0.0547  22 TRP A CZ2 
192 C  CZ3 . TRP A 25 ? 0.6796 0.6286 0.6175 -0.0669 0.0389  0.0845  22 TRP A CZ3 
193 C  CH2 . TRP A 25 ? 0.6403 0.6074 0.5834 -0.0594 0.0197  0.0727  22 TRP A CH2 
194 N  N   . ALA A 26 ? 0.6971 0.6130 0.8091 -0.1621 0.1023  -0.0324 23 ALA A N   
195 C  CA  . ALA A 26 ? 0.7317 0.6246 0.8795 -0.1924 0.1284  -0.0296 23 ALA A CA  
196 C  C   . ALA A 26 ? 0.8046 0.6565 0.9921 -0.2015 0.1318  -0.0537 23 ALA A C   
197 O  O   . ALA A 26 ? 0.8188 0.6115 1.0223 -0.2149 0.1527  -0.0320 23 ALA A O   
198 C  CB  . ALA A 26 ? 0.7442 0.6943 0.9208 -0.2141 0.1353  -0.0553 23 ALA A CB  
199 N  N   . GLU A 27 ? 0.8135 0.6964 1.0152 -0.1920 0.1115  -0.0991 24 GLU A N   
200 C  CA  . GLU A 27 ? 0.8579 0.7116 1.0976 -0.1964 0.1099  -0.1350 24 GLU A CA  
201 C  C   . GLU A 27 ? 0.8472 0.6384 1.0663 -0.1756 0.1114  -0.1081 24 GLU A C   
202 O  O   . GLU A 27 ? 0.8669 0.5988 1.1167 -0.1865 0.1248  -0.1111 24 GLU A O   
203 C  CB  . GLU A 27 ? 0.9263 0.8349 1.1674 -0.1781 0.0843  -0.1853 24 GLU A CB  
204 C  CG  . GLU A 27 ? 1.0654 1.0426 1.3362 -0.1933 0.0778  -0.2250 24 GLU A CG  
205 C  CD  . GLU A 27 ? 1.1874 1.2229 1.4467 -0.1655 0.0502  -0.2690 24 GLU A CD  
206 O  OE1 . GLU A 27 ? 1.3422 1.3628 1.6076 -0.1527 0.0421  -0.2970 24 GLU A OE1 
207 O  OE2 . GLU A 27 ? 1.0905 1.1864 1.3325 -0.1531 0.0373  -0.2751 24 GLU A OE2 
208 N  N   . THR A 28 ? 0.7661 0.5700 0.9376 -0.1453 0.0981  -0.0823 25 THR A N   
209 C  CA  . THR A 28 ? 0.8208 0.5800 0.9761 -0.1206 0.0969  -0.0605 25 THR A CA  
210 C  C   . THR A 28 ? 0.8774 0.5744 1.0284 -0.1263 0.1167  -0.0145 25 THR A C   
211 O  O   . THR A 28 ? 0.9085 0.5479 1.0689 -0.1142 0.1223  -0.0068 25 THR A O   
212 C  CB  . THR A 28 ? 0.7811 0.5773 0.8949 -0.0913 0.0800  -0.0430 25 THR A CB  
213 O  OG1 . THR A 28 ? 0.7222 0.5722 0.8334 -0.0833 0.0652  -0.0776 25 THR A OG1 
214 C  CG2 . THR A 28 ? 0.8163 0.5777 0.9222 -0.0638 0.0786  -0.0253 25 THR A CG2 
215 N  N   . LEU A 29 ? 0.8758 0.5859 1.0090 -0.1398 0.1272  0.0170  26 LEU A N   
216 C  CA  . LEU A 29 ? 0.9433 0.6026 1.0592 -0.1395 0.1470  0.0687  26 LEU A CA  
217 C  C   . LEU A 29 ? 1.0369 0.6504 1.1936 -0.1751 0.1770  0.0715  26 LEU A C   
218 O  O   . LEU A 29 ? 1.0822 0.6497 1.2251 -0.1783 0.2001  0.1193  26 LEU A O   
219 C  CB  . LEU A 29 ? 0.9160 0.6170 0.9863 -0.1314 0.1440  0.1014  26 LEU A CB  
220 C  CG  . LEU A 29 ? 0.8506 0.5912 0.8894 -0.1011 0.1162  0.1001  26 LEU A CG  
221 C  CD1 . LEU A 29 ? 0.8336 0.6233 0.8404 -0.1008 0.1105  0.1127  26 LEU A CD1 
222 C  CD2 . LEU A 29 ? 0.9167 0.6229 0.9383 -0.0700 0.1104  0.1274  26 LEU A CD2 
223 N  N   . GLY A 30 ? 1.0311 0.6589 1.2396 -0.2011 0.1771  0.0202  27 GLY A N   
224 C  CA  . GLY A 30 ? 1.0799 0.6756 1.3443 -0.2433 0.2051  0.0109  27 GLY A CA  
225 C  C   . GLY A 30 ? 1.0706 0.6913 1.3326 -0.2706 0.2318  0.0434  27 GLY A C   
226 O  O   . GLY A 30 ? 1.1419 0.7065 1.4252 -0.2951 0.2656  0.0759  27 GLY A O   
227 N  N   . ARG A 31 ? 0.9496 0.6519 1.1874 -0.2664 0.2198  0.0354  28 ARG A N   
228 C  CA  . ARG A 31 ? 0.9781 0.7169 1.2144 -0.2891 0.2453  0.0592  28 ARG A CA  
229 C  C   . ARG A 31 ? 0.9139 0.7316 1.1949 -0.3113 0.2384  0.0052  28 ARG A C   
230 O  O   . ARG A 31 ? 0.8803 0.7307 1.1693 -0.2970 0.2076  -0.0413 28 ARG A O   
231 C  CB  . ARG A 31 ? 1.0287 0.7952 1.1920 -0.2570 0.2363  0.0985  28 ARG A CB  
232 C  CG  . ARG A 31 ? 1.1243 0.8286 1.2427 -0.2251 0.2311  0.1412  28 ARG A CG  
233 C  CD  . ARG A 31 ? 1.1870 0.9357 1.2427 -0.1917 0.2100  0.1591  28 ARG A CD  
234 N  NE  . ARG A 31 ? 1.2545 1.0356 1.2864 -0.2009 0.2328  0.1872  28 ARG A NE  
235 C  CZ  . ARG A 31 ? 1.2829 1.0323 1.2782 -0.1925 0.2562  0.2428  28 ARG A CZ  
236 N  NH1 . ARG A 31 ? 1.2893 1.0800 1.2605 -0.1994 0.2784  0.2650  28 ARG A NH1 
237 N  NH2 . ARG A 31 ? 1.3511 1.0314 1.3295 -0.1723 0.2571  0.2766  28 ARG A NH2 
238 N  N   . ASP A 32 ? 0.9484 0.8012 1.2600 -0.3441 0.2677  0.0112  29 ASP A N   
239 C  CA  A ASP A 32 ? 0.9147 0.8537 1.2742 -0.3624 0.2606  -0.0424 29 ASP A CA  
240 C  CA  B ASP A 32 ? 0.9195 0.8595 1.2789 -0.3625 0.2607  -0.0425 29 ASP A CA  
241 C  C   . ASP A 32 ? 0.8536 0.8578 1.1620 -0.3242 0.2275  -0.0556 29 ASP A C   
242 O  O   . ASP A 32 ? 0.8523 0.9134 1.1818 -0.3173 0.2029  -0.1051 29 ASP A O   
243 C  CB  A ASP A 32 ? 0.9686 0.9395 1.3706 -0.4034 0.3025  -0.0285 29 ASP A CB  
244 C  CB  B ASP A 32 ? 0.9628 0.9409 1.3624 -0.4017 0.3012  -0.0295 29 ASP A CB  
245 C  CG  A ASP A 32 ? 1.0446 0.9488 1.5151 -0.4500 0.3383  -0.0216 29 ASP A CG  
246 C  CG  B ASP A 32 ? 0.9163 0.9975 1.3695 -0.4158 0.2908  -0.0893 29 ASP A CG  
247 O  OD1 A ASP A 32 ? 1.0470 0.8798 1.5320 -0.4473 0.3266  -0.0342 29 ASP A OD1 
248 O  OD1 B ASP A 32 ? 0.8973 0.9930 1.4112 -0.4313 0.2756  -0.1450 29 ASP A OD1 
249 O  OD2 A ASP A 32 ? 1.0974 1.0202 1.6096 -0.4894 0.3796  -0.0041 29 ASP A OD2 
250 O  OD2 B ASP A 32 ? 0.9037 1.0552 1.3370 -0.4068 0.2953  -0.0838 29 ASP A OD2 
251 N  N   . SER A 33 ? 0.8374 0.8307 1.0787 -0.2980 0.2269  -0.0110 30 SER A N   
252 C  CA  . SER A 33 ? 0.8054 0.8421 0.9990 -0.2622 0.1958  -0.0206 30 SER A CA  
253 C  C   . SER A 33 ? 0.7843 0.7897 0.9105 -0.2355 0.1931  0.0268  30 SER A C   
254 O  O   . SER A 33 ? 0.8053 0.7675 0.9146 -0.2411 0.2172  0.0711  30 SER A O   
255 C  CB  . SER A 33 ? 0.7893 0.9080 0.9950 -0.2657 0.1984  -0.0431 30 SER A CB  
256 O  OG  . SER A 33 ? 0.8437 0.9709 1.0382 -0.2797 0.2327  -0.0066 30 SER A OG  
257 N  N   . VAL A 34 ? 0.7335 0.7625 0.8236 -0.2053 0.1628  0.0159  31 VAL A N   
258 C  CA  . VAL A 34 ? 0.7847 0.7975 0.8184 -0.1785 0.1511  0.0466  31 VAL A CA  
259 C  C   . VAL A 34 ? 0.7600 0.8286 0.7700 -0.1617 0.1360  0.0296  31 VAL A C   
260 O  O   . VAL A 34 ? 0.7703 0.8694 0.7973 -0.1561 0.1182  -0.0057 31 VAL A O   
261 C  CB  . VAL A 34 ? 0.7799 0.7566 0.8055 -0.1601 0.1268  0.0440  31 VAL A CB  
262 C  CG1 . VAL A 34 ? 0.7673 0.7529 0.7492 -0.1330 0.1046  0.0548  31 VAL A CG1 
263 C  CG2 . VAL A 34 ? 0.8520 0.7669 0.8869 -0.1665 0.1420  0.0692  31 VAL A CG2 
264 N  N   . GLY A 35 ? 0.7146 0.7961 0.6841 -0.1502 0.1424  0.0535  32 GLY A N   
265 C  CA  . GLY A 35 ? 0.7798 0.9079 0.7240 -0.1302 0.1259  0.0342  32 GLY A CA  
266 C  C   . GLY A 35 ? 0.6753 0.7878 0.6008 -0.1068 0.0903  0.0222  32 GLY A C   
267 O  O   . GLY A 35 ? 0.6888 0.7637 0.6067 -0.1019 0.0811  0.0391  32 GLY A O   
268 N  N   . PRO A 36 ? 0.6869 0.8278 0.6092 -0.0928 0.0724  -0.0066 33 PRO A N   
269 C  CA  . PRO A 36 ? 0.6452 0.7668 0.5588 -0.0762 0.0433  -0.0173 33 PRO A CA  
270 C  C   . PRO A 36 ? 0.6521 0.7599 0.5360 -0.0647 0.0306  -0.0014 33 PRO A C   
271 O  O   . PRO A 36 ? 0.6210 0.7059 0.5104 -0.0599 0.0121  -0.0028 33 PRO A O   
272 C  CB  . PRO A 36 ? 0.6852 0.8367 0.6008 -0.0624 0.0318  -0.0492 33 PRO A CB  
273 C  CG  . PRO A 36 ? 0.7486 0.9471 0.6604 -0.0654 0.0528  -0.0540 33 PRO A CG  
274 C  CD  . PRO A 36 ? 0.7638 0.9571 0.6849 -0.0889 0.0814  -0.0259 33 PRO A CD  
275 N  N   . HIS A 37 ? 0.6324 0.7598 0.4865 -0.0597 0.0414  0.0139  34 HIS A N   
276 C  CA  . HIS A 37 ? 0.7110 0.8414 0.5343 -0.0432 0.0250  0.0221  34 HIS A CA  
277 C  C   . HIS A 37 ? 0.7723 0.8884 0.5751 -0.0410 0.0376  0.0613  34 HIS A C   
278 O  O   . HIS A 37 ? 0.7580 0.8897 0.5286 -0.0221 0.0248  0.0694  34 HIS A O   
279 C  CB  . HIS A 37 ? 0.7150 0.8887 0.5093 -0.0265 0.0179  -0.0002 34 HIS A CB  
280 C  CG  . HIS A 37 ? 0.6660 0.8448 0.4805 -0.0233 0.0034  -0.0387 34 HIS A CG  
281 N  ND1 . HIS A 37 ? 0.6578 0.8082 0.4924 -0.0215 -0.0218 -0.0562 34 HIS A ND1 
282 C  CD2 . HIS A 37 ? 0.6960 0.9011 0.5182 -0.0211 0.0126  -0.0602 34 HIS A CD2 
283 C  CE1 . HIS A 37 ? 0.6387 0.7894 0.4878 -0.0161 -0.0279 -0.0839 34 HIS A CE1 
284 N  NE2 . HIS A 37 ? 0.6970 0.8835 0.5393 -0.0137 -0.0092 -0.0890 34 HIS A NE2 
285 N  N   . GLU A 38 ? 0.7312 0.8161 0.5540 -0.0574 0.0596  0.0832  35 GLU A N   
286 C  CA  . GLU A 38 ? 0.7705 0.8280 0.5755 -0.0527 0.0734  0.1243  35 GLU A CA  
287 C  C   . GLU A 38 ? 0.7290 0.7613 0.5423 -0.0414 0.0521  0.1289  35 GLU A C   
288 O  O   . GLU A 38 ? 0.7045 0.7203 0.5520 -0.0504 0.0432  0.1111  35 GLU A O   
289 C  CB  . GLU A 38 ? 0.8600 0.8868 0.6909 -0.0770 0.1069  0.1424  35 GLU A CB  
290 C  CG  . GLU A 38 ? 0.8771 0.9360 0.7038 -0.0909 0.1359  0.1458  35 GLU A CG  
291 C  CD  . GLU A 38 ? 0.9916 1.0166 0.8504 -0.1191 0.1719  0.1679  35 GLU A CD  
292 O  OE1 . GLU A 38 ? 0.9877 0.9926 0.8203 -0.1175 0.1978  0.2127  35 GLU A OE1 
293 O  OE2 . GLU A 38 ? 0.9028 0.9199 0.8128 -0.1413 0.1729  0.1401  35 GLU A OE2 
294 N  N   . ASP A 39 ? 0.7360 0.7714 0.5176 -0.0187 0.0443  0.1534  36 ASP A N   
295 C  CA  . ASP A 39 ? 0.7497 0.7745 0.5439 -0.0046 0.0225  0.1550  36 ASP A CA  
296 C  C   . ASP A 39 ? 0.7728 0.7456 0.5924 -0.0102 0.0374  0.1740  36 ASP A C   
297 O  O   . ASP A 39 ? 0.7906 0.7287 0.5989 -0.0115 0.0619  0.2050  36 ASP A O   
298 C  CB  . ASP A 39 ? 0.8689 0.9240 0.6224 0.0273  0.0055  0.1713  36 ASP A CB  
299 C  CG  . ASP A 39 ? 0.9436 1.0020 0.7180 0.0428  -0.0180 0.1691  36 ASP A CG  
300 O  OD1 . ASP A 39 ? 1.0292 1.1203 0.8271 0.0404  -0.0432 0.1364  36 ASP A OD1 
301 O  OD2 . ASP A 39 ? 1.0322 1.0586 0.8063 0.0561  -0.0098 0.1984  36 ASP A OD2 
302 N  N   . PHE A 40 ? 0.7119 0.6789 0.5655 -0.0121 0.0233  0.1560  37 PHE A N   
303 C  CA  . PHE A 40 ? 0.7471 0.6725 0.6285 -0.0146 0.0332  0.1614  37 PHE A CA  
304 C  C   . PHE A 40 ? 0.8412 0.7310 0.7047 0.0059  0.0432  0.1985  37 PHE A C   
305 O  O   . PHE A 40 ? 0.8600 0.6997 0.7372 -0.0022 0.0639  0.2097  37 PHE A O   
306 C  CB  . PHE A 40 ? 0.7215 0.6644 0.6307 -0.0090 0.0140  0.1415  37 PHE A CB  
307 C  CG  . PHE A 40 ? 0.7268 0.6378 0.6614 -0.0050 0.0217  0.1416  37 PHE A CG  
308 C  CD1 . PHE A 40 ? 0.7322 0.6170 0.6860 -0.0229 0.0366  0.1263  37 PHE A CD1 
309 C  CD2 . PHE A 40 ? 0.7541 0.6680 0.6954 0.0196  0.0122  0.1519  37 PHE A CD2 
310 C  CE1 . PHE A 40 ? 0.7191 0.5775 0.6952 -0.0165 0.0418  0.1192  37 PHE A CE1 
311 C  CE2 . PHE A 40 ? 0.7727 0.6600 0.7370 0.0272  0.0193  0.1472  37 PHE A CE2 
312 C  CZ  . PHE A 40 ? 0.7492 0.6071 0.7294 0.0091  0.0340  0.1298  37 PHE A CZ  
313 N  N   . ALA A 41 ? 0.8811 0.7967 0.7173 0.0344  0.0264  0.2148  38 ALA A N   
314 C  CA  . ALA A 41 ? 0.9906 0.8744 0.8049 0.0641  0.0317  0.2536  38 ALA A CA  
315 C  C   . ALA A 41 ? 1.0582 0.9117 0.8344 0.0626  0.0588  0.2916  38 ALA A C   
316 O  O   . ALA A 41 ? 1.1436 0.9378 0.9139 0.0725  0.0783  0.3265  38 ALA A O   
317 C  CB  . ALA A 41 ? 1.0201 0.9541 0.8166 0.0996  0.0022  0.2569  38 ALA A CB  
318 N  N   . ALA A 42 ? 1.0230 0.9161 0.7740 0.0518  0.0617  0.2857  39 ALA A N   
319 C  CA  . ALA A 42 ? 1.0872 0.9620 0.8047 0.0454  0.0937  0.3212  39 ALA A CA  
320 C  C   . ALA A 42 ? 1.0848 0.9010 0.8427 0.0096  0.1267  0.3240  39 ALA A C   
321 O  O   . ALA A 42 ? 1.1258 0.8977 0.8703 0.0053  0.1587  0.3654  39 ALA A O   
322 C  CB  . ALA A 42 ? 1.0873 1.0248 0.7762 0.0403  0.0911  0.3051  39 ALA A CB  
323 N  N   . LEU A 43 ? 0.9939 0.8096 0.8024 -0.0150 0.1193  0.2811  40 LEU A N   
324 C  CA  . LEU A 43 ? 1.0099 0.7775 0.8647 -0.0472 0.1439  0.2723  40 LEU A CA  
325 C  C   . LEU A 43 ? 1.0511 0.7479 0.9270 -0.0369 0.1490  0.2863  40 LEU A C   
326 O  O   . LEU A 43 ? 1.1055 0.7610 1.0255 -0.0625 0.1651  0.2705  40 LEU A O   
327 C  CB  . LEU A 43 ? 0.9206 0.7216 0.8154 -0.0704 0.1311  0.2189  40 LEU A CB  
328 C  CG  . LEU A 43 ? 0.8996 0.7599 0.7838 -0.0827 0.1299  0.2002  40 LEU A CG  
329 C  CD1 . LEU A 43 ? 0.8579 0.7501 0.7692 -0.0896 0.1079  0.1536  40 LEU A CD1 
330 C  CD2 . LEU A 43 ? 0.9319 0.7891 0.8280 -0.1104 0.1643  0.2107  40 LEU A CD2 
331 N  N   . GLY A 44 ? 1.0657 0.7518 0.9136 0.0020  0.1340  0.3116  41 GLY A N   
332 C  CA  . GLY A 44 ? 1.0955 0.7199 0.9637 0.0205  0.1339  0.3196  41 GLY A CA  
333 C  C   . GLY A 44 ? 1.0755 0.7204 0.9821 0.0230  0.1106  0.2723  41 GLY A C   
334 O  O   . GLY A 44 ? 1.0922 0.6890 1.0262 0.0319  0.1131  0.2647  41 GLY A O   
335 N  N   . GLY A 45 ? 0.9270 0.6415 0.8355 0.0169  0.0895  0.2413  42 GLY A N   
336 C  CA  . GLY A 45 ? 0.8961 0.6332 0.8369 0.0185  0.0728  0.2029  42 GLY A CA  
337 C  C   . GLY A 45 ? 0.9122 0.6526 0.8524 0.0570  0.0569  0.2125  42 GLY A C   
338 O  O   . GLY A 45 ? 0.9081 0.6791 0.8214 0.0811  0.0429  0.2338  42 GLY A O   
339 N  N   . ASN A 46 ? 0.8919 0.6098 0.8632 0.0650  0.0576  0.1922  43 ASN A N   
340 C  CA  . ASN A 46 ? 0.9080 0.6403 0.8879 0.1026  0.0432  0.1929  43 ASN A CA  
341 C  C   . ASN A 46 ? 0.8428 0.6253 0.8527 0.0977  0.0341  0.1539  43 ASN A C   
342 O  O   . ASN A 46 ? 0.7498 0.5494 0.7677 0.0687  0.0377  0.1300  43 ASN A O   
343 C  CB  . ASN A 46 ? 1.0247 0.6792 1.0113 0.1267  0.0553  0.2082  43 ASN A CB  
344 C  CG  . ASN A 46 ? 1.0676 0.6722 1.0874 0.1048  0.0710  0.1762  43 ASN A CG  
345 O  OD1 . ASN A 46 ? 1.0412 0.6828 1.0802 0.0848  0.0679  0.1379  43 ASN A OD1 
346 N  ND2 . ASN A 46 ? 1.2127 0.7312 1.2392 0.1098  0.0880  0.1918  43 ASN A ND2 
347 N  N   . SER A 47 ? 0.8384 0.6475 0.8634 0.1290  0.0239  0.1498  44 SER A N   
348 C  CA  . SER A 47 ? 0.8184 0.6833 0.8699 0.1285  0.0193  0.1200  44 SER A CA  
349 C  C   . SER A 47 ? 0.8027 0.6423 0.8679 0.1139  0.0324  0.0885  44 SER A C   
350 O  O   . SER A 47 ? 0.7252 0.6062 0.7954 0.0963  0.0328  0.0688  44 SER A O   
351 C  CB  . SER A 47 ? 0.8269 0.7278 0.8964 0.1682  0.0092  0.1221  44 SER A CB  
352 O  OG  . SER A 47 ? 1.0698 0.9092 1.1423 0.1975  0.0160  0.1244  44 SER A OG  
353 N  N   . ILE A 48 ? 0.8268 0.5971 0.8971 0.1207  0.0428  0.0834  45 ILE A N   
354 C  CA  . ILE A 48 ? 0.8130 0.5622 0.8995 0.1063  0.0518  0.0454  45 ILE A CA  
355 C  C   . ILE A 48 ? 0.8152 0.5783 0.8941 0.0667  0.0549  0.0356  45 ILE A C   
356 O  O   . ILE A 48 ? 0.7827 0.5822 0.8667 0.0580  0.0536  0.0048  45 ILE A O   
357 C  CB  . ILE A 48 ? 0.9589 0.6215 1.0602 0.1144  0.0625  0.0394  45 ILE A CB  
358 C  CG1 . ILE A 48 ? 0.9881 0.6362 1.0989 0.1603  0.0583  0.0411  45 ILE A CG1 
359 C  CG2 . ILE A 48 ? 0.9761 0.6273 1.0988 0.0951  0.0680  -0.0092 45 ILE A CG2 
360 C  CD1 . ILE A 48 ? 1.1678 0.7153 1.2838 0.1754  0.0679  0.0602  45 ILE A CD1 
361 N  N   . HIS A 49 ? 0.7871 0.5284 0.8511 0.0472  0.0588  0.0625  46 HIS A N   
362 C  CA  . HIS A 49 ? 0.7892 0.5488 0.8481 0.0135  0.0616  0.0530  46 HIS A CA  
363 C  C   . HIS A 49 ? 0.7030 0.5304 0.7508 0.0106  0.0494  0.0482  46 HIS A C   
364 O  O   . HIS A 49 ? 0.6754 0.5273 0.7246 -0.0049 0.0487  0.0255  46 HIS A O   
365 C  CB  . HIS A 49 ? 0.8018 0.5346 0.8449 -0.0033 0.0706  0.0840  46 HIS A CB  
366 C  CG  . HIS A 49 ? 0.8893 0.5477 0.9446 -0.0078 0.0887  0.0964  46 HIS A CG  
367 N  ND1 . HIS A 49 ? 0.9628 0.5822 0.9964 0.0040  0.0971  0.1417  46 HIS A ND1 
368 C  CD2 . HIS A 49 ? 0.9468 0.5589 1.0355 -0.0210 0.1003  0.0695  46 HIS A CD2 
369 C  CE1 . HIS A 49 ? 1.0140 0.5592 1.0670 -0.0047 0.1170  0.1484  46 HIS A CE1 
370 N  NE2 . HIS A 49 ? 1.0446 0.5832 1.1359 -0.0218 0.1184  0.1015  46 HIS A NE2 
371 N  N   . ALA A 50 ? 0.6620 0.5178 0.7010 0.0261  0.0399  0.0694  47 ALA A N   
372 C  CA  . ALA A 50 ? 0.6252 0.5376 0.6617 0.0208  0.0303  0.0677  47 ALA A CA  
373 C  C   . ALA A 50 ? 0.6168 0.5566 0.6643 0.0246  0.0334  0.0440  47 ALA A C   
374 O  O   . ALA A 50 ? 0.5636 0.5284 0.6048 0.0120  0.0325  0.0369  47 ALA A O   
375 C  CB  . ALA A 50 ? 0.6218 0.5646 0.6607 0.0371  0.0189  0.0870  47 ALA A CB  
376 N  N   . ILE A 51 ? 0.6160 0.5511 0.6765 0.0464  0.0376  0.0327  48 ILE A N   
377 C  CA  . ILE A 51 ? 0.5958 0.5651 0.6608 0.0564  0.0424  0.0102  48 ILE A CA  
378 C  C   . ILE A 51 ? 0.6490 0.6082 0.7057 0.0435  0.0446  -0.0163 48 ILE A C   
379 O  O   . ILE A 51 ? 0.6108 0.6076 0.6559 0.0425  0.0453  -0.0244 48 ILE A O   
380 C  CB  . ILE A 51 ? 0.6338 0.6064 0.7146 0.0875  0.0462  -0.0019 48 ILE A CB  
381 C  CG1 . ILE A 51 ? 0.6155 0.6234 0.7099 0.1031  0.0423  0.0210  48 ILE A CG1 
382 C  CG2 . ILE A 51 ? 0.6587 0.6688 0.7370 0.1002  0.0531  -0.0307 48 ILE A CG2 
383 C  CD1 . ILE A 51 ? 0.6731 0.6850 0.7857 0.1398  0.0443  0.0115  48 ILE A CD1 
384 N  N   . MLY A 52 ? 0.7062 0.6165 0.7705 0.0341  0.0465  -0.0291 49 MLY A N   
385 C  CA  . MLY A 52 ? 0.6999 0.6076 0.7677 0.0215  0.0468  -0.0636 49 MLY A CA  
386 C  CB  . MLY A 52 ? 0.8105 0.6594 0.9017 0.0081  0.0527  -0.0777 49 MLY A CB  
387 C  CG  . MLY A 52 ? 0.9361 0.7505 1.0463 0.0300  0.0558  -0.0985 49 MLY A CG  
388 C  CD  . MLY A 52 ? 1.1250 0.8657 1.2631 0.0106  0.0653  -0.1040 49 MLY A CD  
389 C  CE  . MLY A 52 ? 1.2851 0.9702 1.4478 0.0313  0.0690  -0.1256 49 MLY A CE  
390 N  NZ  . MLY A 52 ? 1.3967 1.0028 1.5936 0.0061  0.0814  -0.1329 49 MLY A NZ  
391 C  CH1 . MLY A 52 ? 1.4293 1.0046 1.6179 -0.0190 0.0943  -0.0821 49 MLY A CH1 
392 C  CH2 . MLY A 52 ? 1.4037 1.0284 1.6306 -0.0159 0.0777  -0.1921 49 MLY A CH2 
393 C  C   . MLY A 52 ? 0.6609 0.5934 0.7142 0.0019  0.0427  -0.0570 49 MLY A C   
394 O  O   . MLY A 52 ? 0.6674 0.6331 0.7125 0.0038  0.0386  -0.0795 49 MLY A O   
395 N  N   . ILE A 53 ? 0.6323 0.5504 0.6805 -0.0130 0.0428  -0.0287 50 ILE A N   
396 C  CA  . ILE A 53 ? 0.6168 0.5584 0.6514 -0.0273 0.0380  -0.0234 50 ILE A CA  
397 C  C   . ILE A 53 ? 0.6236 0.6044 0.6425 -0.0158 0.0328  -0.0178 50 ILE A C   
398 O  O   . ILE A 53 ? 0.5959 0.5991 0.6038 -0.0156 0.0291  -0.0298 50 ILE A O   
399 C  CB  . ILE A 53 ? 0.6228 0.5489 0.6501 -0.0391 0.0382  0.0051  50 ILE A CB  
400 C  CG1 . ILE A 53 ? 0.6441 0.5336 0.6827 -0.0547 0.0490  0.0048  50 ILE A CG1 
401 C  CG2 . ILE A 53 ? 0.6227 0.5752 0.6354 -0.0465 0.0309  0.0095  50 ILE A CG2 
402 C  CD1 . ILE A 53 ? 0.6634 0.5356 0.6874 -0.0576 0.0528  0.0383  50 ILE A CD1 
403 N  N   . THR A 54 ? 0.5992 0.5900 0.6196 -0.0053 0.0338  0.0015  51 THR A N   
404 C  CA  . THR A 54 ? 0.5559 0.5796 0.5680 0.0001  0.0345  0.0128  51 THR A CA  
405 C  C   . THR A 54 ? 0.5676 0.6175 0.5675 0.0171  0.0395  -0.0054 51 THR A C   
406 O  O   . THR A 54 ? 0.5472 0.6159 0.5283 0.0203  0.0396  -0.0010 51 THR A O   
407 C  CB  . THR A 54 ? 0.5494 0.5872 0.5768 0.0035  0.0358  0.0346  51 THR A CB  
408 O  OG1 . THR A 54 ? 0.5591 0.5791 0.5905 -0.0083 0.0270  0.0468  51 THR A OG1 
409 C  CG2 . THR A 54 ? 0.5797 0.6492 0.6068 0.0022  0.0419  0.0497  51 THR A CG2 
410 N  N   . ASN A 55 ? 0.5739 0.6254 0.5812 0.0319  0.0431  -0.0257 52 ASN A N   
411 C  CA  . ASN A 55 ? 0.5914 0.6739 0.5833 0.0519  0.0456  -0.0506 52 ASN A CA  
412 C  C   . ASN A 55 ? 0.6018 0.6923 0.5779 0.0483  0.0367  -0.0704 52 ASN A C   
413 O  O   . ASN A 55 ? 0.6056 0.7317 0.5549 0.0653  0.0369  -0.0725 52 ASN A O   
414 C  CB  . ASN A 55 ? 0.6583 0.7301 0.6655 0.0659  0.0463  -0.0834 52 ASN A CB  
415 C  CG  . ASN A 55 ? 0.7635 0.8466 0.7819 0.0840  0.0550  -0.0726 52 ASN A CG  
416 O  OD1 . ASN A 55 ? 0.6902 0.8052 0.7059 0.0874  0.0629  -0.0444 52 ASN A OD1 
417 N  ND2 . ASN A 55 ? 0.8895 0.9461 0.9263 0.0959  0.0543  -0.0976 52 ASN A ND2 
418 N  N   . ARG A 56 ? 0.6120 0.6744 0.6045 0.0287  0.0301  -0.0840 53 ARG A N   
419 C  CA  . ARG A 56 ? 0.6272 0.7061 0.6155 0.0247  0.0208  -0.1091 53 ARG A CA  
420 C  C   . ARG A 56 ? 0.6376 0.7276 0.6050 0.0233  0.0168  -0.0848 53 ARG A C   
421 O  O   . ARG A 56 ? 0.6597 0.7799 0.6094 0.0367  0.0088  -0.0983 53 ARG A O   
422 C  CB  . ARG A 56 ? 0.7062 0.7546 0.7277 -0.0002 0.0201  -0.1293 53 ARG A CB  
423 C  CG  . ARG A 56 ? 0.8040 0.8374 0.8494 0.0034  0.0222  -0.1644 53 ARG A CG  
424 C  CD  . ARG A 56 ? 0.9083 0.9222 0.9920 -0.0214 0.0221  -0.1974 53 ARG A CD  
425 N  NE  . ARG A 56 ? 0.9455 1.0034 1.0322 -0.0277 0.0119  -0.2220 53 ARG A NE  
426 C  CZ  . ARG A 56 ? 0.9701 1.0229 1.0920 -0.0566 0.0149  -0.2374 53 ARG A CZ  
427 N  NH1 . ARG A 56 ? 1.0244 1.0234 1.1776 -0.0835 0.0304  -0.2258 53 ARG A NH1 
428 N  NH2 . ARG A 56 ? 0.9914 1.0959 1.1174 -0.0569 0.0038  -0.2617 53 ARG A NH2 
429 N  N   . VAL A 57 ? 0.5476 0.6136 0.5177 0.0100  0.0205  -0.0512 54 VAL A N   
430 C  CA  . VAL A 57 ? 0.5628 0.6310 0.5160 0.0098  0.0165  -0.0307 54 VAL A CA  
431 C  C   . VAL A 57 ? 0.5605 0.6492 0.4877 0.0312  0.0220  -0.0115 54 VAL A C   
432 O  O   . VAL A 57 ? 0.5874 0.6853 0.4923 0.0440  0.0179  -0.0053 54 VAL A O   
433 C  CB  . VAL A 57 ? 0.5122 0.5529 0.4766 -0.0091 0.0168  -0.0068 54 VAL A CB  
434 C  CG1 . VAL A 57 ? 0.5501 0.5871 0.5011 -0.0072 0.0125  0.0101  54 VAL A CG1 
435 C  CG2 . VAL A 57 ? 0.5328 0.5583 0.5127 -0.0262 0.0149  -0.0187 54 VAL A CG2 
436 N  N   . GLU A 58 ? 0.5529 0.6509 0.4827 0.0377  0.0333  -0.0004 55 GLU A N   
437 C  CA  . GLU A 58 ? 0.5820 0.7043 0.4875 0.0567  0.0447  0.0211  55 GLU A CA  
438 C  C   . GLU A 58 ? 0.6837 0.8410 0.5550 0.0857  0.0394  -0.0012 55 GLU A C   
439 O  O   . GLU A 58 ? 0.7020 0.8727 0.5397 0.1048  0.0433  0.0206  55 GLU A O   
440 C  CB  . GLU A 58 ? 0.6306 0.7711 0.5489 0.0611  0.0597  0.0298  55 GLU A CB  
441 C  CG  . GLU A 58 ? 0.5947 0.7221 0.5454 0.0402  0.0664  0.0560  55 GLU A CG  
442 C  CD  . GLU A 58 ? 0.6522 0.8108 0.6197 0.0508  0.0798  0.0563  55 GLU A CD  
443 O  OE1 . GLU A 58 ? 0.6621 0.8222 0.6345 0.0627  0.0751  0.0275  55 GLU A OE1 
444 O  OE2 . GLU A 58 ? 0.6614 0.8437 0.6425 0.0474  0.0956  0.0828  55 GLU A OE2 
445 N  N   . GLU A 59 ? 0.7141 0.8868 0.5939 0.0913  0.0307  -0.0446 56 GLU A N   
446 C  CA  . GLU A 59 ? 0.7683 0.9842 0.6206 0.1195  0.0199  -0.0773 56 GLU A CA  
447 C  C   . GLU A 59 ? 0.7190 0.9343 0.5617 0.1199  0.0060  -0.0768 56 GLU A C   
448 O  O   . GLU A 59 ? 0.7571 1.0017 0.5616 0.1490  0.0015  -0.0705 56 GLU A O   
449 C  CB  . GLU A 59 ? 0.7991 1.0268 0.6758 0.1188  0.0106  -0.1329 56 GLU A CB  
450 C  CG  . GLU A 59 ? 0.9966 1.2408 0.8705 0.1358  0.0212  -0.1439 56 GLU A CG  
451 C  CD  . GLU A 59 ? 1.0971 1.3122 1.0146 0.1209  0.0183  -0.1816 56 GLU A CD  
452 O  OE1 . GLU A 59 ? 1.1061 1.3026 1.0526 0.1007  0.0069  -0.2116 56 GLU A OE1 
453 O  OE2 . GLU A 59 ? 1.1087 1.3189 1.0341 0.1298  0.0292  -0.1800 56 GLU A OE2 
454 N  N   . LEU A 60 ? 0.7009 0.8845 0.5750 0.0916  0.0005  -0.0803 57 LEU A N   
455 C  CA  . LEU A 60 ? 0.6827 0.8706 0.5523 0.0939  -0.0123 -0.0837 57 LEU A CA  
456 C  C   . LEU A 60 ? 0.7797 0.9587 0.6127 0.1146  -0.0102 -0.0429 57 LEU A C   
457 O  O   . LEU A 60 ? 0.8230 1.0278 0.6323 0.1410  -0.0225 -0.0506 57 LEU A O   
458 C  CB  . LEU A 60 ? 0.6655 0.8219 0.5717 0.0606  -0.0127 -0.0870 57 LEU A CB  
459 C  CG  . LEU A 60 ? 0.6584 0.8197 0.5680 0.0597  -0.0232 -0.0924 57 LEU A CG  
460 C  CD1 . LEU A 60 ? 0.7469 0.9605 0.6656 0.0719  -0.0375 -0.1381 57 LEU A CD1 
461 C  CD2 . LEU A 60 ? 0.6316 0.7633 0.5699 0.0285  -0.0183 -0.0881 57 LEU A CD2 
462 N  N   . VAL A 61 ? 0.7380 0.8806 0.5701 0.1032  0.0052  -0.0007 58 VAL A N   
463 C  CA  . VAL A 61 ? 0.7080 0.8242 0.5164 0.1144  0.0111  0.0420  58 VAL A CA  
464 C  C   . VAL A 61 ? 0.7298 0.8606 0.5041 0.1367  0.0288  0.0747  58 VAL A C   
465 O  O   . VAL A 61 ? 0.8139 0.9204 0.5668 0.1468  0.0396  0.1164  58 VAL A O   
466 C  CB  . VAL A 61 ? 0.7151 0.7818 0.5550 0.0819  0.0158  0.0620  58 VAL A CB  
467 C  CG1 . VAL A 61 ? 0.6726 0.7342 0.5385 0.0639  0.0012  0.0305  58 VAL A CG1 
468 C  CG2 . VAL A 61 ? 0.6633 0.7246 0.5290 0.0589  0.0304  0.0747  58 VAL A CG2 
469 N  N   . ASP A 62 ? 0.7567 0.9273 0.5264 0.1453  0.0335  0.0549  59 ASP A N   
470 C  CA  . ASP A 62 ? 0.7761 0.9763 0.5116 0.1692  0.0528  0.0799  59 ASP A CA  
471 C  C   . ASP A 62 ? 0.7987 0.9681 0.5471 0.1499  0.0790  0.1324  59 ASP A C   
472 O  O   . ASP A 62 ? 0.8867 1.0552 0.6029 0.1667  0.0973  0.1758  59 ASP A O   
473 C  CB  . ASP A 62 ? 0.9202 1.1540 0.5966 0.2152  0.0473  0.0864  59 ASP A CB  
474 C  CG  . ASP A 62 ? 1.0638 1.3437 0.6976 0.2452  0.0682  0.1055  59 ASP A CG  
475 O  OD1 . ASP A 62 ? 1.0580 1.3669 0.7091 0.2396  0.0739  0.0788  59 ASP A OD1 
476 O  OD2 . ASP A 62 ? 1.1344 1.4202 0.7169 0.2760  0.0810  0.1489  59 ASP A OD2 
477 N  N   . ALA A 63 ? 0.7545 0.9024 0.5521 0.1146  0.0816  0.1286  60 ALA A N   
478 C  CA  . ALA A 63 ? 0.7529 0.8806 0.5788 0.0903  0.1027  0.1679  60 ALA A CA  
479 C  C   . ALA A 63 ? 0.6945 0.8314 0.5668 0.0669  0.1020  0.1480  60 ALA A C   
480 O  O   . ALA A 63 ? 0.6421 0.7684 0.5302 0.0583  0.0829  0.1148  60 ALA A O   
481 C  CB  . ALA A 63 ? 0.7873 0.8592 0.6287 0.0706  0.0970  0.1872  60 ALA A CB  
482 N  N   . GLU A 64 ? 0.6690 0.8255 0.5648 0.0567  0.1241  0.1714  61 GLU A N   
483 C  CA  . GLU A 64 ? 0.7353 0.9071 0.6763 0.0404  0.1229  0.1557  61 GLU A CA  
484 C  C   . GLU A 64 ? 0.6519 0.7868 0.6347 0.0073  0.1100  0.1576  61 GLU A C   
485 O  O   . GLU A 64 ? 0.6898 0.7966 0.6807 -0.0084 0.1133  0.1798  61 GLU A O   
486 C  CB  . GLU A 64 ? 0.7566 0.9796 0.7090 0.0470  0.1517  0.1756  61 GLU A CB  
487 C  CG  . GLU A 64 ? 0.8686 1.1380 0.7866 0.0840  0.1562  0.1511  61 GLU A CG  
488 C  CD  . GLU A 64 ? 0.9368 1.2677 0.8669 0.0952  0.1855  0.1650  61 GLU A CD  
489 O  OE1 . GLU A 64 ? 0.9412 1.2824 0.9013 0.0738  0.2077  0.2020  61 GLU A OE1 
490 O  OE2 . GLU A 64 ? 1.0205 1.3925 0.9349 0.1247  0.1877  0.1365  61 GLU A OE2 
491 N  N   . LEU A 65 ? 0.5707 0.7041 0.5766 0.0004  0.0944  0.1325  62 LEU A N   
492 C  CA  . LEU A 65 ? 0.5500 0.6590 0.5863 -0.0234 0.0788  0.1280  62 LEU A CA  
493 C  C   . LEU A 65 ? 0.5720 0.7079 0.6431 -0.0256 0.0756  0.1185  62 LEU A C   
494 O  O   . LEU A 65 ? 0.5703 0.7179 0.6329 -0.0070 0.0747  0.1024  62 LEU A O   
495 C  CB  . LEU A 65 ? 0.5475 0.6251 0.5631 -0.0215 0.0587  0.1057  62 LEU A CB  
496 C  CG  . LEU A 65 ? 0.6123 0.6686 0.5948 -0.0133 0.0554  0.1066  62 LEU A CG  
497 C  CD1 . LEU A 65 ? 0.5869 0.6305 0.5578 -0.0108 0.0390  0.0787  62 LEU A CD1 
498 C  CD2 . LEU A 65 ? 0.6758 0.7041 0.6691 -0.0286 0.0560  0.1268  62 LEU A CD2 
499 N  N   . SER A 66 ? 0.5309 0.6741 0.6417 -0.0462 0.0711  0.1247  63 SER A N   
500 C  CA  . SER A 66 ? 0.4632 0.6345 0.6061 -0.0449 0.0619  0.1147  63 SER A CA  
501 C  C   . SER A 66 ? 0.4937 0.6358 0.6138 -0.0354 0.0427  0.0978  63 SER A C   
502 O  O   . SER A 66 ? 0.4681 0.5735 0.5637 -0.0418 0.0327  0.0922  63 SER A O   
503 C  CB  . SER A 66 ? 0.4607 0.6523 0.6538 -0.0704 0.0568  0.1190  63 SER A CB  
504 O  OG  . SER A 66 ? 0.4722 0.6977 0.6932 -0.0636 0.0421  0.1065  63 SER A OG  
505 N  N   . ILE A 67 ? 0.5421 0.7000 0.6703 -0.0180 0.0391  0.0906  64 ILE A N   
506 C  CA  . ILE A 67 ? 0.5511 0.6801 0.6630 -0.0093 0.0239  0.0822  64 ILE A CA  
507 C  C   . ILE A 67 ? 0.5692 0.6975 0.6886 -0.0235 0.0056  0.0831  64 ILE A C   
508 O  O   . ILE A 67 ? 0.5160 0.6159 0.6107 -0.0217 -0.0044 0.0805  64 ILE A O   
509 C  CB  . ILE A 67 ? 0.6104 0.7545 0.7340 0.0167  0.0243  0.0792  64 ILE A CB  
510 C  CG1 . ILE A 67 ? 0.7243 0.8211 0.8233 0.0283  0.0172  0.0759  64 ILE A CG1 
511 C  CG2 . ILE A 67 ? 0.6334 0.8265 0.7951 0.0199  0.0157  0.0838  64 ILE A CG2 
512 C  CD1 . ILE A 67 ? 0.7449 0.8100 0.8250 0.0335  0.0282  0.0621  64 ILE A CD1 
513 N  N   . ARG A 68 ? 0.5146 0.6775 0.6700 -0.0380 0.0025  0.0848  65 ARG A N   
514 C  CA  . ARG A 68 ? 0.5624 0.7303 0.7294 -0.0525 -0.0170 0.0766  65 ARG A CA  
515 C  C   . ARG A 68 ? 0.5318 0.6560 0.6680 -0.0642 -0.0212 0.0716  65 ARG A C   
516 O  O   . ARG A 68 ? 0.6305 0.7525 0.7594 -0.0673 -0.0383 0.0609  65 ARG A O   
517 C  CB  . ARG A 68 ? 0.4844 0.6912 0.7053 -0.0740 -0.0159 0.0745  65 ARG A CB  
518 C  CG  . ARG A 68 ? 0.5374 0.8054 0.8029 -0.0664 -0.0164 0.0732  65 ARG A CG  
519 C  CD  . ARG A 68 ? 0.5315 0.8316 0.8561 -0.0977 -0.0073 0.0728  65 ARG A CD  
520 N  NE  . ARG A 68 ? 0.5540 0.9252 0.9308 -0.0929 -0.0030 0.0708  65 ARG A NE  
521 C  CZ  . ARG A 68 ? 0.6458 1.0732 1.0621 -0.0887 -0.0262 0.0519  65 ARG A CZ  
522 N  NH1 . ARG A 68 ? 0.7211 1.1374 1.1217 -0.0875 -0.0553 0.0342  65 ARG A NH1 
523 N  NH2 . ARG A 68 ? 0.5711 1.0741 1.0418 -0.0823 -0.0210 0.0486  65 ARG A NH2 
524 N  N   . VAL A 69 ? 0.5408 0.6367 0.6569 -0.0663 -0.0068 0.0772  66 VAL A N   
525 C  CA  . VAL A 69 ? 0.5952 0.6569 0.6863 -0.0730 -0.0111 0.0710  66 VAL A CA  
526 C  C   . VAL A 69 ? 0.6979 0.7460 0.7573 -0.0627 -0.0194 0.0633  66 VAL A C   
527 O  O   . VAL A 69 ? 0.7734 0.8170 0.8230 -0.0665 -0.0319 0.0535  66 VAL A O   
528 C  CB  . VAL A 69 ? 0.5622 0.6052 0.6371 -0.0708 0.0040  0.0790  66 VAL A CB  
529 C  CG1 . VAL A 69 ? 0.6764 0.6889 0.7244 -0.0707 -0.0024 0.0699  66 VAL A CG1 
530 C  CG2 . VAL A 69 ? 0.6363 0.6888 0.7390 -0.0820 0.0172  0.0951  66 VAL A CG2 
531 N  N   . LEU A 70 ? 0.6182 0.6615 0.6650 -0.0498 -0.0116 0.0675  67 LEU A N   
532 C  CA  . LEU A 70 ? 0.5733 0.6008 0.5966 -0.0433 -0.0142 0.0672  67 LEU A CA  
533 C  C   . LEU A 70 ? 0.6090 0.6550 0.6333 -0.0355 -0.0277 0.0723  67 LEU A C   
534 O  O   . LEU A 70 ? 0.5919 0.6345 0.5934 -0.0341 -0.0340 0.0719  67 LEU A O   
535 C  CB  . LEU A 70 ? 0.6255 0.6349 0.6434 -0.0334 -0.0014 0.0694  67 LEU A CB  
536 C  CG  . LEU A 70 ? 0.6531 0.6344 0.6533 -0.0305 0.0040  0.0739  67 LEU A CG  
537 C  CD1 . LEU A 70 ? 0.7406 0.7000 0.7474 -0.0271 0.0168  0.0655  67 LEU A CD1 
538 C  CD2 . LEU A 70 ? 0.7732 0.7548 0.7691 -0.0155 -0.0013 0.0910  67 LEU A CD2 
539 N  N   . LEU A 71 ? 0.5720 0.6445 0.6206 -0.0263 -0.0317 0.0770  68 LEU A N   
540 C  CA  . LEU A 71 ? 0.6102 0.7047 0.6557 -0.0092 -0.0458 0.0830  68 LEU A CA  
541 C  C   . LEU A 71 ? 0.6221 0.7502 0.6762 -0.0164 -0.0665 0.0689  68 LEU A C   
542 O  O   . LEU A 71 ? 0.5989 0.7479 0.6373 0.0003  -0.0813 0.0709  68 LEU A O   
543 C  CB  . LEU A 71 ? 0.5991 0.7183 0.6703 0.0094  -0.0454 0.0895  68 LEU A CB  
544 C  CG  . LEU A 71 ? 0.6222 0.7047 0.6826 0.0242  -0.0285 0.0988  68 LEU A CG  
545 C  CD1 . LEU A 71 ? 0.6269 0.7414 0.7170 0.0466  -0.0290 0.1002  68 LEU A CD1 
546 C  CD2 . LEU A 71 ? 0.7106 0.7509 0.7344 0.0355  -0.0262 0.1137  68 LEU A CD2 
547 N  N   . GLU A 72 ? 0.5351 0.6660 0.6119 -0.0389 -0.0678 0.0542  69 GLU A N   
548 C  CA  . GLU A 72 ? 0.5851 0.7417 0.6765 -0.0486 -0.0889 0.0324  69 GLU A CA  
549 C  C   . GLU A 72 ? 0.5940 0.7234 0.6533 -0.0542 -0.0915 0.0204  69 GLU A C   
550 O  O   . GLU A 72 ? 0.6119 0.7610 0.6695 -0.0544 -0.1107 -0.0015 69 GLU A O   
551 C  CB  . GLU A 72 ? 0.5662 0.7425 0.7152 -0.0713 -0.0891 0.0219  69 GLU A CB  
552 C  CG  . GLU A 72 ? 0.5888 0.8158 0.7762 -0.0632 -0.0919 0.0261  69 GLU A CG  
553 C  CD  . GLU A 72 ? 0.6255 0.8795 0.8781 -0.0899 -0.0859 0.0191  69 GLU A CD  
554 O  OE1 . GLU A 72 ? 0.7087 0.9319 0.9742 -0.1147 -0.0797 0.0139  69 GLU A OE1 
555 O  OE2 . GLU A 72 ? 0.6725 0.9781 0.9646 -0.0845 -0.0854 0.0207  69 GLU A OE2 
556 N  N   . THR A 73 ? 0.5507 0.6415 0.5862 -0.0564 -0.0737 0.0301  70 THR A N   
557 C  CA  . THR A 73 ? 0.5846 0.6584 0.5919 -0.0579 -0.0748 0.0179  70 THR A CA  
558 C  C   . THR A 73 ? 0.6408 0.7143 0.6064 -0.0435 -0.0680 0.0301  70 THR A C   
559 O  O   . THR A 73 ? 0.6999 0.7858 0.6408 -0.0377 -0.0750 0.0196  70 THR A O   
560 C  CB  . THR A 73 ? 0.5435 0.5853 0.5526 -0.0672 -0.0617 0.0177  70 THR A CB  
561 O  OG1 . THR A 73 ? 0.5204 0.5494 0.5207 -0.0630 -0.0439 0.0348  70 THR A OG1 
562 C  CG2 . THR A 73 ? 0.5840 0.6180 0.6287 -0.0809 -0.0644 0.0125  70 THR A CG2 
563 N  N   . ARG A 74 ? 0.6360 0.6936 0.5964 -0.0383 -0.0524 0.0519  71 ARG A N   
564 C  CA  . ARG A 74 ? 0.6676 0.7156 0.5973 -0.0267 -0.0413 0.0717  71 ARG A CA  
565 C  C   . ARG A 74 ? 0.6584 0.6924 0.5656 -0.0343 -0.0256 0.0708  71 ARG A C   
566 O  O   . ARG A 74 ? 0.6749 0.6979 0.5609 -0.0293 -0.0114 0.0911  71 ARG A O   
567 C  CB  . ARG A 74 ? 0.7834 0.8610 0.6911 -0.0070 -0.0562 0.0792  71 ARG A CB  
568 C  CG  . ARG A 74 ? 0.8614 0.9712 0.7980 0.0009  -0.0763 0.0722  71 ARG A CG  
569 C  CD  . ARG A 74 ? 0.9170 1.0453 0.8333 0.0295  -0.0841 0.0925  71 ARG A CD  
570 N  NE  . ARG A 74 ? 1.0592 1.1655 0.9918 0.0391  -0.0729 0.1125  71 ARG A NE  
571 C  CZ  . ARG A 74 ? 1.2981 1.3716 1.2045 0.0581  -0.0594 0.1426  71 ARG A CZ  
572 N  NH1 . ARG A 74 ? 1.3445 1.4034 1.2051 0.0663  -0.0508 0.1627  71 ARG A NH1 
573 N  NH2 . ARG A 74 ? 1.3655 1.4185 1.2921 0.0696  -0.0522 0.1536  71 ARG A NH2 
574 N  N   . THR A 75 ? 0.5899 0.6262 0.5030 -0.0447 -0.0273 0.0494  72 THR A N   
575 C  CA  . THR A 75 ? 0.5814 0.6146 0.4834 -0.0515 -0.0118 0.0448  72 THR A CA  
576 C  C   . THR A 75 ? 0.5786 0.5989 0.5033 -0.0606 -0.0079 0.0312  72 THR A C   
577 O  O   . THR A 75 ? 0.5326 0.5464 0.4741 -0.0604 -0.0174 0.0262  72 THR A O   
578 C  CB  . THR A 75 ? 0.6077 0.6671 0.4882 -0.0462 -0.0180 0.0284  72 THR A CB  
579 O  OG1 . THR A 75 ? 0.5978 0.6588 0.4932 -0.0463 -0.0362 0.0024  72 THR A OG1 
580 C  CG2 . THR A 75 ? 0.6756 0.7573 0.5250 -0.0312 -0.0242 0.0406  72 THR A CG2 
581 N  N   . VAL A 76 ? 0.5406 0.5618 0.4669 -0.0677 0.0071  0.0263  73 VAL A N   
582 C  CA  . VAL A 76 ? 0.5530 0.5738 0.4964 -0.0706 0.0074  0.0096  73 VAL A CA  
583 C  C   . VAL A 76 ? 0.5774 0.6052 0.5176 -0.0621 -0.0078 -0.0071 73 VAL A C   
584 O  O   . VAL A 76 ? 0.5397 0.5567 0.4887 -0.0577 -0.0139 -0.0100 73 VAL A O   
585 C  CB  . VAL A 76 ? 0.5350 0.5693 0.4875 -0.0804 0.0235  -0.0003 73 VAL A CB  
586 C  CG1 . VAL A 76 ? 0.5449 0.5965 0.5095 -0.0757 0.0173  -0.0250 73 VAL A CG1 
587 C  CG2 . VAL A 76 ? 0.5837 0.5977 0.5502 -0.0920 0.0397  0.0118  73 VAL A CG2 
588 N  N   . ALA A 77 ? 0.5605 0.6050 0.4869 -0.0575 -0.0121 -0.0178 74 ALA A N   
589 C  CA  . ALA A 77 ? 0.5807 0.6229 0.5070 -0.0471 -0.0277 -0.0378 74 ALA A CA  
590 C  C   . ALA A 77 ? 0.5895 0.6070 0.5263 -0.0480 -0.0422 -0.0337 74 ALA A C   
591 O  O   . ALA A 77 ? 0.5667 0.5630 0.5130 -0.0436 -0.0490 -0.0391 74 ALA A O   
592 C  CB  . ALA A 77 ? 0.5892 0.6566 0.4986 -0.0392 -0.0305 -0.0553 74 ALA A CB  
593 N  N   . GLY A 78 ? 0.5443 0.5668 0.4810 -0.0529 -0.0457 -0.0232 75 GLY A N   
594 C  CA  . GLY A 78 ? 0.5521 0.5646 0.5092 -0.0580 -0.0579 -0.0214 75 GLY A CA  
595 C  C   . GLY A 78 ? 0.5551 0.5490 0.5306 -0.0634 -0.0493 -0.0046 75 GLY A C   
596 O  O   . GLY A 78 ? 0.5391 0.5146 0.5326 -0.0675 -0.0530 -0.0048 75 GLY A O   
597 N  N   . MSE A 79 ? 0.5431 0.5407 0.5134 -0.0624 -0.0359 0.0092  76 MSE A N   
598 C  CA  . MSE A 79 ? 0.5477 0.5368 0.5292 -0.0626 -0.0269 0.0218  76 MSE A CA  
599 C  C   . MSE A 79 ? 0.5755 0.5520 0.5519 -0.0562 -0.0255 0.0177  76 MSE A C   
600 O  O   . MSE A 79 ? 0.5372 0.5023 0.5215 -0.0551 -0.0217 0.0299  76 MSE A O   
601 C  CB  . MSE A 79 ? 0.5580 0.5523 0.5357 -0.0605 -0.0156 0.0289  76 MSE A CB  
602 C  CG  . MSE A 79 ? 0.5748 0.5683 0.5605 -0.0559 -0.0070 0.0358  76 MSE A CG  
603 SE SE  . MSE A 79 ? 0.5963 0.5882 0.5841 -0.0522 0.0045  0.0359  76 MSE A SE  
604 C  CE  . MSE A 79 ? 0.5335 0.5381 0.5301 -0.0413 0.0111  0.0414  76 MSE A CE  
605 N  N   . THR A 80 ? 0.4981 0.4800 0.4610 -0.0496 -0.0267 0.0026  77 THR A N   
606 C  CA  . THR A 80 ? 0.5358 0.5113 0.4910 -0.0360 -0.0287 -0.0039 77 THR A CA  
607 C  C   . THR A 80 ? 0.5564 0.5011 0.5172 -0.0333 -0.0362 0.0010  77 THR A C   
608 O  O   . THR A 80 ? 0.5546 0.4800 0.5120 -0.0239 -0.0327 0.0155  77 THR A O   
609 C  CB  . THR A 80 ? 0.5807 0.5782 0.5284 -0.0294 -0.0305 -0.0259 77 THR A CB  
610 O  OG1 . THR A 80 ? 0.5362 0.5565 0.4878 -0.0368 -0.0200 -0.0290 77 THR A OG1 
611 C  CG2 . THR A 80 ? 0.6184 0.6144 0.5586 -0.0084 -0.0364 -0.0346 77 THR A CG2 
612 N  N   . ASP A 81 ? 0.5776 0.5165 0.5464 -0.0406 -0.0460 -0.0112 78 ASP A N   
613 C  CA  . ASP A 81 ? 0.6718 0.5758 0.6548 -0.0421 -0.0544 -0.0142 78 ASP A CA  
614 C  C   . ASP A 81 ? 0.6725 0.5596 0.6785 -0.0566 -0.0467 0.0097  78 ASP A C   
615 O  O   . ASP A 81 ? 0.6615 0.5115 0.6757 -0.0551 -0.0433 0.0220  78 ASP A O   
616 C  CB  . ASP A 81 ? 0.7165 0.6261 0.7064 -0.0470 -0.0694 -0.0412 78 ASP A CB  
617 C  CG  . ASP A 81 ? 0.8088 0.7278 0.7786 -0.0279 -0.0759 -0.0672 78 ASP A CG  
618 O  OD1 . ASP A 81 ? 0.9095 0.8376 0.8647 -0.0130 -0.0694 -0.0656 78 ASP A OD1 
619 O  OD2 . ASP A 81 ? 0.7936 0.7185 0.7637 -0.0260 -0.0884 -0.0935 78 ASP A OD2 
620 N  N   A HIS A 82 ? 0.6484 0.5626 0.6658 -0.0688 -0.0421 0.0183  79 HIS A N   
621 N  N   B HIS A 82 ? 0.5965 0.5104 0.6141 -0.0690 -0.0425 0.0176  79 HIS A N   
622 C  CA  A HIS A 82 ? 0.7006 0.6145 0.7472 -0.0838 -0.0327 0.0387  79 HIS A CA  
623 C  CA  B HIS A 82 ? 0.6059 0.5155 0.6506 -0.0825 -0.0327 0.0386  79 HIS A CA  
624 C  C   A HIS A 82 ? 0.7216 0.6305 0.7545 -0.0739 -0.0142 0.0656  79 HIS A C   
625 C  C   B HIS A 82 ? 0.6408 0.5384 0.6676 -0.0699 -0.0169 0.0623  79 HIS A C   
626 O  O   A HIS A 82 ? 0.6836 0.5846 0.7357 -0.0829 -0.0008 0.0881  79 HIS A O   
627 O  O   B HIS A 82 ? 0.5946 0.4599 0.6298 -0.0717 -0.0092 0.0799  79 HIS A O   
628 C  CB  A HIS A 82 ? 0.7252 0.6785 0.7830 -0.0904 -0.0344 0.0375  79 HIS A CB  
629 C  CB  B HIS A 82 ? 0.5741 0.5215 0.6337 -0.0907 -0.0300 0.0436  79 HIS A CB  
630 C  CG  A HIS A 82 ? 0.7385 0.7075 0.8384 -0.1085 -0.0424 0.0317  79 HIS A CG  
631 C  CG  B HIS A 82 ? 0.5617 0.5146 0.6578 -0.1058 -0.0190 0.0616  79 HIS A CG  
632 N  ND1 A HIS A 82 ? 0.8318 0.7875 0.9549 -0.1202 -0.0576 0.0099  79 HIS A ND1 
633 N  ND1 B HIS A 82 ? 0.6075 0.5675 0.7477 -0.1263 -0.0276 0.0515  79 HIS A ND1 
634 C  CD2 A HIS A 82 ? 0.7707 0.7756 0.8965 -0.1148 -0.0403 0.0383  79 HIS A CD2 
635 C  CD2 B HIS A 82 ? 0.5999 0.5571 0.6979 -0.1040 0.0015  0.0875  79 HIS A CD2 
636 C  CE1 A HIS A 82 ? 0.7831 0.7687 0.9481 -0.1360 -0.0649 0.0025  79 HIS A CE1 
637 C  CE1 B HIS A 82 ? 0.6303 0.5991 0.8041 -0.1402 -0.0106 0.0723  79 HIS A CE1 
638 N  NE2 A HIS A 82 ? 0.7945 0.8131 0.9618 -0.1319 -0.0543 0.0210  79 HIS A NE2 
639 N  NE2 B HIS A 82 ? 0.6229 0.5888 0.7678 -0.1257 0.0086  0.0968  79 HIS A NE2 
640 N  N   . VAL A 83 ? 0.6498 0.5716 0.6510 -0.0559 -0.0120 0.0620  80 VAL A N   
641 C  CA  . VAL A 83 ? 0.6550 0.5788 0.6349 -0.0392 0.0006  0.0798  80 VAL A CA  
642 C  C   . VAL A 83 ? 0.7278 0.6170 0.6910 -0.0234 -0.0016 0.0872  80 VAL A C   
643 O  O   . VAL A 83 ? 0.8408 0.7133 0.7973 -0.0169 0.0110  0.1146  80 VAL A O   
644 C  CB  . VAL A 83 ? 0.6231 0.5785 0.5831 -0.0263 0.0007  0.0655  80 VAL A CB  
645 C  CG1 . VAL A 83 ? 0.6458 0.6111 0.5790 -0.0033 0.0078  0.0747  80 VAL A CG1 
646 C  CG2 . VAL A 83 ? 0.5995 0.5768 0.5745 -0.0370 0.0047  0.0625  80 VAL A CG2 
647 N  N   . HIS A 84 ? 0.8187 0.6986 0.7739 -0.0144 -0.0160 0.0648  81 HIS A N   
648 C  CA  . HIS A 84 ? 0.8940 0.7421 0.8309 0.0097  -0.0213 0.0676  81 HIS A CA  
649 C  C   . HIS A 84 ? 1.0235 0.8151 0.9759 0.0031  -0.0159 0.0902  81 HIS A C   
650 O  O   . HIS A 84 ? 0.9915 0.7471 0.9236 0.0277  -0.0137 0.1083  81 HIS A O   
651 C  CB  . HIS A 84 ? 1.0165 0.8756 0.9485 0.0209  -0.0381 0.0321  81 HIS A CB  
652 C  CG  . HIS A 84 ? 1.1787 1.0047 1.0978 0.0491  -0.0467 0.0295  81 HIS A CG  
653 N  ND1 . HIS A 84 ? 1.1840 1.0260 1.0756 0.0833  -0.0496 0.0320  81 HIS A ND1 
654 C  CD2 . HIS A 84 ? 1.2258 1.0055 1.1569 0.0517  -0.0555 0.0199  81 HIS A CD2 
655 C  CE1 . HIS A 84 ? 1.2026 1.0070 1.0880 0.1080  -0.0588 0.0290  81 HIS A CE1 
656 N  NE2 . HIS A 84 ? 1.2322 0.9942 1.1420 0.0886  -0.0618 0.0209  81 HIS A NE2 
657 N  N   . ALA A 85 ? 1.0726 0.8577 1.0628 -0.0287 -0.0142 0.0882  82 ALA A N   
658 C  CA  . ALA A 85 ? 1.2154 0.9523 1.2406 -0.0493 -0.0064 0.1054  82 ALA A CA  
659 C  C   . ALA A 85 ? 1.3309 1.0635 1.3540 -0.0516 0.0195  0.1503  82 ALA A C   
660 O  O   . ALA A 85 ? 1.6389 1.3189 1.6601 -0.0464 0.0325  0.1812  82 ALA A O   
661 C  CB  . ALA A 85 ? 1.0931 0.8465 1.1644 -0.0823 -0.0152 0.0821  82 ALA A CB  
662 N  N   . THR A 86 ? 1.2577 1.0433 1.2811 -0.0584 0.0287  0.1555  83 THR A N   
663 C  CA  . THR A 86 ? 1.2818 1.0817 1.2977 -0.0564 0.0554  0.1948  83 THR A CA  
664 C  C   . THR A 86 ? 1.3506 1.1289 1.3143 -0.0203 0.0654  0.2248  83 THR A C   
665 O  O   . THR A 86 ? 1.1987 0.9430 1.1585 -0.0185 0.0877  0.2675  83 THR A O   
666 C  CB  . THR A 86 ? 1.1614 1.0257 1.1727 -0.0551 0.0564  0.1821  83 THR A CB  
667 O  OG1 . THR A 86 ? 1.0083 0.8915 1.0673 -0.0841 0.0495  0.1640  83 THR A OG1 
668 C  CG2 . THR A 86 ? 1.2381 1.1307 1.2291 -0.0421 0.0819  0.2145  83 THR A CG2 
669 N  N   . LEU A 87 ? 1.3892 1.1889 1.3143 0.0094  0.0483  0.2021  84 LEU A N   
670 C  CA  . LEU A 87 ? 1.4959 1.2824 1.3715 0.0503  0.0478  0.2194  84 LEU A CA  
671 C  C   . LEU A 87 ? 1.5180 1.2288 1.3925 0.0617  0.0439  0.2349  84 LEU A C   
672 O  O   . LEU A 87 ? 1.6004 1.3003 1.4312 0.1021  0.0413  0.2505  84 LEU A O   
673 C  CB  . LEU A 87 ? 1.4660 1.3044 1.3128 0.0762  0.0271  0.1812  84 LEU A CB  
674 C  CG  . LEU A 87 ? 1.3481 1.2471 1.2044 0.0647  0.0213  0.1474  84 LEU A CG  
675 C  CD1 . LEU A 87 ? 1.2315 1.1670 1.0690 0.0880  0.0019  0.1108  84 LEU A CD1 
676 C  CD2 . LEU A 87 ? 1.2326 1.1666 1.0831 0.0626  0.0402  0.1643  84 LEU A CD2 
677 N  N   . THR A 88 ? 1.4854 1.1464 1.4068 0.0307  0.0419  0.2279  85 THR A N   
678 C  CA  . THR A 88 ? 1.6122 1.1935 1.5395 0.0409  0.0360  0.2338  85 THR A CA  
679 C  C   . THR A 88 ? 1.6586 1.1780 1.6414 0.0000  0.0530  0.2542  85 THR A C   
680 O  O   . THR A 88 ? 1.5973 1.1317 1.6028 -0.0273 0.0776  0.2830  85 THR A O   
681 C  CB  . THR A 88 ? 1.5608 1.1415 1.4937 0.0512  0.0050  0.1799  85 THR A CB  
682 O  OG1 . THR A 88 ? 1.3591 1.0078 1.2588 0.0769  -0.0096 0.1529  85 THR A OG1 
683 C  CG2 . THR A 88 ? 1.6465 1.1460 1.5745 0.0768  -0.0014 0.1867  85 THR A CG2 
# 
loop_
_pdbx_poly_seq_scheme.asym_id 
_pdbx_poly_seq_scheme.entity_id 
_pdbx_poly_seq_scheme.seq_id 
_pdbx_poly_seq_scheme.mon_id 
_pdbx_poly_seq_scheme.ndb_seq_num 
_pdbx_poly_seq_scheme.pdb_seq_num 
_pdbx_poly_seq_scheme.auth_seq_num 
_pdbx_poly_seq_scheme.pdb_mon_id 
_pdbx_poly_seq_scheme.auth_mon_id 
_pdbx_poly_seq_scheme.pdb_strand_id 
_pdbx_poly_seq_scheme.pdb_ins_code 
_pdbx_poly_seq_scheme.hetero 
A 1 1  SER 1  -2 ?  ?   ?   A . n 
A 1 2  ASN 2  -1 ?  ?   ?   A . n 
A 1 3  ALA 3  0  ?  ?   ?   A . n 
A 1 4  MSE 4  1  ?  ?   ?   A . n 
A 1 5  SER 5  2  ?  ?   ?   A . n 
A 1 6  ALA 6  3  3  ALA ALA A . n 
A 1 7  PRO 7  4  4  PRO PRO A . n 
A 1 8  ARG 8  5  5  ARG ARG A . n 
A 1 9  GLY 9  6  6  GLY GLY A . n 
A 1 10 GLU 10 7  7  GLU GLU A . n 
A 1 11 ARG 11 8  8  ARG ARG A . n 
A 1 12 THR 12 9  9  THR THR A . n 
A 1 13 ARG 13 10 10 ARG ARG A . n 
A 1 14 ARG 14 11 11 ARG ARG A . n 
A 1 15 ARG 15 12 12 ARG ARG A . n 
A 1 16 ALA 16 13 13 ALA ALA A . n 
A 1 17 LEU 17 14 14 LEU LEU A . n 
A 1 18 GLU 18 15 15 GLU GLU A . n 
A 1 19 ARG 19 16 16 ARG ARG A . n 
A 1 20 ASP 20 17 17 ASP ASP A . n 
A 1 21 ILE 21 18 18 ILE ILE A . n 
A 1 22 ALA 22 19 19 ALA ALA A . n 
A 1 23 ALA 23 20 20 ALA ALA A . n 
A 1 24 ILE 24 21 21 ILE ILE A . n 
A 1 25 TRP 25 22 22 TRP TRP A . n 
A 1 26 ALA 26 23 23 ALA ALA A . n 
A 1 27 GLU 27 24 24 GLU GLU A . n 
A 1 28 THR 28 25 25 THR THR A . n 
A 1 29 LEU 29 26 26 LEU LEU A . n 
A 1 30 GLY 30 27 27 GLY GLY A . n 
A 1 31 ARG 31 28 28 ARG ARG A . n 
A 1 32 ASP 32 29 29 ASP ASP A . n 
A 1 33 SER 33 30 30 SER SER A . n 
A 1 34 VAL 34 31 31 VAL VAL A . n 
A 1 35 GLY 35 32 32 GLY GLY A . n 
A 1 36 PRO 36 33 33 PRO PRO A . n 
A 1 37 HIS 37 34 34 HIS HIS A . n 
A 1 38 GLU 38 35 35 GLU GLU A . n 
A 1 39 ASP 39 36 36 ASP ASP A . n 
A 1 40 PHE 40 37 37 PHE PHE A . n 
A 1 41 ALA 41 38 38 ALA ALA A . n 
A 1 42 ALA 42 39 39 ALA ALA A . n 
A 1 43 LEU 43 40 40 LEU LEU A . n 
A 1 44 GLY 44 41 41 GLY GLY A . n 
A 1 45 GLY 45 42 42 GLY GLY A . n 
A 1 46 ASN 46 43 43 ASN ASN A . n 
A 1 47 SER 47 44 44 SER SER A . n 
A 1 48 ILE 48 45 45 ILE ILE A . n 
A 1 49 HIS 49 46 46 HIS HIS A . n 
A 1 50 ALA 50 47 47 ALA ALA A . n 
A 1 51 ILE 51 48 48 ILE ILE A . n 
A 1 52 MLY 52 49 49 MLY MLY A . n 
A 1 53 ILE 53 50 50 ILE ILE A . n 
A 1 54 THR 54 51 51 THR THR A . n 
A 1 55 ASN 55 52 52 ASN ASN A . n 
A 1 56 ARG 56 53 53 ARG ARG A . n 
A 1 57 VAL 57 54 54 VAL VAL A . n 
A 1 58 GLU 58 55 55 GLU GLU A . n 
A 1 59 GLU 59 56 56 GLU GLU A . n 
A 1 60 LEU 60 57 57 LEU LEU A . n 
A 1 61 VAL 61 58 58 VAL VAL A . n 
A 1 62 ASP 62 59 59 ASP ASP A . n 
A 1 63 ALA 63 60 60 ALA ALA A . n 
A 1 64 GLU 64 61 61 GLU GLU A . n 
A 1 65 LEU 65 62 62 LEU LEU A . n 
A 1 66 SER 66 63 63 SER SER A . n 
A 1 67 ILE 67 64 64 ILE ILE A . n 
A 1 68 ARG 68 65 65 ARG ARG A . n 
A 1 69 VAL 69 66 66 VAL VAL A . n 
A 1 70 LEU 70 67 67 LEU LEU A . n 
A 1 71 LEU 71 68 68 LEU LEU A . n 
A 1 72 GLU 72 69 69 GLU GLU A . n 
A 1 73 THR 73 70 70 THR THR A . n 
A 1 74 ARG 74 71 71 ARG ARG A . n 
A 1 75 THR 75 72 72 THR THR A . n 
A 1 76 VAL 76 73 73 VAL VAL A . n 
A 1 77 ALA 77 74 74 ALA ALA A . n 
A 1 78 GLY 78 75 75 GLY GLY A . n 
A 1 79 MSE 79 76 76 MSE MSE A . n 
A 1 80 THR 80 77 77 THR THR A . n 
A 1 81 ASP 81 78 78 ASP ASP A . n 
A 1 82 HIS 82 79 79 HIS HIS A . n 
A 1 83 VAL 83 80 80 VAL VAL A . n 
A 1 84 HIS 84 81 81 HIS HIS A . n 
A 1 85 ALA 85 82 82 ALA ALA A . n 
A 1 86 THR 86 83 83 THR THR A . n 
A 1 87 LEU 87 84 84 LEU LEU A . n 
A 1 88 THR 88 85 85 THR THR A . n 
A 1 89 GLY 89 86 ?  ?   ?   A . n 
A 1 90 GLU 90 87 ?  ?   ?   A . n 
A 1 91 ARG 91 88 ?  ?   ?   A . n 
A 1 92 ASP 92 89 ?  ?   ?   A . n 
A 1 93 ARG 93 90 ?  ?   ?   A . n 
# 
loop_
_pdbx_SG_project.id 
_pdbx_SG_project.project_name 
_pdbx_SG_project.full_name_of_center 
_pdbx_SG_project.initial_of_center 
1 PSI:Biology 'Enzyme Discovery for Natural Product Biosynthesis' NatPro 
2 PSI:Biology 'Midwest Center for Structural Genomics'            MCSG   
# 
loop_
_pdbx_nonpoly_scheme.asym_id 
_pdbx_nonpoly_scheme.entity_id 
_pdbx_nonpoly_scheme.mon_id 
_pdbx_nonpoly_scheme.ndb_seq_num 
_pdbx_nonpoly_scheme.pdb_seq_num 
_pdbx_nonpoly_scheme.auth_seq_num 
_pdbx_nonpoly_scheme.pdb_mon_id 
_pdbx_nonpoly_scheme.auth_mon_id 
_pdbx_nonpoly_scheme.pdb_strand_id 
_pdbx_nonpoly_scheme.pdb_ins_code 
B 2 EDO 1  101 103 EDO EDO A . 
C 3 PG0 1  102 105 PG0 PG0 A . 
D 4 HOH 1  201 1   HOH HOH A . 
D 4 HOH 2  202 2   HOH HOH A . 
D 4 HOH 3  203 3   HOH HOH A . 
D 4 HOH 4  204 4   HOH HOH A . 
D 4 HOH 5  205 5   HOH HOH A . 
D 4 HOH 6  206 6   HOH HOH A . 
D 4 HOH 7  207 7   HOH HOH A . 
D 4 HOH 8  208 8   HOH HOH A . 
D 4 HOH 9  209 9   HOH HOH A . 
D 4 HOH 10 210 10  HOH HOH A . 
D 4 HOH 11 211 11  HOH HOH A . 
D 4 HOH 12 212 12  HOH HOH A . 
D 4 HOH 13 213 13  HOH HOH A . 
D 4 HOH 14 214 14  HOH HOH A . 
D 4 HOH 15 215 15  HOH HOH A . 
D 4 HOH 16 216 16  HOH HOH A . 
D 4 HOH 17 217 17  HOH HOH A . 
D 4 HOH 18 218 18  HOH HOH A . 
D 4 HOH 19 219 19  HOH HOH A . 
D 4 HOH 20 220 20  HOH HOH A . 
D 4 HOH 21 221 21  HOH HOH A . 
D 4 HOH 22 222 22  HOH HOH A . 
D 4 HOH 23 223 23  HOH HOH A . 
D 4 HOH 24 224 24  HOH HOH A . 
D 4 HOH 25 225 25  HOH HOH A . 
D 4 HOH 26 226 26  HOH HOH A . 
D 4 HOH 27 227 27  HOH HOH A . 
D 4 HOH 28 228 28  HOH HOH A . 
D 4 HOH 29 229 29  HOH HOH A . 
D 4 HOH 30 230 30  HOH HOH A . 
D 4 HOH 31 231 31  HOH HOH A . 
# 
loop_
_pdbx_struct_mod_residue.id 
_pdbx_struct_mod_residue.label_asym_id 
_pdbx_struct_mod_residue.label_comp_id 
_pdbx_struct_mod_residue.label_seq_id 
_pdbx_struct_mod_residue.auth_asym_id 
_pdbx_struct_mod_residue.auth_comp_id 
_pdbx_struct_mod_residue.auth_seq_id 
_pdbx_struct_mod_residue.PDB_ins_code 
_pdbx_struct_mod_residue.parent_comp_id 
_pdbx_struct_mod_residue.details 
1 A MLY 52 A MLY 49 ? LYS N-DIMETHYL-LYSINE 
2 A MSE 79 A MSE 76 ? MET SELENOMETHIONINE  
# 
_pdbx_struct_assembly.id                   1 
_pdbx_struct_assembly.details              author_and_software_defined_assembly 
_pdbx_struct_assembly.method_details       PISA 
_pdbx_struct_assembly.oligomeric_details   monomeric 
_pdbx_struct_assembly.oligomeric_count     1 
# 
_pdbx_struct_assembly_gen.assembly_id       1 
_pdbx_struct_assembly_gen.oper_expression   1 
_pdbx_struct_assembly_gen.asym_id_list      A,B,C,D 
# 
_pdbx_struct_oper_list.id                   1 
_pdbx_struct_oper_list.type                 'identity operation' 
_pdbx_struct_oper_list.name                 1_555 
_pdbx_struct_oper_list.symmetry_operation   x,y,z 
_pdbx_struct_oper_list.matrix[1][1]         1.0000000000 
_pdbx_struct_oper_list.matrix[1][2]         0.0000000000 
_pdbx_struct_oper_list.matrix[1][3]         0.0000000000 
_pdbx_struct_oper_list.vector[1]            0.0000000000 
_pdbx_struct_oper_list.matrix[2][1]         0.0000000000 
_pdbx_struct_oper_list.matrix[2][2]         1.0000000000 
_pdbx_struct_oper_list.matrix[2][3]         0.0000000000 
_pdbx_struct_oper_list.vector[2]            0.0000000000 
_pdbx_struct_oper_list.matrix[3][1]         0.0000000000 
_pdbx_struct_oper_list.matrix[3][2]         0.0000000000 
_pdbx_struct_oper_list.matrix[3][3]         1.0000000000 
_pdbx_struct_oper_list.vector[3]            0.0000000000 
# 
loop_
_pdbx_audit_revision_history.ordinal 
_pdbx_audit_revision_history.data_content_type 
_pdbx_audit_revision_history.major_revision 
_pdbx_audit_revision_history.minor_revision 
_pdbx_audit_revision_history.revision_date 
1 'Structure model' 1 0 2014-01-29 
2 'Structure model' 1 1 2014-02-19 
3 'Structure model' 1 2 2014-03-19 
4 'Structure model' 1 3 2014-09-03 
5 'Structure model' 1 4 2017-11-15 
6 'Structure model' 1 5 2023-03-22 
# 
_pdbx_audit_revision_details.ordinal             1 
_pdbx_audit_revision_details.revision_ordinal    1 
_pdbx_audit_revision_details.data_content_type   'Structure model' 
_pdbx_audit_revision_details.provider            repository 
_pdbx_audit_revision_details.type                'Initial release' 
_pdbx_audit_revision_details.description         ? 
_pdbx_audit_revision_details.details             ? 
# 
loop_
_pdbx_audit_revision_group.ordinal 
_pdbx_audit_revision_group.revision_ordinal 
_pdbx_audit_revision_group.data_content_type 
_pdbx_audit_revision_group.group 
1 2 'Structure model' 'Structure summary'      
2 3 'Structure model' 'Database references'    
3 4 'Structure model' 'Database references'    
4 5 'Structure model' 'Refinement description' 
5 6 'Structure model' 'Database references'    
6 6 'Structure model' 'Derived calculations'   
7 6 'Structure model' 'Structure summary'      
# 
loop_
_pdbx_audit_revision_category.ordinal 
_pdbx_audit_revision_category.revision_ordinal 
_pdbx_audit_revision_category.data_content_type 
_pdbx_audit_revision_category.category 
1 5 'Structure model' software           
2 6 'Structure model' audit_author       
3 6 'Structure model' database_2         
4 6 'Structure model' struct_conn        
5 6 'Structure model' struct_ref_seq_dif 
6 6 'Structure model' struct_site        
# 
loop_
_pdbx_audit_revision_item.ordinal 
_pdbx_audit_revision_item.revision_ordinal 
_pdbx_audit_revision_item.data_content_type 
_pdbx_audit_revision_item.item 
1 6 'Structure model' '_audit_author.name'                  
2 6 'Structure model' '_database_2.pdbx_DOI'                
3 6 'Structure model' '_database_2.pdbx_database_accession' 
4 6 'Structure model' '_struct_conn.pdbx_leaving_atom_flag' 
5 6 'Structure model' '_struct_ref_seq_dif.details'         
6 6 'Structure model' '_struct_site.pdbx_auth_asym_id'      
7 6 'Structure model' '_struct_site.pdbx_auth_comp_id'      
8 6 'Structure model' '_struct_site.pdbx_auth_seq_id'       
# 
_diffrn_reflns.diffrn_id                   1 
_diffrn_reflns.pdbx_d_res_high             2.100 
_diffrn_reflns.pdbx_d_res_low              50.000 
_diffrn_reflns.pdbx_number_obs             8055 
_diffrn_reflns.pdbx_Rmerge_I_obs           0.070 
_diffrn_reflns.pdbx_Rsym_value             ? 
_diffrn_reflns.pdbx_chi_squared            1.77 
_diffrn_reflns.av_sigmaI_over_netI         ? 
_diffrn_reflns.pdbx_redundancy             7.10 
_diffrn_reflns.pdbx_percent_possible_obs   99.70 
_diffrn_reflns.number                      56933 
_diffrn_reflns.pdbx_observed_criterion     ? 
_diffrn_reflns.limit_h_max                 ? 
_diffrn_reflns.limit_h_min                 ? 
_diffrn_reflns.limit_k_max                 ? 
_diffrn_reflns.limit_k_min                 ? 
_diffrn_reflns.limit_l_max                 ? 
_diffrn_reflns.limit_l_min                 ? 
# 
loop_
_pdbx_diffrn_reflns_shell.diffrn_id 
_pdbx_diffrn_reflns_shell.d_res_high 
_pdbx_diffrn_reflns_shell.d_res_low 
_pdbx_diffrn_reflns_shell.number_obs 
_pdbx_diffrn_reflns_shell.rejects 
_pdbx_diffrn_reflns_shell.Rmerge_I_obs 
_pdbx_diffrn_reflns_shell.Rsym_value 
_pdbx_diffrn_reflns_shell.chi_squared 
_pdbx_diffrn_reflns_shell.redundancy 
_pdbx_diffrn_reflns_shell.percent_possible_obs 
1 5.70 50.00 ? ? 0.071 ? 6.347 5.80 96.40  
1 4.52 5.70  ? ? 0.062 ? 4.564 6.80 99.80  
1 3.95 4.52  ? ? 0.055 ? 3.033 6.80 99.50  
1 3.59 3.95  ? ? 0.059 ? 2.865 7.00 99.50  
1 3.33 3.59  ? ? 0.063 ? 2.654 7.20 100.00 
1 3.14 3.33  ? ? 0.074 ? 2.505 7.20 100.00 
1 2.98 3.14  ? ? 0.080 ? 2.055 7.20 100.00 
1 2.85 2.98  ? ? 0.093 ? 1.767 7.30 100.00 
1 2.74 2.85  ? ? 0.105 ? 1.416 7.30 100.00 
1 2.65 2.74  ? ? 0.108 ? 1.195 7.30 100.00 
1 2.56 2.65  ? ? 0.115 ? 1.051 7.30 100.00 
1 2.49 2.56  ? ? 0.127 ? 1.022 7.30 100.00 
1 2.42 2.49  ? ? 0.152 ? 0.892 7.30 100.00 
1 2.37 2.42  ? ? 0.158 ? 0.759 7.30 100.00 
1 2.31 2.37  ? ? 0.203 ? 0.714 7.30 100.00 
1 2.26 2.31  ? ? 0.264 ? 0.708 7.30 100.00 
1 2.22 2.26  ? ? 0.327 ? 0.631 7.30 100.00 
1 2.18 2.22  ? ? 0.298 ? 0.590 7.30 100.00 
1 2.14 2.18  ? ? 0.341 ? 0.681 6.70 100.00 
1 2.10 2.14  ? ? 0.429 ? 0.553 6.30 100.00 
# 
_pdbx_refine_tls.pdbx_refine_id   'X-RAY DIFFRACTION' 
_pdbx_refine_tls.id               1 
_pdbx_refine_tls.details          ? 
_pdbx_refine_tls.method           refined 
_pdbx_refine_tls.origin_x         0.5498 
_pdbx_refine_tls.origin_y         -0.3211 
_pdbx_refine_tls.origin_z         -0.1099 
_pdbx_refine_tls.T[1][1]          0.0728 
_pdbx_refine_tls.T[2][2]          0.0727 
_pdbx_refine_tls.T[3][3]          0.0480 
_pdbx_refine_tls.T[1][2]          -0.0567 
_pdbx_refine_tls.T[1][3]          0.0053 
_pdbx_refine_tls.T[2][3]          0.0062 
_pdbx_refine_tls.L[1][1]          8.2090 
_pdbx_refine_tls.L[2][2]          4.1644 
_pdbx_refine_tls.L[3][3]          6.2303 
_pdbx_refine_tls.L[1][2]          -2.7234 
_pdbx_refine_tls.L[1][3]          -0.5115 
_pdbx_refine_tls.L[2][3]          1.7415 
_pdbx_refine_tls.S[1][1]          -0.0128 
_pdbx_refine_tls.S[2][2]          -0.3581 
_pdbx_refine_tls.S[3][3]          0.3709 
_pdbx_refine_tls.S[1][2]          0.0500 
_pdbx_refine_tls.S[1][3]          -0.2649 
_pdbx_refine_tls.S[2][3]          -0.0368 
_pdbx_refine_tls.S[2][1]          0.0548 
_pdbx_refine_tls.S[3][1]          0.0928 
_pdbx_refine_tls.S[3][2]          -0.2117 
# 
_pdbx_refine_tls_group.pdbx_refine_id      'X-RAY DIFFRACTION' 
_pdbx_refine_tls_group.id                  1 
_pdbx_refine_tls_group.refine_tls_id       1 
_pdbx_refine_tls_group.beg_auth_asym_id    A 
_pdbx_refine_tls_group.beg_auth_seq_id     3 
_pdbx_refine_tls_group.end_auth_asym_id    A 
_pdbx_refine_tls_group.end_auth_seq_id     85 
_pdbx_refine_tls_group.selection_details   ? 
_pdbx_refine_tls_group.beg_label_asym_id   . 
_pdbx_refine_tls_group.beg_label_seq_id    . 
_pdbx_refine_tls_group.end_label_asym_id   . 
_pdbx_refine_tls_group.end_label_seq_id    . 
_pdbx_refine_tls_group.selection           ? 
# 
_pdbx_phasing_MAD_set.id                  1 
_pdbx_phasing_MAD_set.d_res_high          2.10 
_pdbx_phasing_MAD_set.d_res_low           50.00 
_pdbx_phasing_MAD_set.reflns_acentric     7089 
_pdbx_phasing_MAD_set.loc_acentric        0.100 
_pdbx_phasing_MAD_set.power_acentric      0.000 
_pdbx_phasing_MAD_set.R_cullis_acentric   1.540 
_pdbx_phasing_MAD_set.reflns_centric      952 
_pdbx_phasing_MAD_set.loc_centric         0.100 
_pdbx_phasing_MAD_set.power_centric       0.000 
_pdbx_phasing_MAD_set.R_cullis_centric    1.000 
# 
loop_
_pdbx_phasing_MAD_set_shell.id 
_pdbx_phasing_MAD_set_shell.d_res_high 
_pdbx_phasing_MAD_set_shell.d_res_low 
_pdbx_phasing_MAD_set_shell.reflns_acentric 
_pdbx_phasing_MAD_set_shell.loc_acentric 
_pdbx_phasing_MAD_set_shell.power_acentric 
_pdbx_phasing_MAD_set_shell.R_cullis_acentric 
_pdbx_phasing_MAD_set_shell.reflns_centric 
_pdbx_phasing_MAD_set_shell.loc_centric 
_pdbx_phasing_MAD_set_shell.power_centric 
_pdbx_phasing_MAD_set_shell.R_cullis_centric 
1 12.98 50.00 22   0.400 0.000 1.560 15  0.200 0.000 1.000 
1 7.46  12.98 107  0.300 0.000 1.050 49  0.200 0.000 1.000 
1 5.23  7.46  287  0.200 0.000 1.260 79  0.100 0.000 1.000 
1 4.03  5.23  530  0.200 0.000 1.160 101 0.100 0.000 1.000 
1 3.28  4.03  858  0.100 0.000 1.140 137 0.100 0.000 1.000 
1 2.76  3.28  1270 0.000 0.000 1.940 157 0.000 0.000 1.000 
1 2.39  2.76  1756 0.000 0.000 5.080 200 0.000 0.000 1.000 
1 2.10  2.39  2259 0.000 0.000 7.770 214 0.000 0.000 1.000 
# 
_pdbx_phasing_MAD_set_site.id                 1 
_pdbx_phasing_MAD_set_site.atom_type_symbol   Se 
_pdbx_phasing_MAD_set_site.fract_x            -0.340 
_pdbx_phasing_MAD_set_site.fract_y            -0.506 
_pdbx_phasing_MAD_set_site.fract_z            -0.007 
_pdbx_phasing_MAD_set_site.b_iso              63.7551 
_pdbx_phasing_MAD_set_site.occupancy_iso      0.000 
_pdbx_phasing_MAD_set_site.occupancy          5.185 
# 
loop_
_pdbx_phasing_MAD_shell.d_res_high 
_pdbx_phasing_MAD_shell.d_res_low 
_pdbx_phasing_MAD_shell.reflns 
_pdbx_phasing_MAD_shell.fom 
_pdbx_phasing_MAD_shell.reflns_centric 
_pdbx_phasing_MAD_shell.fom_centric 
_pdbx_phasing_MAD_shell.reflns_acentric 
_pdbx_phasing_MAD_shell.fom_acentric 
12.98 50.00 37   0.226 15  0.000 22   0.381 
7.46  12.98 156  0.313 49  0.000 107  0.457 
5.23  7.46  366  0.408 79  0.000 287  0.520 
4.03  5.23  631  0.403 101 0.000 530  0.479 
3.28  4.03  995  0.412 137 0.000 858  0.478 
2.76  3.28  1427 0.398 157 0.000 1270 0.447 
2.39  2.76  1956 0.255 200 0.000 1756 0.284 
2.10  2.39  2473 0.106 214 0.000 2259 0.116 
# 
_pdbx_phasing_dm.entry_id   4NEO 
_pdbx_phasing_dm.method     'Solvent flattening  and Histogram matching' 
_pdbx_phasing_dm.reflns     8041 
# 
loop_
_pdbx_phasing_dm_shell.d_res_high 
_pdbx_phasing_dm_shell.d_res_low 
_pdbx_phasing_dm_shell.delta_phi_final 
_pdbx_phasing_dm_shell.delta_phi_initial 
_pdbx_phasing_dm_shell.fom_acentric 
_pdbx_phasing_dm_shell.fom_centric 
_pdbx_phasing_dm_shell.fom 
_pdbx_phasing_dm_shell.reflns_acentric 
_pdbx_phasing_dm_shell.reflns_centric 
_pdbx_phasing_dm_shell.reflns 
5.420 100.000 64.400 ? ? ? 0.826 ? ? 501 
4.270 5.420   63.400 ? ? ? 0.914 ? ? 504 
3.720 4.270   59.300 ? ? ? 0.925 ? ? 505 
3.370 3.720   58.800 ? ? ? 0.914 ? ? 503 
3.120 3.370   57.700 ? ? ? 0.920 ? ? 514 
2.930 3.120   55.200 ? ? ? 0.906 ? ? 503 
2.790 2.930   62.500 ? ? ? 0.879 ? ? 505 
2.660 2.790   64.200 ? ? ? 0.880 ? ? 501 
2.560 2.660   60.600 ? ? ? 0.886 ? ? 505 
2.470 2.560   65.600 ? ? ? 0.899 ? ? 502 
2.390 2.470   64.100 ? ? ? 0.890 ? ? 502 
2.320 2.390   68.200 ? ? ? 0.885 ? ? 502 
2.260 2.320   73.500 ? ? ? 0.862 ? ? 506 
2.200 2.260   75.200 ? ? ? 0.874 ? ? 501 
2.100 2.200   81.200 ? ? ? 0.850 ? ? 987 
# 
_phasing.method   SAD 
# 
_phasing_MAD.entry_id               4NEO 
_phasing_MAD.pdbx_d_res_high        2.10 
_phasing_MAD.pdbx_d_res_low         50.00 
_phasing_MAD.pdbx_reflns            8041 
_phasing_MAD.pdbx_fom               0.273 
_phasing_MAD.pdbx_reflns_centric    952 
_phasing_MAD.pdbx_fom_centric       0.000 
_phasing_MAD.pdbx_reflns_acentric   7089 
_phasing_MAD.pdbx_fom_acentric      0.310 
# 
loop_
_software.pdbx_ordinal 
_software.name 
_software.version 
_software.date 
_software.type 
_software.contact_author 
_software.contact_author_email 
_software.classification 
_software.location 
_software.language 
_software.citation_id 
1  DENZO       .      ?                package 'Zbyszek Otwinowski' hkl@hkl-xray.com         'data reduction'  
http://www.hkl-xray.com/                     ?          ? 
2  SCALEPACK   .      ?                package 'Zbyszek Otwinowski' hkl@hkl-xray.com         'data scaling'    
http://www.hkl-xray.com/                     ?          ? 
3  MLPHARE     .      ?                other   'Eleanor J. Dodson'  ccp4@ccp4.ac.uk          phasing           
http://www.ccp4.ac.uk/dist/html/mlphare.html Fortran_77 ? 
4  DM          6.1    ?                program 'Kevin Cowtan'       kowtan@ysbl.york.ac.uk   phasing           
http://www.ccp4.ac.uk/dist/html/dm.html      Fortran_77 ? 
5  REFMAC      .      ?                program 'Garib N. Murshudov' garib@ysbl.york.ac.uk    refinement        
http://www.ccp4.ac.uk/dist/html/refmac5.html Fortran_77 ? 
6  PDB_EXTRACT 3.11   'April 22, 2011' package PDB                  deposit@deposit.rcsb.org 'data extraction' 
http://sw-tools.pdb.org/apps/PDB_EXTRACT/    C++        ? 
7  SBC-Collect .      ?                ?       ?                    ?                        'data collection' ? ?          ? 
8  HKL-3000    .      ?                ?       ?                    ?                        'data reduction'  ? ?          ? 
9  HKL-3000    .      ?                ?       ?                    ?                        'data scaling'    ? ?          ? 
10 HKL-3000    SHELXD ?                ?       ?                    ?                        phasing           ? ?          ? 
11 SHELXE      .      ?                ?       ?                    ?                        'model building'  ? ?          ? 
12 SOLVE       .      ?                ?       ?                    ?                        phasing           ? ?          ? 
13 RESOLVE     .      ?                ?       ?                    ?                        phasing           ? ?          ? 
14 ARP/wARP    .      ?                ?       ?                    ?                        'model building'  ? ?          ? 
15 CCP4        .      ?                ?       ?                    ?                        phasing           ? ?          ? 
16 O           .      ?                ?       ?                    ?                        'model building'  ? ?          ? 
17 Coot        .      ?                ?       ?                    ?                        'model building'  ? ?          ? 
# 
_pdbx_validate_close_contact.id               1 
_pdbx_validate_close_contact.PDB_model_num    1 
_pdbx_validate_close_contact.auth_atom_id_1   NH1 
_pdbx_validate_close_contact.auth_asym_id_1   A 
_pdbx_validate_close_contact.auth_comp_id_1   ARG 
_pdbx_validate_close_contact.auth_seq_id_1    16 
_pdbx_validate_close_contact.PDB_ins_code_1   ? 
_pdbx_validate_close_contact.label_alt_id_1   A 
_pdbx_validate_close_contact.auth_atom_id_2   O 
_pdbx_validate_close_contact.auth_asym_id_2   A 
_pdbx_validate_close_contact.auth_comp_id_2   HOH 
_pdbx_validate_close_contact.auth_seq_id_2    209 
_pdbx_validate_close_contact.PDB_ins_code_2   ? 
_pdbx_validate_close_contact.label_alt_id_2   ? 
_pdbx_validate_close_contact.dist             2.11 
# 
loop_
_pdbx_validate_rmsd_angle.id 
_pdbx_validate_rmsd_angle.PDB_model_num 
_pdbx_validate_rmsd_angle.auth_atom_id_1 
_pdbx_validate_rmsd_angle.auth_asym_id_1 
_pdbx_validate_rmsd_angle.auth_comp_id_1 
_pdbx_validate_rmsd_angle.auth_seq_id_1 
_pdbx_validate_rmsd_angle.PDB_ins_code_1 
_pdbx_validate_rmsd_angle.label_alt_id_1 
_pdbx_validate_rmsd_angle.auth_atom_id_2 
_pdbx_validate_rmsd_angle.auth_asym_id_2 
_pdbx_validate_rmsd_angle.auth_comp_id_2 
_pdbx_validate_rmsd_angle.auth_seq_id_2 
_pdbx_validate_rmsd_angle.PDB_ins_code_2 
_pdbx_validate_rmsd_angle.label_alt_id_2 
_pdbx_validate_rmsd_angle.auth_atom_id_3 
_pdbx_validate_rmsd_angle.auth_asym_id_3 
_pdbx_validate_rmsd_angle.auth_comp_id_3 
_pdbx_validate_rmsd_angle.auth_seq_id_3 
_pdbx_validate_rmsd_angle.PDB_ins_code_3 
_pdbx_validate_rmsd_angle.label_alt_id_3 
_pdbx_validate_rmsd_angle.angle_value 
_pdbx_validate_rmsd_angle.angle_target_value 
_pdbx_validate_rmsd_angle.angle_deviation 
_pdbx_validate_rmsd_angle.angle_standard_deviation 
_pdbx_validate_rmsd_angle.linker_flag 
1 1 NE A ARG 11 ? A CZ A ARG 11 ? A NH1 A ARG 11 ? A 124.71 120.30 4.41  0.50 N 
2 1 NE A ARG 11 ? A CZ A ARG 11 ? A NH2 A ARG 11 ? A 116.21 120.30 -4.09 0.50 N 
# 
loop_
_pdbx_validate_torsion.id 
_pdbx_validate_torsion.PDB_model_num 
_pdbx_validate_torsion.auth_comp_id 
_pdbx_validate_torsion.auth_asym_id 
_pdbx_validate_torsion.auth_seq_id 
_pdbx_validate_torsion.PDB_ins_code 
_pdbx_validate_torsion.label_alt_id 
_pdbx_validate_torsion.phi 
_pdbx_validate_torsion.psi 
1 1 ARG A 71 ? ? 69.86  -3.86 
2 1 LEU A 84 ? ? -63.23 2.29  
# 
loop_
_pdbx_unobs_or_zero_occ_atoms.id 
_pdbx_unobs_or_zero_occ_atoms.PDB_model_num 
_pdbx_unobs_or_zero_occ_atoms.polymer_flag 
_pdbx_unobs_or_zero_occ_atoms.occupancy_flag 
_pdbx_unobs_or_zero_occ_atoms.auth_asym_id 
_pdbx_unobs_or_zero_occ_atoms.auth_comp_id 
_pdbx_unobs_or_zero_occ_atoms.auth_seq_id 
_pdbx_unobs_or_zero_occ_atoms.PDB_ins_code 
_pdbx_unobs_or_zero_occ_atoms.auth_atom_id 
_pdbx_unobs_or_zero_occ_atoms.label_alt_id 
_pdbx_unobs_or_zero_occ_atoms.label_asym_id 
_pdbx_unobs_or_zero_occ_atoms.label_comp_id 
_pdbx_unobs_or_zero_occ_atoms.label_seq_id 
_pdbx_unobs_or_zero_occ_atoms.label_atom_id 
1 1 Y 1 A ARG 5 ? CG  ? A ARG 8 CG  
2 1 Y 1 A ARG 5 ? CD  ? A ARG 8 CD  
3 1 Y 1 A ARG 5 ? NE  ? A ARG 8 NE  
4 1 Y 1 A ARG 5 ? CZ  ? A ARG 8 CZ  
5 1 Y 1 A ARG 5 ? NH1 ? A ARG 8 NH1 
6 1 Y 1 A ARG 5 ? NH2 ? A ARG 8 NH2 
# 
loop_
_pdbx_unobs_or_zero_occ_residues.id 
_pdbx_unobs_or_zero_occ_residues.PDB_model_num 
_pdbx_unobs_or_zero_occ_residues.polymer_flag 
_pdbx_unobs_or_zero_occ_residues.occupancy_flag 
_pdbx_unobs_or_zero_occ_residues.auth_asym_id 
_pdbx_unobs_or_zero_occ_residues.auth_comp_id 
_pdbx_unobs_or_zero_occ_residues.auth_seq_id 
_pdbx_unobs_or_zero_occ_residues.PDB_ins_code 
_pdbx_unobs_or_zero_occ_residues.label_asym_id 
_pdbx_unobs_or_zero_occ_residues.label_comp_id 
_pdbx_unobs_or_zero_occ_residues.label_seq_id 
1  1 Y 1 A SER -2 ? A SER 1  
2  1 Y 1 A ASN -1 ? A ASN 2  
3  1 Y 1 A ALA 0  ? A ALA 3  
4  1 Y 1 A MSE 1  ? A MSE 4  
5  1 Y 1 A SER 2  ? A SER 5  
6  1 Y 1 A GLY 86 ? A GLY 89 
7  1 Y 1 A GLU 87 ? A GLU 90 
8  1 Y 1 A ARG 88 ? A ARG 91 
9  1 Y 1 A ASP 89 ? A ASP 92 
10 1 Y 1 A ARG 90 ? A ARG 93 
# 
loop_
_pdbx_entity_nonpoly.entity_id 
_pdbx_entity_nonpoly.name 
_pdbx_entity_nonpoly.comp_id 
2 1,2-ETHANEDIOL               EDO 
3 '2-(2-METHOXYETHOXY)ETHANOL' PG0 
4 water                        HOH 
# 
